data_3VKJ
#
_entry.id   3VKJ
#
_cell.length_a   100.841
_cell.length_b   100.841
_cell.length_c   336.651
_cell.angle_alpha   90.00
_cell.angle_beta   90.00
_cell.angle_gamma   90.00
#
_symmetry.space_group_name_H-M   'P 43 21 2'
#
loop_
_entity.id
_entity.type
_entity.pdbx_description
1 polymer 'Isopentenyl-diphosphate delta-isomerase'
2 non-polymer 1-DEOXY-1-(7,8-DIMETHYL-2,4-DIOXO-3,4-DIHYDRO-2H-BENZO[G]PTERIDIN-1-ID-10(5H)-YL)-5-O-PHOSPHONATO-D-RIBITOL
3 water water
#
_entity_poly.entity_id   1
_entity_poly.type   'polypeptide(L)'
_entity_poly.pdbx_seq_one_letter_code
;MPDIVNRKVEHVEIAAFENVDGLSSSTFLNDVILVHQGFPGISFSEINTKTKFFRKEISVPVMVTGMTGGRNELGRINKI
IAEVAEKFGIPMGVGSQRVAIEKAEARESFAIVRKVAPTIPIIANLGMPQLVKGYGLKEFQDAIQMIEADAIAVHLNPAQ
EVFQPEGEPEYQIYALEKLRDISKELSVPIIVKESGNGISMETAKLLYSYGIKNFDTSGQGGTNWIAIEMIRDIRRGNWK
AESAKNFLDWGVPTAASIMEVRYSVPDSFLVGSGGIRSGLDAAKAIALGADIAGMALPVLKSAIEGKESLEQFFRKIIFE
LKAAMMLTGSKDVDALKKTSIVILGKLKEWAEYRGINLSIYEKVRKRE
;
_entity_poly.pdbx_strand_id   A,B,C,D
#
# COMPACT_ATOMS: atom_id res chain seq x y z
N ILE A 4 19.73 32.32 27.97
CA ILE A 4 18.44 32.60 27.16
C ILE A 4 18.38 34.02 26.53
N VAL A 5 19.52 34.70 26.48
CA VAL A 5 19.60 36.03 25.92
C VAL A 5 20.43 36.00 24.65
N ASN A 6 21.55 35.29 24.68
CA ASN A 6 22.49 35.26 23.56
C ASN A 6 22.08 34.16 22.60
N ARG A 7 22.23 34.43 21.30
CA ARG A 7 21.94 33.40 20.28
C ARG A 7 22.86 32.23 20.41
N LYS A 8 22.34 31.02 20.06
CA LYS A 8 23.19 29.83 20.05
C LYS A 8 23.82 29.80 18.66
N VAL A 9 24.83 28.95 18.48
CA VAL A 9 25.23 28.63 17.10
C VAL A 9 24.04 28.15 16.28
N GLU A 10 24.07 28.56 15.01
CA GLU A 10 22.93 28.50 14.12
C GLU A 10 22.45 27.03 13.99
N HIS A 11 23.35 26.05 13.90
CA HIS A 11 22.85 24.71 13.64
C HIS A 11 22.19 24.15 14.88
N VAL A 12 22.65 24.54 16.07
CA VAL A 12 22.05 24.09 17.29
C VAL A 12 20.63 24.77 17.47
N GLU A 13 20.56 26.08 17.23
CA GLU A 13 19.28 26.83 17.25
C GLU A 13 18.21 26.13 16.36
N ILE A 14 18.64 25.78 15.15
CA ILE A 14 17.70 25.18 14.23
C ILE A 14 17.31 23.77 14.68
N ALA A 15 18.31 22.96 15.03
CA ALA A 15 17.98 21.56 15.40
C ALA A 15 17.08 21.51 16.65
N ALA A 16 17.36 22.39 17.62
CA ALA A 16 16.58 22.32 18.87
C ALA A 16 15.17 22.92 18.75
N PHE A 17 15.03 23.92 17.89
CA PHE A 17 13.78 24.69 17.92
C PHE A 17 13.03 24.79 16.61
N GLU A 18 13.54 24.30 15.48
CA GLU A 18 12.75 24.27 14.25
C GLU A 18 12.23 22.83 13.98
N ASN A 19 11.33 22.67 12.99
CA ASN A 19 10.77 21.39 12.70
C ASN A 19 11.62 20.65 11.70
N VAL A 20 12.63 19.93 12.24
CA VAL A 20 13.61 19.26 11.38
C VAL A 20 13.76 17.77 11.74
N ASP A 21 13.06 17.35 12.79
CA ASP A 21 13.24 15.93 13.27
C ASP A 21 12.28 15.05 12.40
N GLY A 22 12.86 14.24 11.50
CA GLY A 22 12.03 13.41 10.61
C GLY A 22 11.24 14.13 9.53
N LEU A 23 11.63 15.36 9.24
CA LEU A 23 10.94 16.18 8.23
C LEU A 23 11.01 15.59 6.89
N SER A 24 9.86 15.09 6.45
CA SER A 24 9.77 14.51 5.11
C SER A 24 10.63 13.23 4.91
N SER A 25 10.98 12.61 6.02
CA SER A 25 11.93 11.47 5.90
C SER A 25 11.40 10.33 6.78
N SER A 26 12.09 9.18 6.77
CA SER A 26 11.56 8.00 7.45
C SER A 26 12.67 7.05 7.82
N THR A 27 12.59 6.53 9.05
CA THR A 27 13.59 5.50 9.49
C THR A 27 13.28 4.14 8.85
N PHE A 28 12.04 3.92 8.39
CA PHE A 28 11.53 2.60 8.06
C PHE A 28 11.36 1.66 9.28
N LEU A 29 11.48 2.17 10.50
CA LEU A 29 11.31 1.31 11.70
C LEU A 29 9.88 0.91 11.84
N ASN A 30 8.95 1.65 11.24
CA ASN A 30 7.56 1.21 11.33
C ASN A 30 7.33 -0.08 10.57
N ASP A 31 8.22 -0.48 9.65
CA ASP A 31 8.07 -1.75 8.93
C ASP A 31 8.67 -2.93 9.67
N VAL A 32 9.20 -2.70 10.87
CA VAL A 32 9.78 -3.76 11.67
C VAL A 32 8.90 -3.99 12.87
N ILE A 33 8.50 -5.24 13.08
CA ILE A 33 7.66 -5.56 14.26
C ILE A 33 8.45 -6.59 15.10
N LEU A 34 8.51 -6.38 16.44
CA LEU A 34 9.14 -7.36 17.33
C LEU A 34 7.93 -8.28 17.73
N VAL A 35 8.11 -9.59 17.57
CA VAL A 35 6.99 -10.53 17.82
C VAL A 35 6.78 -10.70 19.32
N HIS A 36 5.55 -10.40 19.72
CA HIS A 36 5.21 -10.47 21.14
C HIS A 36 5.21 -11.95 21.65
N GLN A 37 5.76 -12.19 22.83
CA GLN A 37 5.80 -13.52 23.43
C GLN A 37 4.98 -13.46 24.70
N GLY A 38 3.75 -13.99 24.66
CA GLY A 38 2.83 -13.90 25.79
C GLY A 38 3.28 -14.71 27.01
N PHE A 39 4.16 -15.70 26.77
CA PHE A 39 4.93 -16.30 27.92
C PHE A 39 6.37 -16.00 27.80
N PRO A 40 6.84 -14.94 28.51
CA PRO A 40 8.21 -14.54 28.21
C PRO A 40 9.27 -15.48 28.74
N GLY A 41 8.98 -16.27 29.79
CA GLY A 41 10.03 -17.19 30.32
C GLY A 41 11.01 -16.54 31.29
N ILE A 42 10.74 -15.30 31.64
CA ILE A 42 11.58 -14.50 32.53
C ILE A 42 10.75 -13.60 33.41
N SER A 43 11.39 -13.03 34.43
CA SER A 43 10.87 -12.02 35.29
C SER A 43 11.42 -10.66 34.83
N PHE A 44 10.67 -9.58 34.96
CA PHE A 44 11.15 -8.25 34.60
C PHE A 44 12.46 -7.92 35.34
N SER A 45 12.52 -8.38 36.61
CA SER A 45 13.66 -8.00 37.41
C SER A 45 14.96 -8.75 37.02
N GLU A 46 14.88 -9.81 36.23
CA GLU A 46 16.02 -10.51 35.79
C GLU A 46 16.63 -9.96 34.51
N ILE A 47 15.98 -8.98 33.88
CA ILE A 47 16.47 -8.56 32.52
C ILE A 47 17.80 -7.85 32.81
N ASN A 48 18.80 -8.19 32.01
CA ASN A 48 20.15 -7.61 32.14
C ASN A 48 20.40 -6.84 30.86
N THR A 49 20.58 -5.55 31.00
CA THR A 49 20.83 -4.68 29.81
C THR A 49 22.29 -4.37 29.62
N LYS A 50 23.16 -4.97 30.43
CA LYS A 50 24.61 -4.65 30.22
C LYS A 50 25.18 -5.17 28.88
N THR A 51 26.18 -4.43 28.31
CA THR A 51 26.80 -4.97 27.12
C THR A 51 28.21 -4.36 26.96
N LYS A 52 28.96 -4.91 26.03
CA LYS A 52 30.34 -4.42 25.83
C LYS A 52 30.39 -3.22 24.86
N PHE A 53 31.33 -2.29 25.12
CA PHE A 53 31.62 -1.20 24.23
C PHE A 53 33.15 -1.12 24.19
N PHE A 54 33.74 -1.82 23.20
CA PHE A 54 35.22 -1.98 23.19
C PHE A 54 35.67 -2.61 24.50
N ARG A 55 36.66 -2.04 25.15
CA ARG A 55 37.15 -2.68 26.36
C ARG A 55 36.38 -2.37 27.66
N LYS A 56 35.24 -1.66 27.59
CA LYS A 56 34.47 -1.31 28.77
C LYS A 56 33.11 -2.00 28.76
N GLU A 57 32.55 -2.19 29.93
CA GLU A 57 31.12 -2.59 29.97
C GLU A 57 30.30 -1.37 30.18
N ILE A 58 29.10 -1.33 29.54
CA ILE A 58 28.19 -0.24 29.74
C ILE A 58 26.87 -0.80 30.25
N SER A 59 26.02 0.06 30.79
CA SER A 59 24.88 -0.40 31.56
C SER A 59 23.69 -0.74 30.71
N VAL A 60 23.65 -0.11 29.51
CA VAL A 60 22.47 -0.20 28.67
C VAL A 60 23.04 -0.14 27.25
N PRO A 61 22.46 -0.81 26.25
CA PRO A 61 23.02 -0.82 24.89
C PRO A 61 22.59 0.43 24.06
N VAL A 62 22.84 1.59 24.64
CA VAL A 62 22.53 2.85 24.00
C VAL A 62 23.71 3.78 24.15
N MET A 63 23.89 4.67 23.20
CA MET A 63 24.93 5.72 23.36
C MET A 63 24.33 7.10 22.96
N VAL A 64 24.93 8.16 23.52
CA VAL A 64 24.64 9.48 22.99
C VAL A 64 25.68 9.79 21.90
N THR A 65 25.26 10.08 20.67
CA THR A 65 26.30 10.30 19.62
C THR A 65 26.65 11.76 19.60
N GLY A 66 27.70 12.07 18.87
CA GLY A 66 28.37 13.35 18.94
C GLY A 66 27.48 14.50 18.44
N MET A 67 27.54 15.61 19.19
CA MET A 67 26.81 16.83 18.76
C MET A 67 27.60 18.12 18.83
N THR A 68 28.18 18.38 20.00
CA THR A 68 28.63 19.75 20.15
C THR A 68 29.85 19.95 20.99
N GLY A 69 30.13 21.22 21.30
CA GLY A 69 31.42 21.59 21.91
C GLY A 69 32.04 22.70 21.10
N GLY A 70 32.86 23.52 21.80
CA GLY A 70 33.71 24.54 21.11
C GLY A 70 33.48 26.01 21.52
N ARG A 71 32.46 26.22 22.35
CA ARG A 71 32.03 27.54 22.86
C ARG A 71 31.57 27.29 24.30
N ASN A 72 31.68 28.28 25.18
CA ASN A 72 31.20 28.07 26.59
C ASN A 72 29.79 27.49 26.78
N GLU A 73 28.83 28.01 26.03
CA GLU A 73 27.43 27.56 26.19
C GLU A 73 27.29 26.11 25.73
N LEU A 74 28.11 25.74 24.75
CA LEU A 74 28.19 24.33 24.24
C LEU A 74 28.87 23.41 25.24
N GLY A 75 29.87 23.92 25.97
CA GLY A 75 30.47 23.21 27.05
C GLY A 75 29.48 22.92 28.18
N ARG A 76 28.57 23.83 28.46
CA ARG A 76 27.63 23.61 29.51
C ARG A 76 26.61 22.50 29.14
N ILE A 77 26.26 22.41 27.86
CA ILE A 77 25.37 21.34 27.38
C ILE A 77 26.15 20.04 27.44
N ASN A 78 27.40 20.04 26.95
CA ASN A 78 28.24 18.82 27.11
C ASN A 78 28.36 18.33 28.54
N LYS A 79 28.48 19.27 29.47
CA LYS A 79 28.68 18.84 30.86
C LYS A 79 27.43 18.17 31.40
N ILE A 80 26.28 18.73 31.09
CA ILE A 80 25.00 18.15 31.54
C ILE A 80 24.84 16.74 30.96
N ILE A 81 25.09 16.65 29.64
CA ILE A 81 24.94 15.32 28.98
C ILE A 81 25.98 14.33 29.59
N ALA A 82 27.20 14.75 29.80
CA ALA A 82 28.21 13.80 30.34
C ALA A 82 27.91 13.39 31.77
N GLU A 83 27.42 14.33 32.59
CA GLU A 83 27.15 13.86 33.97
C GLU A 83 26.05 12.87 34.01
N VAL A 84 25.05 13.06 33.13
CA VAL A 84 23.92 12.11 33.10
C VAL A 84 24.34 10.84 32.52
N ALA A 85 25.10 10.88 31.44
CA ALA A 85 25.64 9.62 30.87
C ALA A 85 26.44 8.80 31.89
N GLU A 86 27.29 9.50 32.64
CA GLU A 86 28.11 8.81 33.67
C GLU A 86 27.21 8.10 34.71
N LYS A 87 26.20 8.84 35.17
CA LYS A 87 25.28 8.32 36.18
C LYS A 87 24.54 7.04 35.67
N PHE A 88 24.14 7.03 34.38
CA PHE A 88 23.47 5.90 33.75
C PHE A 88 24.36 4.85 33.14
N GLY A 89 25.67 5.09 33.13
CA GLY A 89 26.63 4.14 32.59
C GLY A 89 26.53 3.98 31.12
N ILE A 90 26.24 5.08 30.43
CA ILE A 90 26.13 5.02 28.95
C ILE A 90 27.23 5.80 28.22
N PRO A 91 27.73 5.27 27.12
CA PRO A 91 28.77 6.02 26.36
C PRO A 91 28.32 7.33 25.76
N MET A 92 29.24 8.29 25.69
CA MET A 92 28.91 9.55 25.05
C MET A 92 29.93 9.95 24.03
N GLY A 93 29.48 10.27 22.79
CA GLY A 93 30.36 10.94 21.81
C GLY A 93 30.31 12.46 21.94
N VAL A 94 31.46 13.17 21.70
CA VAL A 94 31.35 14.61 21.57
C VAL A 94 31.16 15.05 20.11
N GLY A 95 30.85 16.32 19.90
CA GLY A 95 30.76 16.86 18.54
C GLY A 95 32.17 17.10 17.97
N SER A 96 32.21 17.47 16.69
CA SER A 96 33.48 17.70 16.01
C SER A 96 34.46 18.54 16.84
N GLN A 97 35.69 18.06 16.95
CA GLN A 97 36.65 18.73 17.79
C GLN A 97 37.55 19.60 16.94
N ARG A 98 37.21 19.82 15.69
CA ARG A 98 38.03 20.68 14.84
C ARG A 98 38.36 22.08 15.49
N VAL A 99 37.35 22.72 16.03
CA VAL A 99 37.50 24.09 16.63
C VAL A 99 38.46 24.03 17.81
N ALA A 100 38.44 22.94 18.56
CA ALA A 100 39.42 22.77 19.65
C ALA A 100 40.83 22.45 19.22
N ILE A 101 40.97 21.72 18.11
CA ILE A 101 42.27 21.54 17.49
C ILE A 101 42.85 22.89 17.07
N GLU A 102 41.99 23.75 16.52
CA GLU A 102 42.40 25.03 15.93
C GLU A 102 42.66 26.10 17.02
N LYS A 103 41.88 26.05 18.12
CA LYS A 103 41.89 27.09 19.17
C LYS A 103 41.96 26.54 20.60
N ALA A 104 43.05 26.81 21.33
CA ALA A 104 43.17 26.31 22.71
C ALA A 104 41.99 26.64 23.64
N GLU A 105 41.37 27.80 23.45
CA GLU A 105 40.25 28.30 24.28
C GLU A 105 39.00 27.42 24.13
N ALA A 106 38.93 26.68 23.02
CA ALA A 106 37.75 25.83 22.78
C ALA A 106 37.89 24.43 23.43
N ARG A 107 39.07 24.12 23.95
CA ARG A 107 39.35 22.79 24.50
C ARG A 107 38.51 22.47 25.74
N GLU A 108 38.35 23.44 26.62
CA GLU A 108 37.69 23.13 27.89
C GLU A 108 36.27 22.60 27.67
N SER A 109 35.62 23.08 26.62
CA SER A 109 34.17 22.74 26.41
C SER A 109 34.07 21.28 25.90
N PHE A 110 35.21 20.66 25.58
CA PHE A 110 35.24 19.18 25.32
C PHE A 110 35.75 18.47 26.56
N ALA A 111 36.83 18.98 27.15
CA ALA A 111 37.49 18.29 28.24
C ALA A 111 36.60 18.10 29.47
N ILE A 112 35.66 19.03 29.68
CA ILE A 112 34.70 19.00 30.80
C ILE A 112 33.99 17.65 30.81
N VAL A 113 33.76 17.09 29.60
CA VAL A 113 33.11 15.75 29.54
C VAL A 113 33.86 14.70 30.40
N ARG A 114 35.20 14.66 30.27
CA ARG A 114 35.92 13.59 30.91
C ARG A 114 36.09 13.88 32.39
N LYS A 115 36.08 15.17 32.74
CA LYS A 115 36.09 15.58 34.17
C LYS A 115 34.86 15.12 34.99
N VAL A 116 33.67 15.21 34.41
CA VAL A 116 32.42 14.85 35.12
C VAL A 116 32.02 13.43 34.81
N ALA A 117 32.66 12.80 33.81
CA ALA A 117 32.38 11.42 33.42
C ALA A 117 33.66 10.60 33.30
N PRO A 118 34.29 10.29 34.47
CA PRO A 118 35.55 9.61 34.41
C PRO A 118 35.49 8.15 34.05
N THR A 119 34.31 7.48 34.09
CA THR A 119 34.34 6.04 33.86
C THR A 119 33.78 5.57 32.50
N ILE A 120 32.75 6.23 32.02
CA ILE A 120 32.09 5.76 30.77
C ILE A 120 33.03 5.87 29.52
N PRO A 121 32.70 5.12 28.45
CA PRO A 121 33.38 5.37 27.23
C PRO A 121 33.06 6.77 26.72
N ILE A 122 34.09 7.46 26.15
CA ILE A 122 33.89 8.81 25.58
C ILE A 122 34.50 8.71 24.23
N ILE A 123 33.76 9.21 23.22
CA ILE A 123 34.15 9.03 21.83
C ILE A 123 34.46 10.40 21.21
N ALA A 124 35.69 10.50 20.68
CA ALA A 124 36.15 11.74 20.06
C ALA A 124 35.55 11.90 18.70
N ASN A 125 35.81 13.02 18.02
CA ASN A 125 35.04 13.28 16.73
C ASN A 125 35.79 14.24 15.86
N LEU A 126 36.07 13.79 14.64
CA LEU A 126 36.55 14.65 13.55
C LEU A 126 35.78 14.31 12.25
N GLY A 127 35.80 15.25 11.30
CA GLY A 127 35.05 15.07 10.01
C GLY A 127 35.98 14.41 9.00
N MET A 128 35.46 13.44 8.27
CA MET A 128 36.23 12.86 7.17
C MET A 128 36.90 13.86 6.18
N PRO A 129 36.23 14.96 5.78
CA PRO A 129 36.87 15.89 4.86
C PRO A 129 38.09 16.59 5.45
N GLN A 130 38.25 16.59 6.76
CA GLN A 130 39.50 17.23 7.39
C GLN A 130 40.71 16.41 6.93
N LEU A 131 40.51 15.14 6.66
CA LEU A 131 41.64 14.24 6.26
C LEU A 131 42.20 14.58 4.90
N VAL A 132 41.49 15.34 4.10
CA VAL A 132 42.00 15.69 2.82
C VAL A 132 42.53 17.10 2.85
N LYS A 133 42.51 17.71 4.05
CA LYS A 133 42.79 19.12 4.21
C LYS A 133 43.82 19.24 5.33
N GLY A 134 44.60 18.25 5.55
CA GLY A 134 45.82 18.40 6.42
C GLY A 134 45.70 17.69 7.74
N TYR A 135 44.50 17.27 8.15
CA TYR A 135 44.46 16.58 9.42
C TYR A 135 44.91 15.13 9.28
N GLY A 136 45.56 14.60 10.31
CA GLY A 136 46.01 13.24 10.21
C GLY A 136 46.30 12.73 11.61
N LEU A 137 47.31 11.88 11.69
CA LEU A 137 47.54 11.17 12.92
C LEU A 137 47.61 12.08 14.12
N LYS A 138 48.42 13.14 14.07
CA LYS A 138 48.56 14.00 15.25
C LYS A 138 47.28 14.66 15.76
N GLU A 139 46.42 15.05 14.79
CA GLU A 139 45.20 15.72 15.16
C GLU A 139 44.20 14.69 15.77
N PHE A 140 44.25 13.47 15.28
CA PHE A 140 43.45 12.38 15.89
C PHE A 140 43.92 12.13 17.30
N GLN A 141 45.24 12.01 17.48
CA GLN A 141 45.78 11.78 18.84
C GLN A 141 45.45 12.91 19.77
N ASP A 142 45.51 14.13 19.25
CA ASP A 142 45.13 15.25 20.03
C ASP A 142 43.63 15.29 20.49
N ALA A 143 42.77 14.95 19.53
CA ALA A 143 41.32 14.84 19.81
C ALA A 143 41.06 13.81 20.89
N ILE A 144 41.79 12.72 20.82
CA ILE A 144 41.64 11.59 21.73
C ILE A 144 42.16 12.00 23.10
N GLN A 145 43.37 12.53 23.11
CA GLN A 145 43.96 12.95 24.43
C GLN A 145 43.15 14.02 25.14
N MET A 146 42.54 14.96 24.43
CA MET A 146 41.82 16.05 24.99
C MET A 146 40.72 15.57 25.96
N ILE A 147 40.15 14.38 25.68
CA ILE A 147 39.01 13.92 26.47
C ILE A 147 39.30 12.52 27.02
N GLU A 148 40.60 12.08 27.00
CA GLU A 148 41.01 10.69 27.26
C GLU A 148 39.98 9.68 26.63
N ALA A 149 39.80 9.81 25.32
CA ALA A 149 38.74 9.07 24.64
C ALA A 149 39.06 7.61 24.52
N ASP A 150 38.00 6.78 24.41
CA ASP A 150 38.09 5.34 24.27
C ASP A 150 37.96 4.90 22.84
N ALA A 151 37.61 5.88 21.98
CA ALA A 151 37.45 5.66 20.55
C ALA A 151 37.35 6.99 19.87
N ILE A 152 37.49 7.00 18.53
CA ILE A 152 37.24 8.24 17.78
C ILE A 152 36.28 7.94 16.63
N ALA A 153 35.29 8.82 16.53
CA ALA A 153 34.34 8.78 15.41
C ALA A 153 34.79 9.71 14.30
N VAL A 154 34.70 9.21 13.07
CA VAL A 154 35.07 10.03 11.86
C VAL A 154 33.75 10.15 11.11
N HIS A 155 33.26 11.38 10.97
CA HIS A 155 31.90 11.55 10.43
C HIS A 155 31.91 11.85 8.93
N LEU A 156 30.84 11.36 8.28
CA LEU A 156 30.58 11.63 6.90
C LEU A 156 29.35 12.53 6.82
N ASN A 157 29.44 13.64 6.12
CA ASN A 157 28.27 14.51 6.00
C ASN A 157 28.19 15.15 4.65
N PRO A 158 28.36 14.38 3.59
CA PRO A 158 28.35 15.05 2.28
C PRO A 158 27.04 15.71 1.92
N ALA A 159 25.90 15.13 2.32
CA ALA A 159 24.59 15.73 1.94
C ALA A 159 24.45 17.12 2.57
N GLN A 160 24.82 17.21 3.84
CA GLN A 160 24.74 18.49 4.55
C GLN A 160 25.65 19.49 3.82
N GLU A 161 26.85 19.06 3.50
CA GLU A 161 27.82 19.94 2.81
C GLU A 161 27.36 20.38 1.42
N VAL A 162 26.69 19.50 0.68
CA VAL A 162 26.20 19.92 -0.66
C VAL A 162 25.21 21.10 -0.57
N PHE A 163 24.39 21.12 0.47
CA PHE A 163 23.26 22.10 0.50
C PHE A 163 23.61 23.30 1.33
N GLN A 164 24.79 23.33 1.91
CA GLN A 164 25.12 24.47 2.76
C GLN A 164 25.38 25.67 1.87
N PRO A 165 25.16 26.91 2.44
CA PRO A 165 25.14 28.05 1.56
C PRO A 165 26.42 28.13 0.78
N GLU A 166 27.45 27.65 1.44
CA GLU A 166 28.81 27.74 0.99
C GLU A 166 29.63 26.54 0.81
N GLY A 167 29.59 25.77 -0.23
CA GLY A 167 30.63 24.86 0.02
C GLY A 167 30.54 23.62 -0.64
N GLU A 168 31.62 22.87 -0.46
CA GLU A 168 31.86 21.83 -1.40
C GLU A 168 32.40 20.64 -0.65
N PRO A 169 31.70 19.55 -0.78
CA PRO A 169 32.17 18.34 -0.09
C PRO A 169 33.39 17.76 -0.84
N GLU A 170 34.34 17.20 -0.06
CA GLU A 170 35.52 16.61 -0.65
C GLU A 170 35.78 15.30 0.03
N TYR A 171 35.60 14.21 -0.74
CA TYR A 171 35.69 12.86 -0.19
C TYR A 171 36.54 12.05 -1.12
N GLN A 172 37.71 12.56 -1.50
CA GLN A 172 38.65 11.77 -2.29
C GLN A 172 39.15 10.56 -1.54
N ILE A 173 39.50 9.53 -2.29
CA ILE A 173 39.88 8.22 -1.67
C ILE A 173 41.15 8.36 -0.82
N TYR A 174 41.95 9.39 -1.09
CA TYR A 174 43.06 9.66 -0.21
C TYR A 174 42.67 9.74 1.27
N ALA A 175 41.45 10.27 1.57
CA ALA A 175 41.06 10.31 2.94
C ALA A 175 41.14 8.89 3.55
N LEU A 176 40.60 7.88 2.85
CA LEU A 176 40.57 6.51 3.47
C LEU A 176 41.98 5.89 3.51
N GLU A 177 42.80 6.25 2.52
CA GLU A 177 44.24 5.85 2.57
C GLU A 177 44.91 6.41 3.80
N LYS A 178 44.63 7.68 4.13
CA LYS A 178 45.22 8.28 5.28
C LYS A 178 44.62 7.67 6.55
N LEU A 179 43.30 7.46 6.56
CA LEU A 179 42.65 6.88 7.76
C LEU A 179 43.16 5.48 8.09
N ARG A 180 43.37 4.69 7.05
CA ARG A 180 43.97 3.36 7.11
C ARG A 180 45.37 3.49 7.74
N ASP A 181 46.17 4.43 7.27
CA ASP A 181 47.52 4.61 7.96
C ASP A 181 47.38 4.97 9.42
N ILE A 182 46.46 5.90 9.71
CA ILE A 182 46.25 6.34 11.06
C ILE A 182 45.88 5.21 12.03
N SER A 183 45.07 4.30 11.55
CA SER A 183 44.41 3.31 12.36
C SER A 183 45.56 2.43 12.94
N LYS A 184 46.63 2.30 12.16
CA LYS A 184 47.89 1.65 12.59
C LYS A 184 48.61 2.20 13.79
N GLU A 185 48.45 3.46 14.11
CA GLU A 185 49.27 4.11 15.07
C GLU A 185 48.39 4.48 16.27
N LEU A 186 47.06 4.35 16.10
CA LEU A 186 46.21 4.89 17.14
C LEU A 186 46.06 3.88 18.23
N SER A 187 45.82 4.36 19.45
CA SER A 187 45.68 3.51 20.59
C SER A 187 44.24 3.14 20.85
N VAL A 188 43.34 3.70 20.06
CA VAL A 188 41.90 3.36 20.26
C VAL A 188 41.28 3.08 18.93
N PRO A 189 40.12 2.40 18.90
CA PRO A 189 39.44 2.14 17.60
C PRO A 189 38.79 3.40 16.97
N ILE A 190 38.55 3.24 15.67
CA ILE A 190 37.90 4.30 14.83
C ILE A 190 36.48 3.76 14.52
N ILE A 191 35.49 4.63 14.63
CA ILE A 191 34.13 4.26 14.21
C ILE A 191 33.88 5.28 13.05
N VAL A 192 33.34 4.83 11.92
CA VAL A 192 32.94 5.83 10.93
C VAL A 192 31.43 5.96 10.98
N LYS A 193 30.96 7.21 11.01
CA LYS A 193 29.53 7.44 11.22
C LYS A 193 29.01 8.35 10.12
N GLU A 194 27.71 8.17 9.79
CA GLU A 194 27.04 9.21 8.95
C GLU A 194 26.51 10.35 9.83
N SER A 195 25.73 11.24 9.22
CA SER A 195 25.16 12.35 9.98
C SER A 195 23.75 12.62 9.46
N GLY A 196 22.97 11.56 9.38
CA GLY A 196 21.54 11.73 9.01
C GLY A 196 21.11 11.17 7.69
N ASN A 197 22.06 10.61 6.88
CA ASN A 197 21.68 10.14 5.50
C ASN A 197 21.98 8.63 5.23
N GLY A 198 22.62 8.03 6.23
CA GLY A 198 22.74 6.57 6.30
C GLY A 198 23.94 5.97 5.60
N ILE A 199 24.32 4.78 6.05
CA ILE A 199 25.42 3.96 5.39
C ILE A 199 24.83 2.83 4.58
N SER A 200 25.18 2.78 3.30
CA SER A 200 24.79 1.73 2.32
C SER A 200 25.78 0.57 2.38
N MET A 201 25.40 -0.54 1.73
CA MET A 201 26.37 -1.68 1.57
C MET A 201 27.62 -1.21 0.84
N GLU A 202 27.48 -0.39 -0.22
CA GLU A 202 28.68 -0.02 -0.95
C GLU A 202 29.64 0.79 -0.12
N THR A 203 29.12 1.75 0.65
CA THR A 203 29.99 2.50 1.53
C THR A 203 30.60 1.67 2.62
N ALA A 204 29.77 0.77 3.19
CA ALA A 204 30.29 -0.06 4.28
C ALA A 204 31.42 -0.97 3.76
N LYS A 205 31.19 -1.56 2.58
CA LYS A 205 32.23 -2.48 2.04
C LYS A 205 33.51 -1.69 1.67
N LEU A 206 33.34 -0.46 1.12
CA LEU A 206 34.53 0.37 0.79
C LEU A 206 35.28 0.67 2.08
N LEU A 207 34.61 1.18 3.13
CA LEU A 207 35.26 1.44 4.43
C LEU A 207 35.97 0.16 5.00
N TYR A 208 35.30 -0.98 4.95
CA TYR A 208 35.80 -2.24 5.50
C TYR A 208 37.06 -2.59 4.73
N SER A 209 37.09 -2.28 3.45
CA SER A 209 38.26 -2.58 2.58
C SER A 209 39.46 -1.74 2.97
N TYR A 210 39.27 -0.64 3.70
CA TYR A 210 40.37 0.20 4.27
C TYR A 210 40.61 -0.02 5.77
N GLY A 211 40.05 -1.12 6.26
CA GLY A 211 40.25 -1.58 7.59
C GLY A 211 39.26 -1.12 8.63
N ILE A 212 38.15 -0.50 8.23
CA ILE A 212 37.25 0.07 9.25
C ILE A 212 36.18 -0.98 9.60
N LYS A 213 35.99 -1.27 10.85
CA LYS A 213 35.11 -2.37 11.19
C LYS A 213 33.96 -1.89 12.10
N ASN A 214 33.97 -0.60 12.48
CA ASN A 214 33.03 -0.05 13.48
C ASN A 214 32.26 1.07 12.78
N PHE A 215 30.92 0.95 12.80
CA PHE A 215 30.07 1.84 11.95
C PHE A 215 28.92 2.33 12.77
N ASP A 216 28.51 3.59 12.49
CA ASP A 216 27.31 4.14 13.13
C ASP A 216 26.40 4.64 11.98
N THR A 217 25.26 3.97 11.81
CA THR A 217 24.48 4.15 10.60
C THR A 217 24.01 5.60 10.30
N SER A 218 23.54 6.22 11.36
CA SER A 218 23.01 7.59 11.27
C SER A 218 22.21 7.73 9.96
N GLY A 219 21.10 6.95 9.93
CA GLY A 219 20.20 6.91 8.76
C GLY A 219 19.23 8.06 8.69
N GLN A 220 18.54 8.12 7.56
CA GLN A 220 17.49 9.14 7.47
C GLN A 220 16.32 8.78 8.39
N GLY A 221 15.55 9.81 8.80
CA GLY A 221 14.35 9.54 9.64
C GLY A 221 14.39 10.27 10.96
N GLY A 222 15.63 10.68 11.34
CA GLY A 222 15.87 11.38 12.59
C GLY A 222 16.19 12.83 12.21
N THR A 223 17.21 13.38 12.84
CA THR A 223 17.59 14.77 12.47
C THR A 223 17.91 14.88 10.97
N ASN A 224 17.22 15.84 10.34
CA ASN A 224 17.35 15.99 8.90
C ASN A 224 18.23 17.17 8.65
N TRP A 225 19.50 16.88 8.39
CA TRP A 225 20.50 17.92 8.20
C TRP A 225 20.33 18.62 6.86
N ILE A 226 19.72 17.96 5.88
CA ILE A 226 19.40 18.59 4.60
C ILE A 226 18.33 19.64 4.98
N ALA A 227 17.33 19.27 5.77
CA ALA A 227 16.31 20.32 6.18
C ALA A 227 16.96 21.43 6.98
N ILE A 228 17.96 21.13 7.84
CA ILE A 228 18.64 22.20 8.59
C ILE A 228 19.35 23.15 7.63
N GLU A 229 20.07 22.65 6.63
CA GLU A 229 20.72 23.58 5.65
C GLU A 229 19.65 24.28 4.78
N MET A 230 18.56 23.62 4.45
CA MET A 230 17.44 24.27 3.78
C MET A 230 16.98 25.56 4.53
N ILE A 231 16.88 25.40 5.84
CA ILE A 231 16.44 26.52 6.71
C ILE A 231 17.52 27.59 6.74
N ARG A 232 18.79 27.22 6.87
CA ARG A 232 19.88 28.23 6.75
C ARG A 232 19.77 28.94 5.39
N ASP A 233 19.49 28.21 4.31
CA ASP A 233 19.45 28.84 2.97
C ASP A 233 18.21 29.75 2.91
N ILE A 234 17.08 29.31 3.50
CA ILE A 234 15.86 30.16 3.48
C ILE A 234 16.16 31.51 4.15
N ARG A 235 16.82 31.43 5.29
CA ARG A 235 17.18 32.62 6.07
C ARG A 235 18.11 33.60 5.38
N ARG A 236 18.92 33.09 4.45
CA ARG A 236 19.80 33.92 3.58
C ARG A 236 19.18 34.34 2.25
N GLY A 237 17.95 33.93 2.01
CA GLY A 237 17.35 34.23 0.69
C GLY A 237 18.09 33.48 -0.42
N ASN A 238 18.71 32.33 -0.03
CA ASN A 238 19.56 31.54 -0.98
C ASN A 238 18.67 30.49 -1.74
N TRP A 239 18.68 30.51 -3.11
CA TRP A 239 17.85 29.60 -3.90
C TRP A 239 18.15 28.11 -3.69
N LYS A 240 19.32 27.82 -3.10
CA LYS A 240 19.62 26.38 -2.84
C LYS A 240 18.53 25.82 -1.92
N ALA A 241 17.83 26.67 -1.18
CA ALA A 241 16.75 26.14 -0.29
C ALA A 241 15.72 25.30 -1.04
N GLU A 242 15.31 25.77 -2.24
CA GLU A 242 14.31 25.02 -3.01
C GLU A 242 14.91 23.70 -3.50
N SER A 243 16.21 23.68 -3.83
CA SER A 243 16.87 22.36 -4.22
C SER A 243 16.95 21.40 -3.05
N ALA A 244 17.34 21.92 -1.89
CA ALA A 244 17.35 21.11 -0.65
C ALA A 244 15.97 20.48 -0.37
N LYS A 245 14.89 21.24 -0.66
CA LYS A 245 13.58 20.73 -0.50
C LYS A 245 13.35 19.43 -1.29
N ASN A 246 13.88 19.41 -2.50
CA ASN A 246 13.74 18.26 -3.38
C ASN A 246 14.50 17.05 -2.84
N PHE A 247 15.44 17.25 -1.89
CA PHE A 247 16.21 16.16 -1.33
C PHE A 247 15.88 15.89 0.15
N LEU A 248 14.73 16.35 0.67
CA LEU A 248 14.48 16.08 2.09
C LEU A 248 14.42 14.60 2.44
N ASP A 249 13.97 13.74 1.51
CA ASP A 249 13.87 12.33 1.81
C ASP A 249 15.04 11.56 1.20
N TRP A 250 16.16 12.23 0.99
CA TRP A 250 17.35 11.58 0.39
C TRP A 250 18.04 10.74 1.53
N GLY A 251 18.54 9.57 1.18
CA GLY A 251 19.32 8.83 2.14
C GLY A 251 18.84 7.40 2.38
N VAL A 252 19.68 6.62 3.10
CA VAL A 252 19.28 5.25 3.44
C VAL A 252 18.55 5.35 4.79
N PRO A 253 17.29 4.94 4.84
CA PRO A 253 16.58 4.94 6.13
C PRO A 253 17.31 4.07 7.18
N THR A 254 17.27 4.48 8.40
CA THR A 254 18.03 3.84 9.50
C THR A 254 17.80 2.32 9.51
N ALA A 255 16.53 1.88 9.47
CA ALA A 255 16.39 0.42 9.50
C ALA A 255 17.07 -0.25 8.31
N ALA A 256 16.92 0.26 7.08
CA ALA A 256 17.57 -0.34 5.91
C ALA A 256 19.09 -0.30 6.10
N SER A 257 19.59 0.78 6.68
CA SER A 257 21.09 0.91 6.82
C SER A 257 21.63 -0.09 7.85
N ILE A 258 20.91 -0.33 8.94
CA ILE A 258 21.32 -1.36 9.88
C ILE A 258 21.36 -2.74 9.14
N MET A 259 20.27 -3.10 8.43
CA MET A 259 20.32 -4.35 7.61
C MET A 259 21.47 -4.35 6.61
N GLU A 260 21.67 -3.25 5.88
CA GLU A 260 22.73 -3.25 4.86
C GLU A 260 24.14 -3.44 5.46
N VAL A 261 24.39 -2.77 6.56
CA VAL A 261 25.74 -2.84 7.14
C VAL A 261 25.93 -4.24 7.77
N ARG A 262 24.94 -4.70 8.54
CA ARG A 262 25.06 -6.04 9.17
C ARG A 262 25.21 -7.12 8.10
N TYR A 263 24.48 -7.02 6.99
CA TYR A 263 24.59 -8.05 5.96
C TYR A 263 25.93 -8.02 5.23
N SER A 264 26.36 -6.83 4.85
CA SER A 264 27.62 -6.65 4.08
C SER A 264 28.87 -6.79 4.91
N VAL A 265 28.77 -6.49 6.18
CA VAL A 265 29.92 -6.56 7.07
C VAL A 265 29.50 -7.29 8.35
N PRO A 266 29.34 -8.63 8.27
CA PRO A 266 28.76 -9.35 9.37
C PRO A 266 29.48 -9.29 10.67
N ASP A 267 30.80 -9.10 10.62
CA ASP A 267 31.58 -9.00 11.85
C ASP A 267 31.76 -7.55 12.39
N SER A 268 31.01 -6.62 11.82
CA SER A 268 31.12 -5.24 12.30
C SER A 268 30.58 -5.02 13.71
N PHE A 269 31.11 -3.95 14.38
CA PHE A 269 30.45 -3.45 15.58
C PHE A 269 29.64 -2.26 15.03
N LEU A 270 28.34 -2.27 15.35
CA LEU A 270 27.35 -1.49 14.58
C LEU A 270 26.52 -0.70 15.56
N VAL A 271 26.60 0.65 15.42
CA VAL A 271 25.64 1.49 16.19
C VAL A 271 24.48 1.80 15.25
N GLY A 272 23.26 1.51 15.73
CA GLY A 272 21.99 1.84 14.95
C GLY A 272 21.49 3.19 15.45
N SER A 273 21.61 4.18 14.56
CA SER A 273 21.16 5.56 14.95
C SER A 273 20.56 6.26 13.77
N GLY A 274 19.92 7.41 14.11
CA GLY A 274 19.21 8.20 13.13
C GLY A 274 17.74 8.08 13.39
N GLY A 275 17.18 8.94 14.27
CA GLY A 275 15.71 8.81 14.47
C GLY A 275 15.34 7.76 15.53
N ILE A 276 16.30 7.37 16.34
CA ILE A 276 15.94 6.56 17.56
C ILE A 276 15.32 7.51 18.60
N ARG A 277 14.01 7.33 18.91
CA ARG A 277 13.29 8.31 19.75
C ARG A 277 12.57 7.65 20.93
N SER A 278 12.61 6.30 20.99
CA SER A 278 12.09 5.60 22.16
C SER A 278 12.92 4.35 22.41
N GLY A 279 12.72 3.72 23.59
CA GLY A 279 13.48 2.46 23.84
C GLY A 279 12.94 1.35 22.95
N LEU A 280 11.71 1.48 22.43
CA LEU A 280 11.18 0.51 21.45
C LEU A 280 11.97 0.69 20.12
N ASP A 281 12.19 1.93 19.68
CA ASP A 281 13.06 2.11 18.48
C ASP A 281 14.45 1.49 18.73
N ALA A 282 14.96 1.67 19.91
CA ALA A 282 16.29 1.17 20.25
C ALA A 282 16.28 -0.36 20.20
N ALA A 283 15.24 -0.95 20.79
CA ALA A 283 15.14 -2.41 20.75
C ALA A 283 15.03 -2.94 19.33
N LYS A 284 14.22 -2.25 18.50
CA LYS A 284 14.12 -2.60 17.08
C LYS A 284 15.46 -2.56 16.39
N ALA A 285 16.22 -1.49 16.61
CA ALA A 285 17.49 -1.34 15.93
C ALA A 285 18.47 -2.49 16.29
N ILE A 286 18.50 -2.86 17.57
CA ILE A 286 19.32 -3.99 18.04
C ILE A 286 18.82 -5.30 17.47
N ALA A 287 17.52 -5.56 17.56
CA ALA A 287 16.99 -6.83 16.97
C ALA A 287 17.31 -6.95 15.49
N LEU A 288 17.31 -5.82 14.80
CA LEU A 288 17.59 -5.80 13.35
C LEU A 288 19.00 -6.07 12.98
N GLY A 289 19.92 -5.77 13.87
CA GLY A 289 21.32 -6.12 13.62
C GLY A 289 22.29 -5.24 14.33
N ALA A 290 21.82 -4.14 14.94
CA ALA A 290 22.81 -3.27 15.63
C ALA A 290 23.26 -3.89 16.94
N ASP A 291 24.46 -3.53 17.34
CA ASP A 291 24.93 -3.82 18.74
C ASP A 291 24.51 -2.87 19.78
N ILE A 292 24.40 -1.59 19.37
CA ILE A 292 23.87 -0.66 20.27
C ILE A 292 23.06 0.41 19.52
N ALA A 293 22.17 1.10 20.23
CA ALA A 293 21.32 2.16 19.57
C ALA A 293 21.90 3.49 19.91
N GLY A 294 21.97 4.40 18.94
CA GLY A 294 22.52 5.72 19.23
C GLY A 294 21.46 6.81 19.13
N MET A 295 21.61 7.85 19.92
CA MET A 295 20.66 9.00 19.88
C MET A 295 21.40 10.31 20.01
N ALA A 296 20.92 11.36 19.33
CA ALA A 296 21.61 12.70 19.47
C ALA A 296 20.52 13.77 19.76
N LEU A 297 19.72 14.10 18.75
CA LEU A 297 18.77 15.25 18.93
C LEU A 297 17.89 15.23 20.22
N PRO A 298 17.23 14.11 20.59
CA PRO A 298 16.37 14.19 21.77
C PRO A 298 17.17 14.39 23.02
N VAL A 299 18.44 13.94 23.04
CA VAL A 299 19.31 14.19 24.21
C VAL A 299 19.66 15.69 24.31
N LEU A 300 19.94 16.30 23.15
CA LEU A 300 20.18 17.74 23.12
C LEU A 300 18.97 18.51 23.62
N LYS A 301 17.78 18.16 23.13
CA LYS A 301 16.59 18.93 23.54
C LYS A 301 16.32 18.79 25.04
N SER A 302 16.49 17.58 25.61
CA SER A 302 16.29 17.42 27.05
C SER A 302 17.42 18.08 27.84
N ALA A 303 18.65 18.03 27.32
CA ALA A 303 19.78 18.69 28.07
C ALA A 303 19.56 20.22 28.16
N ILE A 304 19.06 20.81 27.08
CA ILE A 304 18.68 22.23 27.11
C ILE A 304 17.61 22.50 28.19
N GLU A 305 16.64 21.63 28.33
CA GLU A 305 15.66 21.77 29.45
C GLU A 305 16.31 21.64 30.83
N GLY A 306 17.32 20.79 30.98
CA GLY A 306 18.16 20.71 32.13
C GLY A 306 18.52 19.30 32.54
N LYS A 307 19.32 19.17 33.60
CA LYS A 307 19.76 17.85 34.08
C LYS A 307 18.58 16.91 34.45
N GLU A 308 17.57 17.43 35.16
CA GLU A 308 16.47 16.54 35.58
C GLU A 308 15.62 16.04 34.39
N SER A 309 15.45 16.91 33.40
CA SER A 309 14.76 16.54 32.20
C SER A 309 15.56 15.42 31.47
N LEU A 310 16.86 15.59 31.37
CA LEU A 310 17.64 14.51 30.68
C LEU A 310 17.68 13.19 31.50
N GLU A 311 17.69 13.28 32.82
CA GLU A 311 17.65 12.04 33.65
C GLU A 311 16.30 11.32 33.41
N GLN A 312 15.23 12.09 33.35
CA GLN A 312 13.90 11.54 33.11
C GLN A 312 13.87 10.88 31.69
N PHE A 313 14.48 11.53 30.73
CA PHE A 313 14.52 11.05 29.37
C PHE A 313 15.19 9.69 29.36
N PHE A 314 16.36 9.58 29.99
CA PHE A 314 16.99 8.25 30.00
C PHE A 314 16.21 7.20 30.78
N ARG A 315 15.57 7.60 31.86
CA ARG A 315 14.74 6.65 32.60
C ARG A 315 13.65 6.10 31.68
N LYS A 316 13.10 6.92 30.82
CA LYS A 316 11.99 6.54 29.99
C LYS A 316 12.55 5.59 28.86
N ILE A 317 13.67 5.98 28.24
CA ILE A 317 14.27 5.15 27.14
C ILE A 317 14.59 3.78 27.75
N ILE A 318 15.16 3.75 28.95
CA ILE A 318 15.59 2.48 29.53
C ILE A 318 14.36 1.56 29.83
N PHE A 319 13.34 2.14 30.44
CA PHE A 319 12.12 1.43 30.72
C PHE A 319 11.52 0.87 29.43
N GLU A 320 11.50 1.67 28.37
CA GLU A 320 10.89 1.20 27.09
C GLU A 320 11.73 0.06 26.51
N LEU A 321 13.05 0.22 26.58
CA LEU A 321 13.88 -0.94 26.11
C LEU A 321 13.64 -2.19 26.95
N LYS A 322 13.57 -2.08 28.28
CA LYS A 322 13.29 -3.23 29.08
C LYS A 322 11.88 -3.82 28.84
N ALA A 323 10.91 -2.95 28.57
CA ALA A 323 9.54 -3.41 28.24
C ALA A 323 9.65 -4.26 26.96
N ALA A 324 10.39 -3.79 25.94
CA ALA A 324 10.48 -4.58 24.72
C ALA A 324 11.26 -5.88 24.90
N MET A 325 12.29 -5.85 25.73
CA MET A 325 12.95 -7.11 26.05
C MET A 325 12.02 -8.06 26.81
N MET A 326 11.28 -7.53 27.77
CA MET A 326 10.42 -8.41 28.61
C MET A 326 9.39 -9.05 27.63
N LEU A 327 8.78 -8.22 26.75
CA LEU A 327 7.66 -8.73 25.95
C LEU A 327 8.10 -9.57 24.73
N THR A 328 9.41 -9.62 24.48
CA THR A 328 9.99 -10.60 23.53
C THR A 328 10.63 -11.79 24.22
N GLY A 329 10.55 -11.89 25.53
CA GLY A 329 11.21 -13.00 26.28
C GLY A 329 12.76 -12.89 26.16
N SER A 330 13.28 -11.66 26.12
CA SER A 330 14.73 -11.46 25.90
C SER A 330 15.36 -11.14 27.25
N LYS A 331 16.05 -12.11 27.85
CA LYS A 331 16.63 -11.88 29.20
C LYS A 331 17.82 -10.95 29.20
N ASP A 332 18.42 -10.80 28.04
CA ASP A 332 19.64 -10.00 27.94
C ASP A 332 19.86 -9.52 26.51
N VAL A 333 20.89 -8.68 26.31
CA VAL A 333 20.97 -8.01 25.00
C VAL A 333 21.26 -9.03 23.92
N ASP A 334 22.08 -10.03 24.22
CA ASP A 334 22.26 -11.12 23.29
C ASP A 334 20.97 -11.83 22.81
N ALA A 335 20.10 -12.05 23.76
CA ALA A 335 18.76 -12.63 23.42
C ALA A 335 17.96 -11.69 22.48
N LEU A 336 18.01 -10.40 22.77
CA LEU A 336 17.27 -9.37 21.94
C LEU A 336 17.78 -9.38 20.54
N LYS A 337 19.11 -9.56 20.37
CA LYS A 337 19.62 -9.60 19.01
C LYS A 337 19.16 -10.81 18.20
N LYS A 338 18.67 -11.88 18.85
CA LYS A 338 18.19 -13.02 18.13
C LYS A 338 16.71 -13.15 18.19
N THR A 339 16.00 -12.15 18.76
CA THR A 339 14.55 -12.36 18.94
C THR A 339 13.77 -12.35 17.62
N SER A 340 12.60 -12.98 17.59
CA SER A 340 11.80 -13.01 16.34
C SER A 340 11.25 -11.67 15.93
N ILE A 341 11.35 -11.40 14.63
CA ILE A 341 10.79 -10.13 14.07
C ILE A 341 9.94 -10.43 12.84
N VAL A 342 9.23 -9.41 12.38
CA VAL A 342 8.58 -9.45 11.07
C VAL A 342 9.03 -8.18 10.38
N ILE A 343 9.39 -8.36 9.12
CA ILE A 343 9.71 -7.24 8.24
C ILE A 343 8.67 -7.16 7.12
N LEU A 344 8.06 -5.98 7.00
CA LEU A 344 6.93 -5.72 6.06
C LEU A 344 7.25 -4.56 5.17
N GLY A 345 6.38 -4.34 4.17
CA GLY A 345 6.26 -2.96 3.61
C GLY A 345 7.45 -2.51 2.78
N LYS A 346 7.78 -1.23 2.90
CA LYS A 346 8.85 -0.69 2.04
C LYS A 346 10.21 -1.23 2.44
N LEU A 347 10.38 -1.53 3.74
CA LEU A 347 11.67 -2.08 4.13
C LEU A 347 11.91 -3.48 3.52
N LYS A 348 10.84 -4.24 3.49
CA LYS A 348 10.91 -5.55 2.82
C LYS A 348 11.22 -5.33 1.34
N GLU A 349 10.55 -4.40 0.67
CA GLU A 349 10.86 -4.23 -0.77
C GLU A 349 12.29 -3.72 -1.00
N TRP A 350 12.78 -2.90 -0.06
CA TRP A 350 14.15 -2.38 -0.14
C TRP A 350 15.13 -3.54 -0.07
N ALA A 351 15.00 -4.36 0.98
CA ALA A 351 15.91 -5.54 1.11
C ALA A 351 15.81 -6.46 -0.05
N GLU A 352 14.62 -6.68 -0.61
CA GLU A 352 14.45 -7.62 -1.81
C GLU A 352 15.27 -7.04 -3.01
N TYR A 353 15.04 -5.77 -3.33
CA TYR A 353 15.72 -5.18 -4.49
C TYR A 353 17.25 -5.16 -4.30
N ARG A 354 17.72 -4.98 -3.06
CA ARG A 354 19.10 -4.82 -2.73
C ARG A 354 19.81 -6.18 -2.59
N GLY A 355 19.04 -7.25 -2.80
CA GLY A 355 19.65 -8.61 -2.80
C GLY A 355 19.94 -9.14 -1.41
N ILE A 356 19.23 -8.62 -0.41
CA ILE A 356 19.38 -9.14 0.94
C ILE A 356 18.47 -10.36 1.08
N ASN A 357 19.09 -11.52 0.95
CA ASN A 357 18.46 -12.80 1.10
C ASN A 357 18.19 -12.89 2.60
N LEU A 358 16.91 -12.88 2.87
CA LEU A 358 16.41 -12.84 4.22
C LEU A 358 16.82 -14.10 4.98
N SER A 359 16.78 -15.29 4.38
CA SER A 359 17.31 -16.40 5.10
C SER A 359 18.70 -16.13 5.56
N ILE A 360 19.58 -15.67 4.68
CA ILE A 360 20.88 -15.47 5.20
C ILE A 360 21.02 -14.26 6.16
N TYR A 361 20.19 -13.24 5.92
CA TYR A 361 20.04 -12.10 6.84
C TYR A 361 19.76 -12.53 8.30
N GLU A 362 18.70 -13.33 8.44
CA GLU A 362 18.30 -13.87 9.72
C GLU A 362 19.45 -14.60 10.39
N LYS A 363 20.10 -15.51 9.66
CA LYS A 363 21.29 -16.05 10.24
C LYS A 363 22.38 -15.14 10.73
N VAL A 364 22.78 -14.17 9.89
CA VAL A 364 23.80 -13.21 10.23
C VAL A 364 23.41 -12.28 11.46
N ARG A 365 22.19 -11.83 11.53
CA ARG A 365 21.84 -10.86 12.56
C ARG A 365 21.68 -11.65 13.85
N LYS A 366 21.25 -12.90 13.67
CA LYS A 366 21.15 -13.97 14.70
C LYS A 366 19.79 -14.33 15.15
N ILE B 4 1.31 40.86 -23.26
CA ILE B 4 0.28 40.57 -22.19
C ILE B 4 -1.15 41.08 -22.55
N VAL B 5 -1.35 41.44 -23.80
CA VAL B 5 -2.67 41.96 -24.16
C VAL B 5 -3.41 41.03 -25.14
N ASN B 6 -2.68 40.47 -26.09
CA ASN B 6 -3.31 39.57 -27.08
C ASN B 6 -3.28 38.17 -26.54
N ARG B 7 -4.33 37.39 -26.82
CA ARG B 7 -4.28 36.01 -26.35
C ARG B 7 -3.28 35.15 -27.08
N LYS B 8 -2.75 34.17 -26.36
CA LYS B 8 -1.75 33.22 -26.91
C LYS B 8 -2.55 32.15 -27.63
N VAL B 9 -1.86 31.34 -28.44
CA VAL B 9 -2.56 30.16 -29.00
C VAL B 9 -3.05 29.28 -27.86
N GLU B 10 -4.16 28.59 -28.10
CA GLU B 10 -4.98 28.05 -27.01
C GLU B 10 -4.18 26.96 -26.20
N HIS B 11 -3.44 26.09 -26.91
CA HIS B 11 -2.78 25.03 -26.18
C HIS B 11 -1.64 25.61 -25.34
N VAL B 12 -1.00 26.68 -25.80
CA VAL B 12 0.05 27.32 -24.98
C VAL B 12 -0.57 28.00 -23.74
N GLU B 13 -1.71 28.66 -23.96
CA GLU B 13 -2.44 29.38 -22.88
C GLU B 13 -2.82 28.37 -21.79
N ILE B 14 -3.34 27.22 -22.20
CA ILE B 14 -3.74 26.20 -21.23
C ILE B 14 -2.55 25.59 -20.54
N ALA B 15 -1.51 25.18 -21.31
CA ALA B 15 -0.38 24.58 -20.65
C ALA B 15 0.31 25.48 -19.61
N ALA B 16 0.42 26.77 -19.96
CA ALA B 16 1.18 27.65 -19.11
C ALA B 16 0.41 28.06 -17.89
N PHE B 17 -0.91 28.16 -18.01
CA PHE B 17 -1.66 28.81 -16.96
C PHE B 17 -2.80 27.99 -16.32
N GLU B 18 -3.18 26.82 -16.85
CA GLU B 18 -4.15 26.00 -16.19
C GLU B 18 -3.39 24.86 -15.43
N ASN B 19 -4.14 24.12 -14.62
CA ASN B 19 -3.61 23.08 -13.79
C ASN B 19 -3.65 21.75 -14.57
N VAL B 20 -2.59 21.57 -15.38
CA VAL B 20 -2.46 20.38 -16.22
C VAL B 20 -1.12 19.64 -16.03
N ASP B 21 -0.27 20.13 -15.16
CA ASP B 21 1.05 19.45 -14.99
C ASP B 21 0.84 18.33 -13.98
N GLY B 22 0.88 17.08 -14.47
CA GLY B 22 0.73 15.96 -13.54
C GLY B 22 -0.70 15.71 -13.07
N LEU B 23 -1.66 16.26 -13.81
CA LEU B 23 -3.05 16.18 -13.33
C LEU B 23 -3.54 14.77 -13.36
N SER B 24 -3.80 14.22 -12.19
CA SER B 24 -4.33 12.83 -12.04
C SER B 24 -3.40 11.78 -12.67
N SER B 25 -2.14 12.11 -12.74
CA SER B 25 -1.21 11.19 -13.51
C SER B 25 0.07 11.08 -12.70
N SER B 26 0.98 10.15 -13.05
CA SER B 26 2.17 9.94 -12.17
C SER B 26 3.33 9.49 -13.07
N THR B 27 4.52 9.96 -12.76
CA THR B 27 5.72 9.51 -13.52
C THR B 27 6.16 8.17 -12.97
N PHE B 28 5.71 7.78 -11.77
CA PHE B 28 6.29 6.61 -11.03
C PHE B 28 7.75 6.85 -10.59
N LEU B 29 8.29 8.07 -10.73
CA LEU B 29 9.66 8.31 -10.26
C LEU B 29 9.78 8.27 -8.75
N ASN B 30 8.67 8.46 -8.05
CA ASN B 30 8.70 8.31 -6.60
C ASN B 30 9.01 6.89 -6.16
N ASP B 31 8.85 5.92 -7.10
CA ASP B 31 9.18 4.56 -6.78
C ASP B 31 10.65 4.21 -7.03
N VAL B 32 11.44 5.20 -7.45
CA VAL B 32 12.89 4.93 -7.75
C VAL B 32 13.68 5.71 -6.68
N ILE B 33 14.56 5.00 -5.97
CA ILE B 33 15.44 5.69 -4.98
C ILE B 33 16.88 5.55 -5.51
N LEU B 34 17.65 6.65 -5.50
CA LEU B 34 19.11 6.55 -5.78
C LEU B 34 19.81 6.32 -4.39
N VAL B 35 20.62 5.27 -4.30
CA VAL B 35 21.23 4.91 -3.01
C VAL B 35 22.30 5.89 -2.63
N HIS B 36 22.09 6.48 -1.46
CA HIS B 36 23.04 7.52 -0.94
C HIS B 36 24.38 6.80 -0.58
N GLN B 37 25.50 7.48 -0.90
CA GLN B 37 26.87 6.94 -0.60
C GLN B 37 27.53 7.99 0.30
N GLY B 38 27.62 7.66 1.58
CA GLY B 38 28.16 8.54 2.58
C GLY B 38 29.63 8.79 2.35
N PHE B 39 30.34 7.86 1.69
CA PHE B 39 31.70 8.22 1.23
C PHE B 39 31.72 8.23 -0.30
N PRO B 40 31.58 9.39 -0.91
CA PRO B 40 31.38 9.40 -2.37
C PRO B 40 32.62 9.10 -3.18
N GLY B 41 33.79 9.33 -2.60
CA GLY B 41 34.97 8.98 -3.39
C GLY B 41 35.42 10.04 -4.38
N ILE B 42 34.82 11.25 -4.32
CA ILE B 42 35.07 12.30 -5.28
C ILE B 42 34.86 13.60 -4.53
N SER B 43 35.27 14.72 -5.15
CA SER B 43 34.93 16.00 -4.64
C SER B 43 33.95 16.61 -5.60
N PHE B 44 33.14 17.53 -5.10
CA PHE B 44 32.10 18.17 -5.91
C PHE B 44 32.66 18.80 -7.18
N SER B 45 33.84 19.38 -7.00
CA SER B 45 34.41 20.10 -8.15
C SER B 45 34.94 19.19 -9.28
N GLU B 46 35.11 17.87 -9.05
CA GLU B 46 35.56 17.01 -10.10
C GLU B 46 34.39 16.41 -10.94
N ILE B 47 33.16 16.67 -10.49
CA ILE B 47 32.02 16.05 -11.22
C ILE B 47 31.99 16.61 -12.61
N ASN B 48 31.86 15.71 -13.61
CA ASN B 48 31.86 16.11 -15.01
C ASN B 48 30.48 15.74 -15.55
N THR B 49 29.76 16.76 -16.01
CA THR B 49 28.33 16.48 -16.51
C THR B 49 28.30 16.41 -18.01
N LYS B 50 29.46 16.47 -18.67
CA LYS B 50 29.46 16.43 -20.15
C LYS B 50 29.00 15.06 -20.74
N THR B 51 28.27 15.13 -21.89
CA THR B 51 27.92 13.87 -22.55
C THR B 51 27.79 14.11 -24.09
N LYS B 52 27.56 13.06 -24.83
CA LYS B 52 27.45 13.18 -26.28
C LYS B 52 26.01 13.32 -26.63
N PHE B 53 25.73 14.10 -27.69
CA PHE B 53 24.36 14.09 -28.27
C PHE B 53 24.64 13.99 -29.80
N PHE B 54 24.57 12.77 -30.32
CA PHE B 54 24.94 12.49 -31.77
C PHE B 54 26.36 12.99 -31.96
N ARG B 55 26.60 13.87 -32.90
CA ARG B 55 28.01 14.19 -33.26
C ARG B 55 28.56 15.35 -32.41
N LYS B 56 27.80 15.86 -31.42
CA LYS B 56 28.25 17.00 -30.62
C LYS B 56 28.41 16.62 -29.17
N GLU B 57 29.16 17.43 -28.44
CA GLU B 57 29.24 17.25 -27.00
C GLU B 57 28.35 18.33 -26.39
N ILE B 58 27.60 17.96 -25.34
CA ILE B 58 26.77 18.93 -24.62
C ILE B 58 27.22 18.98 -23.17
N SER B 59 26.83 20.04 -22.47
CA SER B 59 27.47 20.36 -21.18
C SER B 59 26.87 19.61 -19.99
N VAL B 60 25.64 19.15 -20.17
CA VAL B 60 24.80 18.60 -19.12
C VAL B 60 23.88 17.58 -19.89
N PRO B 61 23.57 16.43 -19.27
CA PRO B 61 22.74 15.43 -19.95
C PRO B 61 21.21 15.76 -19.85
N VAL B 62 20.83 16.95 -20.32
CA VAL B 62 19.46 17.36 -20.24
C VAL B 62 19.20 18.03 -21.57
N MET B 63 17.97 17.91 -22.05
CA MET B 63 17.62 18.73 -23.26
C MET B 63 16.28 19.43 -23.04
N VAL B 64 16.04 20.54 -23.75
CA VAL B 64 14.67 21.09 -23.78
C VAL B 64 13.95 20.42 -24.97
N THR B 65 12.80 19.77 -24.75
CA THR B 65 12.12 19.11 -25.88
C THR B 65 11.18 20.07 -26.56
N GLY B 66 10.74 19.67 -27.73
CA GLY B 66 9.99 20.61 -28.58
C GLY B 66 8.65 21.10 -28.04
N MET B 67 8.39 22.38 -28.24
CA MET B 67 7.09 22.95 -27.81
C MET B 67 6.45 23.91 -28.82
N THR B 68 7.18 24.89 -29.37
CA THR B 68 6.43 25.87 -30.07
C THR B 68 7.17 26.51 -31.21
N GLY B 69 6.53 27.57 -31.71
CA GLY B 69 6.99 28.24 -32.95
C GLY B 69 5.80 28.41 -33.85
N GLY B 70 5.83 29.42 -34.74
CA GLY B 70 4.86 29.52 -35.84
C GLY B 70 4.13 30.84 -35.92
N ARG B 71 4.25 31.63 -34.84
CA ARG B 71 3.66 32.98 -34.75
C ARG B 71 4.79 33.86 -34.17
N ASN B 72 4.70 35.17 -34.32
CA ASN B 72 5.69 36.05 -33.69
C ASN B 72 5.95 35.86 -32.19
N GLU B 73 4.87 35.77 -31.41
CA GLU B 73 5.03 35.71 -29.95
C GLU B 73 5.67 34.39 -29.53
N LEU B 74 5.39 33.33 -30.32
CA LEU B 74 5.99 32.00 -30.13
C LEU B 74 7.46 32.03 -30.57
N GLY B 75 7.75 32.79 -31.61
CA GLY B 75 9.14 33.03 -31.93
C GLY B 75 9.90 33.75 -30.81
N ARG B 76 9.25 34.67 -30.10
CA ARG B 76 9.92 35.37 -28.99
C ARG B 76 10.28 34.37 -27.85
N ILE B 77 9.38 33.45 -27.57
CA ILE B 77 9.65 32.45 -26.49
C ILE B 77 10.77 31.53 -27.00
N ASN B 78 10.68 31.09 -28.25
CA ASN B 78 11.79 30.26 -28.81
C ASN B 78 13.15 30.95 -28.73
N LYS B 79 13.20 32.25 -29.04
CA LYS B 79 14.47 32.98 -28.95
C LYS B 79 15.06 33.00 -27.53
N ILE B 80 14.20 33.25 -26.54
CA ILE B 80 14.64 33.14 -25.12
C ILE B 80 15.19 31.78 -24.77
N ILE B 81 14.40 30.73 -25.09
CA ILE B 81 14.88 29.39 -24.75
C ILE B 81 16.19 29.09 -25.43
N ALA B 82 16.31 29.42 -26.71
CA ALA B 82 17.50 29.10 -27.47
C ALA B 82 18.70 29.86 -26.97
N GLU B 83 18.52 31.11 -26.60
CA GLU B 83 19.75 31.81 -26.16
C GLU B 83 20.28 31.29 -24.81
N VAL B 84 19.35 30.86 -23.97
CA VAL B 84 19.75 30.33 -22.67
C VAL B 84 20.33 28.96 -22.90
N ALA B 85 19.63 28.13 -23.69
CA ALA B 85 20.25 26.82 -24.04
C ALA B 85 21.70 26.88 -24.62
N GLU B 86 21.91 27.81 -25.55
CA GLU B 86 23.24 28.02 -26.09
C GLU B 86 24.19 28.39 -24.95
N LYS B 87 23.78 29.31 -24.10
CA LYS B 87 24.71 29.70 -22.94
C LYS B 87 25.09 28.51 -22.01
N PHE B 88 24.14 27.62 -21.72
CA PHE B 88 24.32 26.43 -20.89
C PHE B 88 24.84 25.20 -21.65
N GLY B 89 24.91 25.26 -22.97
CA GLY B 89 25.41 24.11 -23.69
C GLY B 89 24.46 22.93 -23.72
N ILE B 90 23.19 23.21 -23.72
CA ILE B 90 22.17 22.14 -23.70
C ILE B 90 21.36 22.12 -25.04
N PRO B 91 21.09 20.92 -25.53
CA PRO B 91 20.27 20.87 -26.78
C PRO B 91 18.86 21.34 -26.64
N MET B 92 18.30 21.86 -27.74
CA MET B 92 16.93 22.34 -27.72
C MET B 92 16.20 21.79 -28.97
N GLY B 93 15.02 21.20 -28.71
CA GLY B 93 14.12 20.91 -29.83
C GLY B 93 13.12 22.02 -29.97
N VAL B 94 12.66 22.23 -31.22
CA VAL B 94 11.59 23.18 -31.48
C VAL B 94 10.25 22.45 -31.54
N GLY B 95 9.15 23.22 -31.44
CA GLY B 95 7.82 22.67 -31.65
C GLY B 95 7.58 22.26 -33.10
N SER B 96 6.45 21.62 -33.34
CA SER B 96 6.15 21.11 -34.67
C SER B 96 6.32 22.22 -35.72
N GLN B 97 6.99 21.85 -36.81
CA GLN B 97 7.26 22.84 -37.84
C GLN B 97 6.20 22.84 -38.96
N ARG B 98 5.10 22.13 -38.73
CA ARG B 98 4.06 22.03 -39.79
C ARG B 98 3.61 23.40 -40.34
N VAL B 99 3.36 24.33 -39.44
CA VAL B 99 2.90 25.62 -39.91
C VAL B 99 3.91 26.31 -40.79
N ALA B 100 5.22 26.12 -40.50
CA ALA B 100 6.25 26.82 -41.30
C ALA B 100 6.51 26.12 -42.67
N ILE B 101 6.21 24.83 -42.73
CA ILE B 101 6.23 24.12 -43.98
C ILE B 101 5.07 24.65 -44.82
N GLU B 102 3.95 24.89 -44.19
CA GLU B 102 2.77 25.40 -44.92
C GLU B 102 2.83 26.88 -45.30
N LYS B 103 3.46 27.71 -44.49
CA LYS B 103 3.43 29.19 -44.67
C LYS B 103 4.79 29.79 -44.46
N ALA B 104 5.34 30.49 -45.47
CA ALA B 104 6.69 31.09 -45.32
C ALA B 104 6.77 32.07 -44.14
N GLU B 105 5.67 32.74 -43.78
CA GLU B 105 5.72 33.80 -42.74
C GLU B 105 6.00 33.20 -41.35
N ALA B 106 5.74 31.89 -41.21
CA ALA B 106 5.90 31.21 -39.93
C ALA B 106 7.36 30.68 -39.77
N ARG B 107 8.19 30.80 -40.80
CA ARG B 107 9.55 30.27 -40.74
C ARG B 107 10.50 30.94 -39.75
N GLU B 108 10.39 32.27 -39.61
CA GLU B 108 11.38 33.02 -38.84
C GLU B 108 11.30 32.65 -37.34
N SER B 109 10.07 32.39 -36.84
CA SER B 109 9.85 32.00 -35.46
C SER B 109 10.51 30.66 -35.12
N PHE B 110 10.96 29.92 -36.16
CA PHE B 110 11.78 28.72 -35.94
C PHE B 110 13.22 29.06 -36.21
N ALA B 111 13.50 29.74 -37.32
CA ALA B 111 14.89 29.96 -37.67
C ALA B 111 15.69 30.78 -36.63
N ILE B 112 15.00 31.69 -35.93
CA ILE B 112 15.58 32.52 -34.87
C ILE B 112 16.41 31.67 -33.90
N VAL B 113 15.97 30.43 -33.65
CA VAL B 113 16.66 29.53 -32.71
C VAL B 113 18.15 29.32 -33.15
N ARG B 114 18.38 29.06 -34.45
CA ARG B 114 19.73 28.78 -34.91
C ARG B 114 20.53 30.07 -34.97
N LYS B 115 19.87 31.21 -35.12
CA LYS B 115 20.57 32.46 -35.16
C LYS B 115 21.23 32.81 -33.80
N VAL B 116 20.48 32.58 -32.73
CA VAL B 116 20.97 32.91 -31.37
C VAL B 116 21.63 31.74 -30.71
N ALA B 117 21.48 30.55 -31.32
CA ALA B 117 22.15 29.34 -30.81
C ALA B 117 22.93 28.59 -31.83
N PRO B 118 24.10 29.12 -32.24
CA PRO B 118 24.84 28.53 -33.33
C PRO B 118 25.56 27.26 -33.06
N THR B 119 25.81 26.89 -31.81
CA THR B 119 26.64 25.76 -31.59
C THR B 119 25.92 24.51 -31.06
N ILE B 120 24.90 24.69 -30.21
CA ILE B 120 24.30 23.48 -29.56
C ILE B 120 23.54 22.65 -30.59
N PRO B 121 23.20 21.41 -30.19
CA PRO B 121 22.30 20.60 -31.07
C PRO B 121 20.90 21.22 -31.06
N ILE B 122 20.27 21.32 -32.28
CA ILE B 122 18.92 21.81 -32.42
C ILE B 122 18.17 20.75 -33.12
N ILE B 123 16.95 20.41 -32.60
CA ILE B 123 16.24 19.25 -33.08
C ILE B 123 14.93 19.76 -33.71
N ALA B 124 14.81 19.49 -35.02
CA ALA B 124 13.59 19.78 -35.77
C ALA B 124 12.40 18.96 -35.25
N ASN B 125 11.21 19.27 -35.74
CA ASN B 125 10.05 18.54 -35.30
C ASN B 125 8.94 18.51 -36.29
N LEU B 126 8.45 17.30 -36.50
CA LEU B 126 7.15 17.18 -37.32
C LEU B 126 6.33 16.06 -36.66
N GLY B 127 5.02 16.05 -36.89
CA GLY B 127 4.27 14.95 -36.29
C GLY B 127 4.14 13.71 -37.11
N MET B 128 3.98 12.56 -36.46
CA MET B 128 3.67 11.38 -37.21
C MET B 128 2.40 11.59 -38.09
N PRO B 129 1.42 12.35 -37.62
CA PRO B 129 0.21 12.45 -38.46
C PRO B 129 0.57 13.21 -39.80
N GLN B 130 1.57 14.07 -39.78
CA GLN B 130 2.02 14.62 -41.11
C GLN B 130 2.52 13.60 -42.07
N LEU B 131 3.17 12.52 -41.64
CA LEU B 131 3.57 11.43 -42.53
C LEU B 131 2.44 10.56 -42.96
N VAL B 132 1.43 10.55 -42.12
CA VAL B 132 0.23 9.88 -42.46
C VAL B 132 -0.47 10.63 -43.56
N LYS B 133 -0.32 11.92 -43.54
CA LYS B 133 -0.91 12.80 -44.53
C LYS B 133 0.11 13.20 -45.62
N GLY B 134 0.96 12.36 -46.11
CA GLY B 134 1.71 12.98 -47.22
C GLY B 134 2.69 14.19 -47.09
N TYR B 135 3.24 14.40 -45.93
CA TYR B 135 4.57 14.95 -45.86
C TYR B 135 5.50 13.83 -46.32
N GLY B 136 6.64 14.17 -46.92
CA GLY B 136 7.60 13.15 -47.34
C GLY B 136 9.03 13.72 -47.13
N LEU B 137 9.95 13.26 -47.99
CA LEU B 137 11.36 13.61 -47.78
C LEU B 137 11.63 15.12 -47.85
N LYS B 138 11.07 15.80 -48.85
CA LYS B 138 11.37 17.21 -48.99
C LYS B 138 10.89 18.05 -47.82
N GLU B 139 9.68 17.78 -47.31
CA GLU B 139 9.24 18.56 -46.14
C GLU B 139 10.12 18.30 -44.89
N PHE B 140 10.62 17.07 -44.72
CA PHE B 140 11.58 16.73 -43.63
C PHE B 140 12.90 17.48 -43.84
N GLN B 141 13.41 17.44 -45.06
CA GLN B 141 14.63 18.18 -45.35
C GLN B 141 14.45 19.68 -45.11
N ASP B 142 13.29 20.20 -45.45
CA ASP B 142 13.00 21.63 -45.33
C ASP B 142 12.91 22.01 -43.83
N ALA B 143 12.37 21.08 -43.02
CA ALA B 143 12.25 21.35 -41.53
C ALA B 143 13.65 21.36 -40.92
N ILE B 144 14.48 20.50 -41.39
CA ILE B 144 15.88 20.43 -40.89
C ILE B 144 16.65 21.66 -41.35
N GLN B 145 16.49 22.00 -42.60
CA GLN B 145 17.31 23.13 -43.17
C GLN B 145 16.95 24.46 -42.59
N MET B 146 15.69 24.60 -42.17
CA MET B 146 15.11 25.83 -41.72
C MET B 146 15.88 26.28 -40.48
N ILE B 147 16.37 25.31 -39.71
CA ILE B 147 17.06 25.66 -38.41
C ILE B 147 18.44 25.03 -38.36
N GLU B 148 18.98 24.57 -39.52
CA GLU B 148 20.24 23.78 -39.54
C GLU B 148 20.27 22.76 -38.43
N ALA B 149 19.20 21.91 -38.38
CA ALA B 149 19.05 20.95 -37.32
C ALA B 149 20.07 19.85 -37.31
N ASP B 150 20.39 19.38 -36.10
CA ASP B 150 21.21 18.22 -35.90
C ASP B 150 20.48 16.86 -35.82
N ALA B 151 19.15 16.92 -35.83
CA ALA B 151 18.31 15.73 -35.74
C ALA B 151 16.90 16.21 -35.99
N ILE B 152 16.01 15.25 -36.25
CA ILE B 152 14.59 15.64 -36.33
C ILE B 152 13.77 14.67 -35.44
N ALA B 153 12.86 15.26 -34.68
CA ALA B 153 12.01 14.39 -33.86
C ALA B 153 10.67 14.29 -34.61
N VAL B 154 10.13 13.11 -34.58
CA VAL B 154 8.75 12.82 -35.11
C VAL B 154 7.92 12.45 -33.89
N HIS B 155 6.86 13.23 -33.65
CA HIS B 155 6.08 13.01 -32.39
C HIS B 155 4.81 12.14 -32.64
N LEU B 156 4.48 11.38 -31.61
CA LEU B 156 3.29 10.55 -31.61
C LEU B 156 2.36 11.23 -30.58
N ASN B 157 1.11 11.46 -30.97
CA ASN B 157 0.20 12.07 -30.02
C ASN B 157 -1.22 11.53 -30.17
N PRO B 158 -1.36 10.23 -30.37
CA PRO B 158 -2.73 9.73 -30.56
C PRO B 158 -3.70 10.01 -29.43
N ALA B 159 -3.24 9.98 -28.18
CA ALA B 159 -4.18 10.28 -27.05
C ALA B 159 -4.72 11.68 -27.10
N GLN B 160 -3.83 12.63 -27.40
CA GLN B 160 -4.30 14.03 -27.53
C GLN B 160 -5.30 14.14 -28.68
N GLU B 161 -5.04 13.45 -29.80
CA GLU B 161 -5.86 13.55 -30.97
C GLU B 161 -7.24 12.92 -30.78
N VAL B 162 -7.31 11.87 -29.99
CA VAL B 162 -8.63 11.18 -29.76
C VAL B 162 -9.61 12.10 -29.02
N PHE B 163 -9.11 12.98 -28.15
CA PHE B 163 -9.99 13.79 -27.26
C PHE B 163 -10.16 15.18 -27.76
N GLN B 164 -9.49 15.51 -28.87
CA GLN B 164 -9.67 16.86 -29.49
C GLN B 164 -11.08 17.05 -29.93
N PRO B 165 -11.55 18.31 -29.86
CA PRO B 165 -12.93 18.54 -30.17
C PRO B 165 -13.18 17.96 -31.57
N GLU B 166 -12.20 18.17 -32.43
CA GLU B 166 -12.22 17.68 -33.83
C GLU B 166 -11.57 16.44 -34.31
N GLY B 167 -11.59 15.33 -33.64
CA GLY B 167 -10.37 14.61 -33.91
C GLY B 167 -10.44 13.22 -34.35
N GLU B 168 -9.59 12.85 -35.29
CA GLU B 168 -9.54 11.47 -35.64
C GLU B 168 -8.18 11.08 -35.96
N PRO B 169 -7.53 10.37 -35.03
CA PRO B 169 -6.18 10.01 -35.27
C PRO B 169 -6.11 8.88 -36.30
N GLU B 170 -5.02 8.92 -37.10
CA GLU B 170 -4.72 7.89 -38.11
C GLU B 170 -3.27 7.52 -37.97
N TYR B 171 -3.00 6.25 -37.65
CA TYR B 171 -1.67 5.80 -37.43
C TYR B 171 -1.39 4.49 -38.15
N GLN B 172 -1.62 4.49 -39.48
CA GLN B 172 -1.45 3.24 -40.32
C GLN B 172 0.06 2.93 -40.56
N ILE B 173 0.37 1.66 -40.68
CA ILE B 173 1.74 1.21 -40.85
C ILE B 173 2.50 1.83 -42.04
N TYR B 174 1.78 2.28 -43.08
CA TYR B 174 2.54 2.88 -44.17
C TYR B 174 3.27 4.14 -43.78
N ALA B 175 2.84 4.80 -42.68
CA ALA B 175 3.60 5.96 -42.23
C ALA B 175 4.99 5.53 -41.80
N LEU B 176 5.13 4.36 -41.14
CA LEU B 176 6.44 3.90 -40.67
C LEU B 176 7.27 3.41 -41.92
N GLU B 177 6.55 2.90 -42.90
CA GLU B 177 7.23 2.63 -44.20
C GLU B 177 7.77 3.89 -44.81
N LYS B 178 6.98 4.97 -44.80
CA LYS B 178 7.45 6.25 -45.32
C LYS B 178 8.62 6.73 -44.47
N LEU B 179 8.50 6.63 -43.11
CA LEU B 179 9.59 7.12 -42.28
C LEU B 179 10.89 6.38 -42.48
N ARG B 180 10.81 5.05 -42.62
CA ARG B 180 11.97 4.21 -42.92
C ARG B 180 12.53 4.70 -44.29
N ASP B 181 11.72 4.91 -45.31
CA ASP B 181 12.29 5.45 -46.58
C ASP B 181 12.96 6.79 -46.46
N ILE B 182 12.33 7.70 -45.70
CA ILE B 182 12.90 8.98 -45.50
C ILE B 182 14.24 8.92 -44.78
N SER B 183 14.38 8.01 -43.81
CA SER B 183 15.58 7.95 -42.93
C SER B 183 16.83 7.64 -43.76
N LYS B 184 16.64 6.92 -44.87
CA LYS B 184 17.68 6.59 -45.86
C LYS B 184 18.31 7.75 -46.53
N GLU B 185 17.63 8.85 -46.64
CA GLU B 185 17.97 9.92 -47.47
C GLU B 185 18.28 11.17 -46.66
N LEU B 186 18.00 11.16 -45.34
CA LEU B 186 18.34 12.33 -44.47
C LEU B 186 19.79 12.37 -44.03
N SER B 187 20.33 13.55 -43.77
CA SER B 187 21.71 13.66 -43.31
C SER B 187 21.82 13.60 -41.80
N VAL B 188 20.67 13.55 -41.12
CA VAL B 188 20.70 13.61 -39.66
C VAL B 188 19.74 12.56 -39.12
N PRO B 189 19.91 12.15 -37.87
CA PRO B 189 19.15 11.02 -37.31
C PRO B 189 17.72 11.48 -36.95
N ILE B 190 16.83 10.47 -36.85
CA ILE B 190 15.43 10.73 -36.45
C ILE B 190 15.30 10.23 -35.01
N ILE B 191 14.53 11.02 -34.19
CA ILE B 191 14.14 10.54 -32.84
C ILE B 191 12.62 10.42 -32.86
N VAL B 192 12.07 9.31 -32.37
CA VAL B 192 10.60 9.26 -32.26
C VAL B 192 10.27 9.50 -30.80
N LYS B 193 9.38 10.49 -30.58
CA LYS B 193 9.03 10.82 -29.17
C LYS B 193 7.49 10.73 -28.99
N GLU B 194 7.05 10.49 -27.75
CA GLU B 194 5.60 10.64 -27.48
C GLU B 194 5.37 12.11 -27.07
N SER B 195 4.20 12.34 -26.55
CA SER B 195 3.73 13.69 -26.22
C SER B 195 2.94 13.56 -24.94
N GLY B 196 3.45 12.85 -23.97
CA GLY B 196 2.82 12.87 -22.63
C GLY B 196 2.17 11.58 -22.21
N ASN B 197 2.14 10.56 -23.14
CA ASN B 197 1.48 9.32 -22.73
C ASN B 197 2.39 8.05 -22.83
N GLY B 198 3.64 8.32 -23.22
CA GLY B 198 4.72 7.32 -22.97
C GLY B 198 4.89 6.20 -24.06
N ILE B 199 6.13 5.71 -24.16
CA ILE B 199 6.50 4.61 -25.11
C ILE B 199 6.55 3.27 -24.39
N SER B 200 5.78 2.31 -24.95
CA SER B 200 5.72 0.95 -24.39
C SER B 200 6.79 0.09 -25.11
N MET B 201 7.00 -1.11 -24.57
CA MET B 201 7.94 -2.07 -25.29
C MET B 201 7.36 -2.44 -26.68
N GLU B 202 6.04 -2.62 -26.82
CA GLU B 202 5.53 -2.95 -28.17
C GLU B 202 5.73 -1.86 -29.15
N THR B 203 5.50 -0.61 -28.73
CA THR B 203 5.73 0.46 -29.63
C THR B 203 7.23 0.69 -29.96
N ALA B 204 8.08 0.52 -28.99
CA ALA B 204 9.50 0.74 -29.19
C ALA B 204 10.04 -0.39 -30.19
N LYS B 205 9.62 -1.59 -29.94
CA LYS B 205 10.08 -2.76 -30.81
C LYS B 205 9.53 -2.54 -32.20
N LEU B 206 8.25 -2.12 -32.37
CA LEU B 206 7.73 -1.85 -33.72
C LEU B 206 8.58 -0.79 -34.38
N LEU B 207 8.86 0.32 -33.68
CA LEU B 207 9.62 1.43 -34.31
C LEU B 207 11.06 0.96 -34.68
N TYR B 208 11.62 0.13 -33.81
CA TYR B 208 13.00 -0.33 -34.00
C TYR B 208 13.04 -1.23 -35.26
N SER B 209 11.98 -1.97 -35.48
CA SER B 209 11.87 -2.88 -36.68
C SER B 209 11.87 -2.08 -38.00
N TYR B 210 11.53 -0.77 -37.98
CA TYR B 210 11.54 0.13 -39.09
C TYR B 210 12.79 1.03 -39.13
N GLY B 211 13.69 0.76 -38.20
CA GLY B 211 15.03 1.41 -38.26
C GLY B 211 15.21 2.51 -37.27
N ILE B 212 14.22 2.69 -36.38
CA ILE B 212 14.38 3.82 -35.44
C ILE B 212 15.18 3.37 -34.17
N LYS B 213 16.19 4.16 -33.79
CA LYS B 213 17.07 3.71 -32.71
C LYS B 213 17.06 4.77 -31.61
N ASN B 214 16.42 5.93 -31.87
CA ASN B 214 16.50 7.06 -30.89
C ASN B 214 15.07 7.34 -30.42
N PHE B 215 14.84 7.43 -29.08
CA PHE B 215 13.43 7.49 -28.61
C PHE B 215 13.39 8.52 -27.50
N ASP B 216 12.28 9.23 -27.40
CA ASP B 216 12.13 10.14 -26.22
C ASP B 216 10.78 9.69 -25.57
N THR B 217 10.86 9.23 -24.33
CA THR B 217 9.74 8.56 -23.65
C THR B 217 8.46 9.40 -23.60
N SER B 218 8.62 10.65 -23.22
CA SER B 218 7.52 11.55 -22.97
C SER B 218 6.34 10.81 -22.29
N GLY B 219 6.61 10.25 -21.10
CA GLY B 219 5.63 9.47 -20.36
C GLY B 219 4.58 10.33 -19.66
N GLN B 220 3.61 9.60 -19.08
CA GLN B 220 2.66 10.33 -18.22
C GLN B 220 3.32 10.78 -16.94
N GLY B 221 2.72 11.79 -16.32
CA GLY B 221 3.20 12.35 -15.07
C GLY B 221 3.62 13.79 -15.15
N GLY B 222 3.87 14.30 -16.39
CA GLY B 222 4.26 15.65 -16.64
C GLY B 222 3.07 16.28 -17.30
N THR B 223 3.36 17.08 -18.35
CA THR B 223 2.27 17.75 -19.02
C THR B 223 1.19 16.77 -19.50
N ASN B 224 -0.07 17.03 -19.13
CA ASN B 224 -1.13 16.09 -19.40
C ASN B 224 -1.95 16.62 -20.55
N TRP B 225 -1.64 16.12 -21.73
CA TRP B 225 -2.26 16.61 -22.95
C TRP B 225 -3.71 16.14 -23.10
N ILE B 226 -4.04 14.99 -22.50
CA ILE B 226 -5.46 14.58 -22.38
C ILE B 226 -6.19 15.67 -21.55
N ALA B 227 -5.55 16.14 -20.51
CA ALA B 227 -6.17 17.19 -19.63
C ALA B 227 -6.32 18.46 -20.42
N ILE B 228 -5.33 18.81 -21.22
CA ILE B 228 -5.39 20.06 -22.05
C ILE B 228 -6.57 19.95 -22.98
N GLU B 229 -6.73 18.82 -23.66
CA GLU B 229 -7.89 18.72 -24.60
C GLU B 229 -9.22 18.66 -23.82
N MET B 230 -9.23 18.04 -22.66
CA MET B 230 -10.40 18.09 -21.74
C MET B 230 -10.80 19.54 -21.48
N ILE B 231 -9.81 20.36 -21.19
CA ILE B 231 -10.12 21.80 -20.93
C ILE B 231 -10.63 22.49 -22.15
N ARG B 232 -9.99 22.28 -23.32
CA ARG B 232 -10.59 22.81 -24.58
C ARG B 232 -12.03 22.33 -24.81
N ASP B 233 -12.31 21.06 -24.47
CA ASP B 233 -13.67 20.53 -24.67
C ASP B 233 -14.60 21.21 -23.66
N ILE B 234 -14.14 21.45 -22.44
CA ILE B 234 -14.97 22.15 -21.42
C ILE B 234 -15.33 23.55 -21.94
N ARG B 235 -14.35 24.26 -22.44
CA ARG B 235 -14.56 25.66 -22.95
C ARG B 235 -15.52 25.73 -24.08
N ARG B 236 -15.72 24.62 -24.80
CA ARG B 236 -16.68 24.55 -25.94
C ARG B 236 -18.03 23.92 -25.57
N GLY B 237 -18.18 23.49 -24.31
CA GLY B 237 -19.39 22.79 -23.87
C GLY B 237 -19.54 21.46 -24.60
N ASN B 238 -18.38 20.89 -24.93
CA ASN B 238 -18.27 19.57 -25.62
C ASN B 238 -18.25 18.37 -24.63
N TRP B 239 -19.17 17.38 -24.82
CA TRP B 239 -19.34 16.32 -23.84
C TRP B 239 -18.09 15.42 -23.82
N LYS B 240 -17.27 15.50 -24.86
CA LYS B 240 -15.96 14.70 -24.79
C LYS B 240 -15.16 15.04 -23.60
N ALA B 241 -15.42 16.22 -22.97
CA ALA B 241 -14.61 16.50 -21.77
C ALA B 241 -14.75 15.46 -20.68
N GLU B 242 -15.97 14.92 -20.48
CA GLU B 242 -16.19 13.98 -19.39
C GLU B 242 -15.50 12.69 -19.75
N SER B 243 -15.52 12.36 -21.04
CA SER B 243 -14.76 11.14 -21.50
C SER B 243 -13.27 11.29 -21.28
N ALA B 244 -12.72 12.42 -21.67
CA ALA B 244 -11.26 12.75 -21.39
C ALA B 244 -10.93 12.60 -19.89
N LYS B 245 -11.85 13.07 -19.04
CA LYS B 245 -11.65 12.88 -17.63
C LYS B 245 -11.37 11.44 -17.17
N ASN B 246 -12.06 10.51 -17.79
CA ASN B 246 -11.93 9.12 -17.46
C ASN B 246 -10.54 8.56 -17.94
N PHE B 247 -9.90 9.31 -18.82
CA PHE B 247 -8.56 8.90 -19.33
C PHE B 247 -7.42 9.76 -18.79
N LEU B 248 -7.67 10.57 -17.73
CA LEU B 248 -6.54 11.45 -17.32
C LEU B 248 -5.31 10.69 -16.88
N ASP B 249 -5.43 9.45 -16.38
CA ASP B 249 -4.27 8.66 -15.95
C ASP B 249 -3.90 7.61 -16.98
N TRP B 250 -4.30 7.82 -18.25
CA TRP B 250 -3.98 6.88 -19.36
C TRP B 250 -2.50 7.14 -19.78
N GLY B 251 -1.81 6.01 -20.02
CA GLY B 251 -0.44 6.11 -20.59
C GLY B 251 0.62 5.33 -19.75
N VAL B 252 1.81 5.21 -20.30
CA VAL B 252 2.91 4.56 -19.57
C VAL B 252 3.59 5.68 -18.77
N PRO B 253 3.71 5.51 -17.44
CA PRO B 253 4.43 6.49 -16.61
C PRO B 253 5.89 6.57 -17.08
N THR B 254 6.43 7.76 -17.05
CA THR B 254 7.81 8.02 -17.47
C THR B 254 8.83 6.99 -16.98
N ALA B 255 8.81 6.68 -15.66
CA ALA B 255 9.83 5.74 -15.19
C ALA B 255 9.65 4.35 -15.82
N ALA B 256 8.42 3.94 -15.97
CA ALA B 256 8.18 2.63 -16.58
C ALA B 256 8.48 2.64 -18.06
N SER B 257 8.33 3.79 -18.72
CA SER B 257 8.62 3.85 -20.16
C SER B 257 10.13 3.81 -20.40
N ILE B 258 10.86 4.48 -19.51
CA ILE B 258 12.38 4.40 -19.55
C ILE B 258 12.76 2.93 -19.44
N MET B 259 12.26 2.20 -18.43
CA MET B 259 12.56 0.79 -18.28
C MET B 259 12.14 -0.04 -19.48
N GLU B 260 10.94 0.22 -20.00
CA GLU B 260 10.41 -0.57 -21.13
C GLU B 260 11.27 -0.36 -22.39
N VAL B 261 11.71 0.85 -22.65
CA VAL B 261 12.47 1.13 -23.93
C VAL B 261 13.90 0.58 -23.79
N ARG B 262 14.52 0.83 -22.64
CA ARG B 262 15.91 0.36 -22.44
C ARG B 262 15.95 -1.13 -22.39
N TYR B 263 14.92 -1.78 -21.85
CA TYR B 263 14.95 -3.25 -21.85
C TYR B 263 14.68 -3.87 -23.21
N SER B 264 13.74 -3.31 -23.94
CA SER B 264 13.30 -3.89 -25.22
C SER B 264 14.23 -3.45 -26.34
N VAL B 265 14.88 -2.29 -26.17
CA VAL B 265 15.82 -1.84 -27.17
C VAL B 265 17.14 -1.39 -26.49
N PRO B 266 17.98 -2.37 -26.16
CA PRO B 266 19.10 -2.06 -25.28
C PRO B 266 20.13 -1.14 -25.88
N ASP B 267 20.19 -1.06 -27.21
CA ASP B 267 21.17 -0.19 -27.90
C ASP B 267 20.62 1.17 -28.21
N SER B 268 19.42 1.48 -27.69
CA SER B 268 18.81 2.77 -28.07
C SER B 268 19.49 3.97 -27.49
N PHE B 269 19.34 5.10 -28.17
CA PHE B 269 19.71 6.37 -27.56
C PHE B 269 18.37 6.87 -27.00
N LEU B 270 18.33 7.13 -25.68
CA LEU B 270 16.98 7.22 -25.00
C LEU B 270 16.94 8.53 -24.21
N VAL B 271 16.00 9.38 -24.58
CA VAL B 271 15.68 10.64 -23.76
C VAL B 271 14.55 10.21 -22.79
N GLY B 272 14.78 10.46 -21.47
CA GLY B 272 13.78 10.16 -20.39
C GLY B 272 13.07 11.46 -20.17
N SER B 273 11.80 11.56 -20.54
CA SER B 273 11.07 12.86 -20.38
C SER B 273 9.58 12.55 -20.06
N GLY B 274 8.90 13.60 -19.60
CA GLY B 274 7.53 13.56 -19.14
C GLY B 274 7.59 13.74 -17.65
N GLY B 275 7.38 15.02 -17.21
CA GLY B 275 7.32 15.23 -15.75
C GLY B 275 8.69 15.30 -15.08
N ILE B 276 9.73 15.56 -15.86
CA ILE B 276 11.02 15.86 -15.25
C ILE B 276 11.02 17.30 -14.74
N ARG B 277 11.08 17.46 -13.41
CA ARG B 277 10.85 18.84 -12.84
C ARG B 277 11.96 19.28 -11.92
N SER B 278 12.96 18.44 -11.69
CA SER B 278 14.12 18.79 -10.88
C SER B 278 15.33 18.05 -11.42
N GLY B 279 16.51 18.48 -10.99
CA GLY B 279 17.75 17.75 -11.33
C GLY B 279 17.75 16.37 -10.69
N LEU B 280 16.99 16.16 -9.61
CA LEU B 280 16.89 14.86 -9.03
C LEU B 280 16.04 13.94 -9.91
N ASP B 281 14.93 14.45 -10.45
CA ASP B 281 14.18 13.68 -11.40
C ASP B 281 15.09 13.32 -12.61
N ALA B 282 15.90 14.28 -13.07
CA ALA B 282 16.79 14.06 -14.20
C ALA B 282 17.78 12.94 -13.86
N ALA B 283 18.39 13.01 -12.68
CA ALA B 283 19.34 11.97 -12.30
C ALA B 283 18.66 10.58 -12.19
N LYS B 284 17.42 10.55 -11.70
CA LYS B 284 16.69 9.27 -11.61
C LYS B 284 16.44 8.71 -13.00
N ALA B 285 16.00 9.57 -13.93
CA ALA B 285 15.76 9.12 -15.32
C ALA B 285 17.00 8.50 -15.94
N ILE B 286 18.15 9.17 -15.76
CA ILE B 286 19.42 8.64 -16.29
C ILE B 286 19.85 7.34 -15.57
N ALA B 287 19.83 7.29 -14.22
CA ALA B 287 20.20 6.08 -13.55
C ALA B 287 19.28 4.90 -13.93
N LEU B 288 18.02 5.21 -14.17
CA LEU B 288 17.11 4.14 -14.59
C LEU B 288 17.35 3.57 -15.94
N GLY B 289 17.94 4.32 -16.86
CA GLY B 289 18.28 3.79 -18.16
C GLY B 289 18.29 4.83 -19.26
N ALA B 290 17.88 6.11 -19.00
CA ALA B 290 17.97 7.10 -20.08
C ALA B 290 19.40 7.61 -20.27
N ASP B 291 19.64 8.07 -21.48
CA ASP B 291 20.91 8.80 -21.75
C ASP B 291 20.90 10.27 -21.44
N ILE B 292 19.74 10.88 -21.49
CA ILE B 292 19.58 12.33 -21.38
C ILE B 292 18.20 12.44 -20.71
N ALA B 293 18.00 13.51 -19.90
CA ALA B 293 16.62 13.80 -19.38
C ALA B 293 16.09 14.97 -20.18
N GLY B 294 14.83 14.90 -20.58
CA GLY B 294 14.27 16.04 -21.37
C GLY B 294 13.20 16.75 -20.52
N MET B 295 13.03 18.05 -20.79
CA MET B 295 11.98 18.83 -20.08
C MET B 295 11.34 19.78 -21.09
N ALA B 296 10.04 20.04 -20.91
CA ALA B 296 9.34 21.04 -21.79
C ALA B 296 8.59 22.06 -20.94
N LEU B 297 7.53 21.64 -20.28
CA LEU B 297 6.62 22.66 -19.63
C LEU B 297 7.32 23.64 -18.66
N PRO B 298 8.23 23.17 -17.78
CA PRO B 298 8.77 24.13 -16.81
C PRO B 298 9.67 25.11 -17.54
N VAL B 299 10.26 24.68 -18.65
CA VAL B 299 11.09 25.64 -19.44
C VAL B 299 10.22 26.73 -20.08
N LEU B 300 9.06 26.34 -20.64
CA LEU B 300 8.07 27.26 -21.18
C LEU B 300 7.65 28.25 -20.10
N LYS B 301 7.28 27.75 -18.90
CA LYS B 301 6.78 28.67 -17.86
C LYS B 301 7.85 29.66 -17.41
N SER B 302 9.09 29.22 -17.29
CA SER B 302 10.19 30.12 -16.93
C SER B 302 10.53 31.07 -18.10
N ALA B 303 10.51 30.58 -19.33
CA ALA B 303 10.79 31.51 -20.47
C ALA B 303 9.75 32.66 -20.57
N ILE B 304 8.49 32.34 -20.29
CA ILE B 304 7.44 33.34 -20.22
C ILE B 304 7.79 34.38 -19.16
N GLU B 305 8.31 33.97 -18.03
CA GLU B 305 8.77 34.91 -17.03
C GLU B 305 9.90 35.73 -17.50
N GLY B 306 10.86 35.19 -18.23
CA GLY B 306 11.88 35.96 -18.88
C GLY B 306 13.20 35.22 -18.92
N LYS B 307 14.16 35.81 -19.61
CA LYS B 307 15.47 35.23 -19.74
C LYS B 307 16.10 34.92 -18.38
N GLU B 308 16.06 35.89 -17.46
CA GLU B 308 16.71 35.67 -16.14
C GLU B 308 16.08 34.52 -15.36
N SER B 309 14.76 34.44 -15.45
CA SER B 309 14.05 33.37 -14.76
C SER B 309 14.47 31.98 -15.37
N LEU B 310 14.62 31.93 -16.69
CA LEU B 310 15.02 30.67 -17.30
C LEU B 310 16.48 30.35 -16.96
N GLU B 311 17.36 31.34 -16.90
CA GLU B 311 18.75 31.04 -16.48
C GLU B 311 18.78 30.53 -15.04
N GLN B 312 17.93 31.08 -14.18
CA GLN B 312 17.94 30.62 -12.78
C GLN B 312 17.39 29.15 -12.73
N PHE B 313 16.45 28.90 -13.62
CA PHE B 313 15.84 27.56 -13.70
C PHE B 313 16.91 26.55 -14.04
N PHE B 314 17.68 26.82 -15.08
CA PHE B 314 18.74 25.85 -15.46
C PHE B 314 19.83 25.73 -14.39
N ARG B 315 20.14 26.86 -13.76
CA ARG B 315 21.16 26.77 -12.70
C ARG B 315 20.68 25.78 -11.61
N LYS B 316 19.41 25.87 -11.28
CA LYS B 316 18.82 25.03 -10.24
C LYS B 316 18.84 23.56 -10.69
N ILE B 317 18.41 23.32 -11.91
CA ILE B 317 18.36 21.87 -12.41
C ILE B 317 19.74 21.33 -12.40
N ILE B 318 20.73 22.09 -12.85
CA ILE B 318 22.09 21.58 -12.92
C ILE B 318 22.63 21.31 -11.51
N PHE B 319 22.41 22.22 -10.58
CA PHE B 319 22.90 22.00 -9.24
C PHE B 319 22.27 20.73 -8.63
N GLU B 320 20.99 20.51 -8.88
CA GLU B 320 20.30 19.34 -8.30
C GLU B 320 20.86 18.04 -8.94
N LEU B 321 21.12 18.08 -10.23
CA LEU B 321 21.74 16.93 -10.87
C LEU B 321 23.11 16.65 -10.29
N LYS B 322 23.93 17.68 -10.13
CA LYS B 322 25.24 17.46 -9.58
C LYS B 322 25.15 17.02 -8.12
N ALA B 323 24.14 17.47 -7.38
CA ALA B 323 24.03 17.03 -5.95
C ALA B 323 23.72 15.51 -5.99
N ALA B 324 22.81 15.04 -6.88
CA ALA B 324 22.50 13.63 -6.92
C ALA B 324 23.74 12.82 -7.39
N MET B 325 24.54 13.40 -8.31
CA MET B 325 25.79 12.75 -8.73
C MET B 325 26.79 12.65 -7.55
N MET B 326 26.95 13.76 -6.83
CA MET B 326 27.87 13.80 -5.68
C MET B 326 27.43 12.81 -4.66
N LEU B 327 26.14 12.78 -4.32
CA LEU B 327 25.69 11.93 -3.23
C LEU B 327 25.46 10.39 -3.60
N THR B 328 25.65 10.06 -4.87
CA THR B 328 25.78 8.66 -5.29
C THR B 328 27.25 8.32 -5.65
N GLY B 329 28.21 9.21 -5.42
CA GLY B 329 29.57 8.90 -5.79
C GLY B 329 29.78 8.78 -7.29
N SER B 330 29.00 9.50 -8.08
CA SER B 330 29.04 9.42 -9.57
C SER B 330 29.85 10.59 -10.09
N LYS B 331 31.09 10.29 -10.55
CA LYS B 331 31.94 11.37 -11.00
C LYS B 331 31.62 11.88 -12.36
N ASP B 332 30.82 11.12 -13.13
CA ASP B 332 30.48 11.55 -14.44
C ASP B 332 29.18 10.86 -14.86
N VAL B 333 28.68 11.20 -16.05
CA VAL B 333 27.35 10.71 -16.44
C VAL B 333 27.39 9.19 -16.60
N ASP B 334 28.46 8.64 -17.17
CA ASP B 334 28.54 7.21 -17.19
C ASP B 334 28.43 6.49 -15.84
N ALA B 335 29.07 7.07 -14.82
CA ALA B 335 28.95 6.50 -13.49
C ALA B 335 27.51 6.59 -12.99
N LEU B 336 26.83 7.72 -13.25
CA LEU B 336 25.41 7.88 -12.79
C LEU B 336 24.54 6.80 -13.43
N LYS B 337 24.81 6.51 -14.71
CA LYS B 337 24.09 5.40 -15.38
C LYS B 337 24.25 4.02 -14.69
N LYS B 338 25.32 3.80 -13.92
CA LYS B 338 25.53 2.50 -13.35
C LYS B 338 25.33 2.60 -11.85
N THR B 339 24.81 3.72 -11.32
CA THR B 339 24.86 3.81 -9.88
C THR B 339 23.79 2.90 -9.22
N SER B 340 23.94 2.59 -7.94
CA SER B 340 22.92 1.76 -7.26
C SER B 340 21.56 2.44 -7.05
N ILE B 341 20.46 1.71 -7.28
CA ILE B 341 19.09 2.26 -7.07
C ILE B 341 18.30 1.22 -6.33
N VAL B 342 17.12 1.65 -5.94
CA VAL B 342 16.09 0.75 -5.41
C VAL B 342 14.84 1.05 -6.24
N ILE B 343 14.18 -0.01 -6.70
CA ILE B 343 12.85 0.13 -7.32
C ILE B 343 11.78 -0.51 -6.38
N LEU B 344 10.71 0.26 -6.09
CA LEU B 344 9.69 -0.19 -5.09
C LEU B 344 8.30 -0.02 -5.69
N GLY B 345 7.29 -0.45 -4.95
CA GLY B 345 5.97 0.09 -5.23
C GLY B 345 5.36 -0.36 -6.57
N LYS B 346 4.54 0.52 -7.11
CA LYS B 346 3.83 0.24 -8.39
C LYS B 346 4.77 0.05 -9.55
N LEU B 347 5.91 0.76 -9.55
CA LEU B 347 6.87 0.56 -10.63
C LEU B 347 7.42 -0.88 -10.61
N LYS B 348 7.66 -1.35 -9.38
CA LYS B 348 8.15 -2.71 -9.27
C LYS B 348 7.08 -3.66 -9.81
N GLU B 349 5.84 -3.43 -9.43
CA GLU B 349 4.78 -4.37 -9.88
C GLU B 349 4.57 -4.31 -11.39
N TRP B 350 4.70 -3.11 -11.95
CA TRP B 350 4.59 -2.88 -13.39
C TRP B 350 5.66 -3.68 -14.12
N ALA B 351 6.91 -3.45 -13.71
CA ALA B 351 8.01 -4.22 -14.33
C ALA B 351 7.84 -5.73 -14.21
N GLU B 352 7.50 -6.24 -13.03
CA GLU B 352 7.27 -7.71 -12.84
C GLU B 352 6.20 -8.23 -13.81
N TYR B 353 5.07 -7.51 -13.93
CA TYR B 353 3.95 -8.01 -14.75
C TYR B 353 4.36 -7.99 -16.22
N ARG B 354 5.21 -7.04 -16.60
CA ARG B 354 5.59 -6.86 -18.01
C ARG B 354 6.77 -7.73 -18.45
N GLY B 355 7.26 -8.51 -17.49
CA GLY B 355 8.26 -9.52 -17.78
C GLY B 355 9.64 -8.95 -17.81
N ILE B 356 9.82 -7.83 -17.12
CA ILE B 356 11.16 -7.21 -16.94
C ILE B 356 11.87 -7.87 -15.77
N ASN B 357 12.70 -8.82 -16.16
CA ASN B 357 13.54 -9.57 -15.27
C ASN B 357 14.61 -8.53 -14.87
N LEU B 358 14.51 -8.20 -13.60
CA LEU B 358 15.29 -7.16 -12.98
C LEU B 358 16.77 -7.50 -13.02
N SER B 359 17.16 -8.75 -12.70
CA SER B 359 18.52 -9.09 -12.97
C SER B 359 18.95 -8.65 -14.35
N ILE B 360 18.29 -9.14 -15.41
CA ILE B 360 18.76 -8.73 -16.67
C ILE B 360 18.61 -7.21 -16.91
N TYR B 361 17.60 -6.61 -16.30
CA TYR B 361 17.43 -5.15 -16.38
C TYR B 361 18.68 -4.34 -15.89
N GLU B 362 19.05 -4.66 -14.65
CA GLU B 362 20.30 -4.13 -14.05
C GLU B 362 21.50 -4.28 -14.97
N LYS B 363 21.72 -5.48 -15.54
CA LYS B 363 22.76 -5.56 -16.58
C LYS B 363 22.69 -4.68 -17.80
N VAL B 364 21.51 -4.66 -18.42
CA VAL B 364 21.23 -3.75 -19.54
C VAL B 364 21.41 -2.21 -19.24
N ARG B 365 20.85 -1.72 -18.17
CA ARG B 365 20.89 -0.30 -17.87
C ARG B 365 22.33 0.11 -17.48
N LYS B 366 23.03 -0.89 -16.91
CA LYS B 366 24.41 -0.87 -16.35
C LYS B 366 24.55 -0.70 -14.85
N ILE C 4 -43.97 11.60 -11.94
CA ILE C 4 -43.20 12.28 -10.82
C ILE C 4 -44.10 12.52 -9.60
N VAL C 5 -45.30 11.95 -9.59
CA VAL C 5 -46.13 12.08 -8.35
C VAL C 5 -46.33 10.81 -7.57
N ASN C 6 -46.50 9.68 -8.29
CA ASN C 6 -46.70 8.42 -7.59
C ASN C 6 -45.33 7.82 -7.27
N ARG C 7 -45.25 7.13 -6.14
CA ARG C 7 -44.03 6.45 -5.75
C ARG C 7 -43.69 5.30 -6.69
N LYS C 8 -42.40 5.14 -6.96
CA LYS C 8 -41.88 4.00 -7.69
C LYS C 8 -41.80 2.79 -6.77
N VAL C 9 -41.66 1.60 -7.35
CA VAL C 9 -41.40 0.43 -6.50
C VAL C 9 -40.08 0.64 -5.74
N GLU C 10 -40.07 0.14 -4.53
CA GLU C 10 -39.08 0.62 -3.53
C GLU C 10 -37.66 0.35 -3.99
N HIS C 11 -37.40 -0.85 -4.57
CA HIS C 11 -36.01 -1.09 -5.02
C HIS C 11 -35.57 -0.20 -6.13
N VAL C 12 -36.46 0.17 -7.03
CA VAL C 12 -36.09 1.17 -8.05
C VAL C 12 -35.88 2.61 -7.48
N GLU C 13 -36.77 3.02 -6.59
CA GLU C 13 -36.60 4.33 -5.87
C GLU C 13 -35.21 4.41 -5.20
N ILE C 14 -34.81 3.32 -4.52
CA ILE C 14 -33.55 3.38 -3.79
C ILE C 14 -32.35 3.39 -4.76
N ALA C 15 -32.37 2.44 -5.73
CA ALA C 15 -31.27 2.40 -6.66
C ALA C 15 -31.08 3.65 -7.46
N ALA C 16 -32.20 4.27 -7.88
CA ALA C 16 -32.03 5.44 -8.73
C ALA C 16 -31.59 6.72 -7.95
N PHE C 17 -32.06 6.82 -6.71
CA PHE C 17 -31.98 8.11 -6.00
C PHE C 17 -31.25 8.08 -4.70
N GLU C 18 -30.89 6.91 -4.16
CA GLU C 18 -30.01 6.87 -2.97
C GLU C 18 -28.51 6.58 -3.36
N ASN C 19 -27.63 6.65 -2.38
CA ASN C 19 -26.18 6.53 -2.66
C ASN C 19 -25.82 5.02 -2.41
N VAL C 20 -26.04 4.21 -3.50
CA VAL C 20 -25.78 2.80 -3.40
C VAL C 20 -24.85 2.29 -4.53
N ASP C 21 -24.39 3.19 -5.41
CA ASP C 21 -23.48 2.75 -6.52
C ASP C 21 -22.07 2.67 -5.97
N GLY C 22 -21.54 1.46 -5.81
CA GLY C 22 -20.17 1.36 -5.37
C GLY C 22 -19.95 1.67 -3.86
N LEU C 23 -21.04 1.66 -3.11
CA LEU C 23 -20.98 2.04 -1.69
C LEU C 23 -20.16 1.04 -0.89
N SER C 24 -19.00 1.52 -0.45
CA SER C 24 -18.08 0.75 0.38
C SER C 24 -17.60 -0.49 -0.37
N SER C 25 -17.72 -0.48 -1.68
CA SER C 25 -17.34 -1.73 -2.46
C SER C 25 -16.34 -1.33 -3.61
N SER C 26 -15.80 -2.29 -4.36
CA SER C 26 -14.80 -1.91 -5.36
C SER C 26 -14.84 -2.99 -6.46
N THR C 27 -14.76 -2.55 -7.70
CA THR C 27 -14.66 -3.52 -8.81
C THR C 27 -13.32 -4.12 -8.99
N PHE C 28 -12.31 -3.55 -8.32
CA PHE C 28 -10.89 -3.81 -8.59
C PHE C 28 -10.45 -3.44 -10.01
N LEU C 29 -11.26 -2.79 -10.81
CA LEU C 29 -10.84 -2.34 -12.17
C LEU C 29 -9.72 -1.32 -12.14
N ASN C 30 -9.55 -0.62 -11.01
CA ASN C 30 -8.43 0.34 -10.93
C ASN C 30 -7.10 -0.36 -10.83
N ASP C 31 -7.11 -1.68 -10.63
CA ASP C 31 -5.84 -2.45 -10.57
C ASP C 31 -5.47 -3.00 -11.94
N VAL C 32 -6.24 -2.69 -12.99
CA VAL C 32 -6.05 -3.17 -14.36
C VAL C 32 -5.66 -1.98 -15.21
N ILE C 33 -4.51 -2.03 -15.87
CA ILE C 33 -4.12 -0.92 -16.72
C ILE C 33 -4.05 -1.48 -18.16
N LEU C 34 -4.64 -0.79 -19.15
CA LEU C 34 -4.41 -1.16 -20.53
C LEU C 34 -3.15 -0.41 -20.97
N VAL C 35 -2.27 -1.11 -21.65
CA VAL C 35 -0.96 -0.45 -22.00
C VAL C 35 -1.16 0.40 -23.26
N HIS C 36 -0.78 1.68 -23.11
CA HIS C 36 -0.89 2.63 -24.23
C HIS C 36 0.16 2.31 -25.31
N GLN C 37 -0.25 2.50 -26.56
CA GLN C 37 0.52 2.26 -27.78
C GLN C 37 0.54 3.56 -28.54
N GLY C 38 1.69 4.25 -28.41
CA GLY C 38 1.87 5.57 -29.09
C GLY C 38 1.92 5.43 -30.58
N PHE C 39 2.17 4.20 -31.12
CA PHE C 39 1.93 4.03 -32.56
C PHE C 39 0.87 2.91 -32.70
N PRO C 40 -0.39 3.29 -32.75
CA PRO C 40 -1.44 2.28 -32.66
C PRO C 40 -1.43 1.29 -33.83
N GLY C 41 -1.05 1.78 -34.99
CA GLY C 41 -1.10 0.86 -36.17
C GLY C 41 -2.41 0.81 -36.88
N ILE C 42 -3.37 1.64 -36.50
CA ILE C 42 -4.71 1.66 -37.07
C ILE C 42 -5.22 3.07 -37.16
N SER C 43 -6.36 3.25 -37.80
CA SER C 43 -7.05 4.44 -37.82
C SER C 43 -8.30 4.42 -37.02
N PHE C 44 -8.68 5.52 -36.39
CA PHE C 44 -9.88 5.50 -35.59
C PHE C 44 -11.11 5.02 -36.41
N SER C 45 -11.20 5.52 -37.63
CA SER C 45 -12.37 5.17 -38.46
C SER C 45 -12.44 3.69 -38.85
N GLU C 46 -11.36 2.95 -38.75
CA GLU C 46 -11.41 1.58 -39.13
C GLU C 46 -11.81 0.63 -37.93
N ILE C 47 -11.86 1.20 -36.71
CA ILE C 47 -12.14 0.35 -35.56
C ILE C 47 -13.56 -0.25 -35.73
N ASN C 48 -13.63 -1.56 -35.56
CA ASN C 48 -14.85 -2.34 -35.75
C ASN C 48 -15.25 -2.93 -34.38
N THR C 49 -16.38 -2.46 -33.87
CA THR C 49 -16.84 -2.91 -32.49
C THR C 49 -17.89 -4.00 -32.58
N LYS C 50 -18.11 -4.53 -33.76
CA LYS C 50 -19.19 -5.59 -33.88
C LYS C 50 -18.74 -6.87 -33.21
N THR C 51 -19.71 -7.62 -32.66
CA THR C 51 -19.33 -8.93 -32.14
C THR C 51 -20.55 -9.84 -32.15
N LYS C 52 -20.38 -11.11 -31.78
CA LYS C 52 -21.51 -12.03 -31.80
C LYS C 52 -22.18 -12.09 -30.41
N PHE C 53 -23.50 -12.34 -30.38
CA PHE C 53 -24.20 -12.56 -29.12
C PHE C 53 -25.14 -13.77 -29.51
N PHE C 54 -24.70 -14.98 -29.18
CA PHE C 54 -25.40 -16.21 -29.70
C PHE C 54 -25.46 -16.12 -31.20
N ARG C 55 -26.64 -16.24 -31.81
CA ARG C 55 -26.73 -16.31 -33.25
C ARG C 55 -26.84 -14.96 -33.92
N LYS C 56 -26.85 -13.84 -33.14
CA LYS C 56 -27.06 -12.53 -33.71
C LYS C 56 -25.74 -11.79 -33.69
N GLU C 57 -25.61 -10.78 -34.55
CA GLU C 57 -24.43 -9.88 -34.45
C GLU C 57 -24.96 -8.64 -33.74
N ILE C 58 -24.15 -8.07 -32.81
CA ILE C 58 -24.51 -6.80 -32.18
C ILE C 58 -23.47 -5.73 -32.58
N SER C 59 -23.82 -4.46 -32.38
CA SER C 59 -22.97 -3.36 -32.92
C SER C 59 -21.78 -3.00 -32.06
N VAL C 60 -21.89 -3.29 -30.75
CA VAL C 60 -20.92 -2.91 -29.76
C VAL C 60 -20.90 -4.05 -28.78
N PRO C 61 -19.76 -4.32 -28.13
CA PRO C 61 -19.71 -5.45 -27.17
C PRO C 61 -20.18 -5.06 -25.73
N VAL C 62 -21.37 -4.50 -25.68
CA VAL C 62 -21.92 -4.07 -24.37
C VAL C 62 -23.38 -4.54 -24.39
N MET C 63 -23.91 -4.88 -23.21
CA MET C 63 -25.35 -5.12 -23.17
C MET C 63 -25.95 -4.31 -21.99
N VAL C 64 -27.25 -4.06 -22.07
CA VAL C 64 -27.98 -3.60 -20.88
C VAL C 64 -28.48 -4.85 -20.15
N THR C 65 -28.11 -5.01 -18.89
CA THR C 65 -28.60 -6.22 -18.14
C THR C 65 -29.95 -5.92 -17.45
N GLY C 66 -30.61 -6.99 -17.03
CA GLY C 66 -32.02 -6.93 -16.57
C GLY C 66 -32.19 -6.06 -15.34
N MET C 67 -33.28 -5.25 -15.36
CA MET C 67 -33.62 -4.43 -14.24
C MET C 67 -35.09 -4.47 -13.88
N THR C 68 -35.93 -4.23 -14.84
CA THR C 68 -37.28 -3.99 -14.37
C THR C 68 -38.38 -4.43 -15.38
N GLY C 69 -39.60 -4.04 -15.01
CA GLY C 69 -40.85 -4.49 -15.70
C GLY C 69 -41.83 -4.93 -14.61
N GLY C 70 -43.12 -4.86 -14.95
CA GLY C 70 -44.18 -5.46 -14.08
C GLY C 70 -45.27 -4.51 -13.65
N ARG C 71 -45.07 -3.22 -13.93
CA ARG C 71 -46.06 -2.15 -13.65
C ARG C 71 -45.99 -1.20 -14.83
N ASN C 72 -47.02 -0.38 -15.00
CA ASN C 72 -47.02 0.56 -16.11
C ASN C 72 -45.77 1.51 -16.20
N GLU C 73 -45.38 2.13 -15.08
CA GLU C 73 -44.27 3.09 -15.08
C GLU C 73 -42.97 2.38 -15.38
N LEU C 74 -42.92 1.10 -14.97
CA LEU C 74 -41.75 0.24 -15.26
C LEU C 74 -41.72 -0.16 -16.70
N GLY C 75 -42.90 -0.42 -17.30
CA GLY C 75 -42.97 -0.59 -18.75
C GLY C 75 -42.51 0.68 -19.52
N ARG C 76 -42.78 1.85 -18.99
CA ARG C 76 -42.36 3.04 -19.71
C ARG C 76 -40.82 3.15 -19.77
N ILE C 77 -40.15 2.76 -18.68
CA ILE C 77 -38.71 2.82 -18.66
C ILE C 77 -38.18 1.72 -19.61
N ASN C 78 -38.77 0.53 -19.54
CA ASN C 78 -38.33 -0.54 -20.47
C ASN C 78 -38.45 -0.14 -21.92
N LYS C 79 -39.51 0.61 -22.25
CA LYS C 79 -39.76 1.01 -23.63
C LYS C 79 -38.67 1.93 -24.08
N ILE C 80 -38.28 2.86 -23.20
CA ILE C 80 -37.21 3.79 -23.54
C ILE C 80 -35.91 3.04 -23.74
N ILE C 81 -35.61 2.16 -22.81
CA ILE C 81 -34.29 1.49 -22.91
C ILE C 81 -34.29 0.66 -24.18
N ALA C 82 -35.41 -0.02 -24.48
CA ALA C 82 -35.39 -0.93 -25.65
C ALA C 82 -35.36 -0.17 -26.92
N GLU C 83 -36.00 1.01 -26.92
CA GLU C 83 -35.92 1.78 -28.23
C GLU C 83 -34.51 2.23 -28.50
N VAL C 84 -33.80 2.61 -27.44
CA VAL C 84 -32.44 3.13 -27.62
C VAL C 84 -31.53 1.96 -27.90
N ALA C 85 -31.75 0.85 -27.19
CA ALA C 85 -30.94 -0.33 -27.51
C ALA C 85 -31.07 -0.78 -28.95
N GLU C 86 -32.28 -0.79 -29.49
CA GLU C 86 -32.50 -1.22 -30.87
C GLU C 86 -31.75 -0.21 -31.76
N LYS C 87 -31.87 1.07 -31.43
CA LYS C 87 -31.17 2.08 -32.29
C LYS C 87 -29.64 1.88 -32.41
N PHE C 88 -29.01 1.50 -31.29
CA PHE C 88 -27.59 1.30 -31.17
C PHE C 88 -27.12 -0.13 -31.46
N GLY C 89 -28.06 -1.04 -31.62
CA GLY C 89 -27.69 -2.45 -31.98
C GLY C 89 -27.11 -3.15 -30.82
N ILE C 90 -27.65 -2.88 -29.67
CA ILE C 90 -27.10 -3.50 -28.39
C ILE C 90 -28.15 -4.37 -27.70
N PRO C 91 -27.71 -5.54 -27.17
CA PRO C 91 -28.72 -6.41 -26.51
C PRO C 91 -29.26 -5.86 -25.20
N MET C 92 -30.49 -6.26 -24.88
CA MET C 92 -31.13 -5.76 -23.69
C MET C 92 -31.74 -6.95 -22.95
N GLY C 93 -31.38 -7.09 -21.68
CA GLY C 93 -32.13 -7.99 -20.75
C GLY C 93 -33.25 -7.23 -20.06
N VAL C 94 -34.38 -7.92 -19.83
CA VAL C 94 -35.41 -7.35 -18.93
C VAL C 94 -35.20 -7.76 -17.47
N GLY C 95 -35.94 -7.11 -16.59
CA GLY C 95 -35.94 -7.53 -15.18
C GLY C 95 -36.74 -8.78 -14.96
N SER C 96 -36.69 -9.28 -13.74
CA SER C 96 -37.38 -10.51 -13.43
C SER C 96 -38.84 -10.51 -13.92
N GLN C 97 -39.19 -11.59 -14.60
CA GLN C 97 -40.56 -11.71 -15.16
C GLN C 97 -41.53 -12.40 -14.24
N ARG C 98 -41.11 -12.68 -13.03
CA ARG C 98 -41.94 -13.40 -12.07
C ARG C 98 -43.36 -12.83 -11.98
N VAL C 99 -43.43 -11.53 -11.84
CA VAL C 99 -44.78 -10.91 -11.68
C VAL C 99 -45.67 -11.12 -12.89
N ALA C 100 -45.07 -11.19 -14.10
CA ALA C 100 -45.85 -11.37 -15.30
C ALA C 100 -46.23 -12.86 -15.52
N ILE C 101 -45.46 -13.77 -14.93
CA ILE C 101 -45.88 -15.17 -14.97
C ILE C 101 -47.09 -15.29 -14.03
N GLU C 102 -47.05 -14.54 -12.94
CA GLU C 102 -48.12 -14.60 -11.93
C GLU C 102 -49.41 -13.88 -12.34
N LYS C 103 -49.33 -12.81 -13.13
CA LYS C 103 -50.44 -11.85 -13.36
C LYS C 103 -50.41 -11.35 -14.81
N ALA C 104 -51.45 -11.67 -15.59
CA ALA C 104 -51.43 -11.26 -17.02
C ALA C 104 -51.30 -9.76 -17.22
N GLU C 105 -51.78 -8.96 -16.27
CA GLU C 105 -51.71 -7.49 -16.43
C GLU C 105 -50.29 -6.94 -16.45
N ALA C 106 -49.35 -7.75 -15.93
CA ALA C 106 -47.93 -7.33 -15.83
C ALA C 106 -47.20 -7.65 -17.12
N ARG C 107 -47.82 -8.44 -18.01
CA ARG C 107 -47.14 -8.82 -19.27
C ARG C 107 -46.75 -7.69 -20.21
N GLU C 108 -47.68 -6.75 -20.43
CA GLU C 108 -47.41 -5.71 -21.44
C GLU C 108 -46.10 -4.90 -21.16
N SER C 109 -45.82 -4.63 -19.87
CA SER C 109 -44.64 -3.88 -19.45
C SER C 109 -43.31 -4.64 -19.79
N PHE C 110 -43.39 -5.93 -20.15
CA PHE C 110 -42.24 -6.65 -20.71
C PHE C 110 -42.36 -6.74 -22.23
N ALA C 111 -43.52 -7.15 -22.72
CA ALA C 111 -43.68 -7.34 -24.17
C ALA C 111 -43.35 -6.13 -25.00
N ILE C 112 -43.58 -4.93 -24.44
CA ILE C 112 -43.38 -3.69 -25.17
C ILE C 112 -41.91 -3.64 -25.66
N VAL C 113 -40.98 -4.31 -24.92
CA VAL C 113 -39.58 -4.32 -25.29
C VAL C 113 -39.43 -4.89 -26.73
N ARG C 114 -40.10 -6.03 -26.99
CA ARG C 114 -39.94 -6.67 -28.28
C ARG C 114 -40.66 -5.88 -29.38
N LYS C 115 -41.71 -5.18 -28.98
CA LYS C 115 -42.46 -4.36 -29.98
C LYS C 115 -41.60 -3.22 -30.57
N VAL C 116 -40.83 -2.56 -29.72
CA VAL C 116 -40.03 -1.42 -30.15
C VAL C 116 -38.59 -1.82 -30.49
N ALA C 117 -38.21 -3.09 -30.22
CA ALA C 117 -36.85 -3.57 -30.48
C ALA C 117 -36.94 -4.91 -31.19
N PRO C 118 -37.39 -4.88 -32.46
CA PRO C 118 -37.63 -6.18 -33.14
C PRO C 118 -36.38 -6.93 -33.53
N THR C 119 -35.19 -6.29 -33.61
CA THR C 119 -34.01 -6.94 -34.15
C THR C 119 -32.98 -7.42 -33.15
N ILE C 120 -32.73 -6.60 -32.12
CA ILE C 120 -31.60 -6.95 -31.24
C ILE C 120 -31.88 -8.20 -30.36
N PRO C 121 -30.84 -8.73 -29.74
CA PRO C 121 -31.06 -9.80 -28.76
C PRO C 121 -31.75 -9.25 -27.54
N ILE C 122 -32.81 -9.99 -27.14
CA ILE C 122 -33.57 -9.66 -25.88
C ILE C 122 -33.43 -10.85 -25.00
N ILE C 123 -33.12 -10.58 -23.72
CA ILE C 123 -32.84 -11.67 -22.77
C ILE C 123 -33.90 -11.64 -21.68
N ALA C 124 -34.63 -12.75 -21.53
CA ALA C 124 -35.65 -12.86 -20.50
C ALA C 124 -34.99 -13.05 -19.17
N ASN C 125 -35.76 -13.05 -18.10
CA ASN C 125 -35.18 -13.11 -16.73
C ASN C 125 -36.14 -13.74 -15.71
N LEU C 126 -35.57 -14.73 -14.98
CA LEU C 126 -36.22 -15.27 -13.82
C LEU C 126 -35.14 -15.50 -12.77
N GLY C 127 -35.58 -15.59 -11.51
CA GLY C 127 -34.60 -15.81 -10.45
C GLY C 127 -34.39 -17.27 -10.12
N MET C 128 -33.17 -17.59 -9.72
CA MET C 128 -32.93 -18.95 -9.17
C MET C 128 -33.91 -19.26 -8.05
N PRO C 129 -34.33 -18.29 -7.25
CA PRO C 129 -35.27 -18.67 -6.17
C PRO C 129 -36.62 -19.18 -6.75
N GLN C 130 -36.95 -18.76 -8.00
CA GLN C 130 -38.23 -19.40 -8.62
C GLN C 130 -38.02 -20.87 -8.96
N LEU C 131 -36.80 -21.35 -9.24
CA LEU C 131 -36.59 -22.78 -9.46
C LEU C 131 -36.56 -23.53 -8.23
N VAL C 132 -36.14 -22.84 -7.16
CA VAL C 132 -36.26 -23.61 -5.93
C VAL C 132 -37.73 -23.75 -5.51
N LYS C 133 -38.50 -22.72 -5.89
CA LYS C 133 -39.97 -22.75 -5.65
C LYS C 133 -40.78 -23.30 -6.81
N GLY C 134 -40.45 -24.27 -7.51
CA GLY C 134 -42.00 -24.41 -8.18
C GLY C 134 -42.11 -24.03 -9.65
N TYR C 135 -41.28 -23.09 -10.09
CA TYR C 135 -41.24 -22.90 -11.51
C TYR C 135 -40.57 -24.06 -12.20
N GLY C 136 -40.96 -24.32 -13.45
CA GLY C 136 -40.34 -25.41 -14.20
C GLY C 136 -40.36 -24.99 -15.68
N LEU C 137 -40.36 -25.99 -16.56
CA LEU C 137 -40.21 -25.67 -18.00
C LEU C 137 -41.24 -24.69 -18.55
N LYS C 138 -42.53 -24.92 -18.24
CA LYS C 138 -43.54 -24.03 -18.89
C LYS C 138 -43.34 -22.57 -18.53
N GLU C 139 -43.12 -22.29 -17.23
CA GLU C 139 -42.94 -20.88 -16.81
C GLU C 139 -41.70 -20.26 -17.49
N PHE C 140 -40.64 -21.04 -17.71
CA PHE C 140 -39.47 -20.52 -18.47
C PHE C 140 -39.81 -20.24 -19.94
N GLN C 141 -40.52 -21.18 -20.54
CA GLN C 141 -40.96 -21.02 -21.93
C GLN C 141 -41.83 -19.81 -22.01
N ASP C 142 -42.73 -19.62 -21.04
CA ASP C 142 -43.64 -18.47 -21.07
C ASP C 142 -42.91 -17.10 -20.96
N ALA C 143 -41.86 -17.07 -20.12
CA ALA C 143 -41.03 -15.84 -20.01
C ALA C 143 -40.33 -15.59 -21.30
N ILE C 144 -39.81 -16.63 -21.97
CA ILE C 144 -39.15 -16.43 -23.29
C ILE C 144 -40.19 -15.96 -24.36
N GLN C 145 -41.33 -16.65 -24.42
CA GLN C 145 -42.28 -16.24 -25.50
C GLN C 145 -42.89 -14.85 -25.34
N MET C 146 -43.04 -14.43 -24.09
CA MET C 146 -43.63 -13.12 -23.75
C MET C 146 -42.93 -11.97 -24.49
N ILE C 147 -41.61 -12.13 -24.68
CA ILE C 147 -40.79 -11.12 -25.34
C ILE C 147 -40.02 -11.64 -26.56
N GLU C 148 -40.36 -12.86 -27.05
CA GLU C 148 -39.62 -13.54 -28.16
C GLU C 148 -38.13 -13.46 -27.90
N ALA C 149 -37.77 -13.89 -26.69
CA ALA C 149 -36.37 -13.75 -26.23
C ALA C 149 -35.40 -14.61 -26.98
N ASP C 150 -34.13 -14.15 -27.08
CA ASP C 150 -33.07 -14.90 -27.68
C ASP C 150 -32.21 -15.68 -26.64
N ALA C 151 -32.53 -15.49 -25.37
CA ALA C 151 -31.85 -16.21 -24.29
C ALA C 151 -32.63 -15.88 -23.02
N ILE C 152 -32.37 -16.66 -21.94
CA ILE C 152 -32.98 -16.28 -20.66
C ILE C 152 -31.83 -16.28 -19.59
N ALA C 153 -31.87 -15.23 -18.77
CA ALA C 153 -30.92 -15.14 -17.64
C ALA C 153 -31.64 -15.67 -16.46
N VAL C 154 -30.91 -16.40 -15.63
CA VAL C 154 -31.39 -16.85 -14.32
C VAL C 154 -30.46 -16.21 -13.30
N HIS C 155 -31.05 -15.40 -12.46
CA HIS C 155 -30.20 -14.65 -11.49
C HIS C 155 -30.03 -15.28 -10.14
N LEU C 156 -28.82 -15.07 -9.59
CA LEU C 156 -28.49 -15.49 -8.22
C LEU C 156 -28.46 -14.23 -7.38
N ASN C 157 -29.17 -14.23 -6.26
CA ASN C 157 -29.15 -13.01 -5.39
C ASN C 157 -29.20 -13.41 -3.91
N PRO C 158 -28.39 -14.40 -3.48
CA PRO C 158 -28.49 -14.83 -2.06
C PRO C 158 -28.12 -13.71 -1.09
N ALA C 159 -27.18 -12.82 -1.43
CA ALA C 159 -26.75 -11.81 -0.46
C ALA C 159 -27.86 -10.78 -0.30
N GLN C 160 -28.51 -10.38 -1.39
CA GLN C 160 -29.64 -9.47 -1.22
C GLN C 160 -30.79 -10.16 -0.39
N GLU C 161 -31.09 -11.43 -0.65
CA GLU C 161 -32.11 -12.16 0.07
C GLU C 161 -31.81 -12.31 1.59
N VAL C 162 -30.54 -12.52 1.94
CA VAL C 162 -30.18 -12.69 3.36
C VAL C 162 -30.50 -11.42 4.14
N PHE C 163 -30.36 -10.25 3.48
CA PHE C 163 -30.47 -9.01 4.29
C PHE C 163 -31.82 -8.35 4.18
N GLN C 164 -32.69 -8.94 3.35
CA GLN C 164 -34.06 -8.41 3.20
C GLN C 164 -34.81 -8.46 4.51
N PRO C 165 -35.75 -7.52 4.67
CA PRO C 165 -36.42 -7.55 5.97
C PRO C 165 -37.16 -8.89 6.15
N GLU C 166 -37.70 -9.45 5.07
CA GLU C 166 -38.29 -10.78 5.19
C GLU C 166 -37.57 -11.99 4.72
N GLY C 167 -36.30 -12.22 4.95
CA GLY C 167 -35.75 -13.07 3.92
C GLY C 167 -35.28 -14.39 4.34
N GLU C 168 -35.56 -15.42 3.56
CA GLU C 168 -34.79 -16.60 3.77
C GLU C 168 -34.39 -17.24 2.53
N PRO C 169 -33.11 -17.10 2.19
CA PRO C 169 -32.76 -17.62 0.92
C PRO C 169 -32.64 -19.15 0.99
N GLU C 170 -32.99 -19.78 -0.14
CA GLU C 170 -32.95 -21.22 -0.30
C GLU C 170 -32.31 -21.49 -1.63
N TYR C 171 -31.14 -22.18 -1.62
CA TYR C 171 -30.35 -22.48 -2.81
C TYR C 171 -29.93 -23.93 -2.81
N GLN C 172 -30.92 -24.83 -2.63
CA GLN C 172 -30.67 -26.28 -2.69
C GLN C 172 -30.31 -26.80 -4.09
N ILE C 173 -29.50 -27.85 -4.10
CA ILE C 173 -28.98 -28.40 -5.34
C ILE C 173 -30.06 -28.90 -6.32
N TYR C 174 -31.24 -29.31 -5.84
CA TYR C 174 -32.27 -29.66 -6.80
C TYR C 174 -32.71 -28.56 -7.70
N ALA C 175 -32.46 -27.30 -7.34
CA ALA C 175 -32.73 -26.28 -8.30
C ALA C 175 -31.84 -26.33 -9.56
N LEU C 176 -30.58 -26.73 -9.38
CA LEU C 176 -29.68 -26.85 -10.50
C LEU C 176 -30.05 -28.08 -11.30
N GLU C 177 -30.56 -29.10 -10.62
CA GLU C 177 -31.07 -30.29 -11.38
C GLU C 177 -32.23 -29.87 -12.23
N LYS C 178 -33.06 -29.01 -11.68
CA LYS C 178 -34.23 -28.56 -12.42
C LYS C 178 -33.74 -27.69 -13.59
N LEU C 179 -32.73 -26.86 -13.32
CA LEU C 179 -32.33 -25.96 -14.42
C LEU C 179 -31.70 -26.76 -15.56
N ARG C 180 -30.91 -27.78 -15.17
CA ARG C 180 -30.26 -28.68 -16.17
C ARG C 180 -31.40 -29.38 -17.01
N ASP C 181 -32.47 -29.80 -16.37
CA ASP C 181 -33.57 -30.45 -17.09
C ASP C 181 -34.30 -29.47 -17.96
N ILE C 182 -34.51 -28.26 -17.45
CA ILE C 182 -35.19 -27.26 -18.30
C ILE C 182 -34.39 -26.92 -19.55
N SER C 183 -33.08 -26.83 -19.40
CA SER C 183 -32.19 -26.42 -20.48
C SER C 183 -32.27 -27.38 -21.66
N LYS C 184 -32.70 -28.61 -21.37
CA LYS C 184 -32.87 -29.63 -22.41
C LYS C 184 -34.00 -29.31 -23.36
N GLU C 185 -34.97 -28.56 -22.89
CA GLU C 185 -36.17 -28.42 -23.63
C GLU C 185 -36.41 -27.02 -24.12
N LEU C 186 -35.55 -26.08 -23.69
CA LEU C 186 -35.61 -24.72 -24.19
C LEU C 186 -35.03 -24.57 -25.55
N SER C 187 -35.55 -23.62 -26.36
CA SER C 187 -34.99 -23.44 -27.66
C SER C 187 -33.98 -22.31 -27.67
N VAL C 188 -33.67 -21.72 -26.48
CA VAL C 188 -32.67 -20.65 -26.42
C VAL C 188 -31.77 -20.94 -25.24
N PRO C 189 -30.56 -20.35 -25.24
CA PRO C 189 -29.64 -20.56 -24.13
C PRO C 189 -29.97 -19.87 -22.83
N ILE C 190 -29.42 -20.46 -21.78
CA ILE C 190 -29.52 -19.88 -20.39
C ILE C 190 -28.21 -19.19 -20.11
N ILE C 191 -28.31 -18.01 -19.45
CA ILE C 191 -27.10 -17.30 -18.94
C ILE C 191 -27.37 -17.30 -17.41
N VAL C 192 -26.39 -17.61 -16.57
CA VAL C 192 -26.60 -17.45 -15.13
C VAL C 192 -25.80 -16.23 -14.71
N LYS C 193 -26.54 -15.34 -13.99
CA LYS C 193 -25.88 -14.05 -13.62
C LYS C 193 -25.98 -13.87 -12.11
N GLU C 194 -25.02 -13.15 -11.52
CA GLU C 194 -25.26 -12.69 -10.16
C GLU C 194 -25.97 -11.33 -10.22
N SER C 195 -26.01 -10.72 -9.05
CA SER C 195 -26.79 -9.47 -8.82
C SER C 195 -26.02 -8.58 -7.90
N GLY C 196 -24.73 -8.42 -8.21
CA GLY C 196 -23.91 -7.44 -7.44
C GLY C 196 -22.85 -8.02 -6.53
N ASN C 197 -22.79 -9.37 -6.36
CA ASN C 197 -21.82 -9.94 -5.44
C ASN C 197 -20.85 -10.92 -6.09
N GLY C 198 -20.99 -11.06 -7.43
CA GLY C 198 -19.92 -11.71 -8.24
C GLY C 198 -19.98 -13.25 -8.24
N ILE C 199 -19.37 -13.77 -9.32
CA ILE C 199 -19.28 -15.27 -9.52
C ILE C 199 -17.82 -15.70 -9.28
N SER C 200 -17.62 -16.64 -8.33
CA SER C 200 -16.34 -17.25 -7.97
C SER C 200 -16.10 -18.47 -8.88
N MET C 201 -14.86 -18.93 -8.80
CA MET C 201 -14.51 -20.16 -9.55
C MET C 201 -15.30 -21.34 -9.03
N GLU C 202 -15.54 -21.46 -7.73
CA GLU C 202 -16.37 -22.55 -7.28
C GLU C 202 -17.75 -22.54 -7.83
N THR C 203 -18.41 -21.37 -7.79
CA THR C 203 -19.77 -21.30 -8.29
C THR C 203 -19.80 -21.50 -9.82
N ALA C 204 -18.79 -20.94 -10.53
CA ALA C 204 -18.75 -21.10 -12.00
C ALA C 204 -18.59 -22.62 -12.34
N LYS C 205 -17.72 -23.26 -11.61
CA LYS C 205 -17.48 -24.74 -11.89
C LYS C 205 -18.74 -25.58 -11.59
N LEU C 206 -19.44 -25.23 -10.49
CA LEU C 206 -20.60 -25.99 -10.07
C LEU C 206 -21.64 -25.76 -11.22
N LEU C 207 -21.85 -24.52 -11.65
CA LEU C 207 -22.85 -24.27 -12.66
C LEU C 207 -22.48 -25.01 -14.00
N TYR C 208 -21.20 -24.95 -14.36
CA TYR C 208 -20.76 -25.57 -15.60
C TYR C 208 -20.98 -27.10 -15.51
N SER C 209 -20.83 -27.66 -14.28
CA SER C 209 -21.11 -29.12 -14.13
C SER C 209 -22.56 -29.51 -14.38
N TYR C 210 -23.52 -28.58 -14.29
CA TYR C 210 -24.91 -28.78 -14.61
C TYR C 210 -25.27 -28.25 -15.99
N GLY C 211 -24.26 -27.94 -16.76
CA GLY C 211 -24.45 -27.61 -18.18
C GLY C 211 -24.47 -26.14 -18.55
N ILE C 212 -24.23 -25.29 -17.55
CA ILE C 212 -24.32 -23.80 -17.86
C ILE C 212 -22.98 -23.37 -18.51
N LYS C 213 -23.11 -22.66 -19.66
CA LYS C 213 -21.95 -22.30 -20.37
C LYS C 213 -21.80 -20.77 -20.48
N ASN C 214 -22.82 -20.03 -20.06
CA ASN C 214 -22.84 -18.56 -20.27
C ASN C 214 -23.05 -17.92 -18.93
N PHE C 215 -22.21 -16.90 -18.63
CA PHE C 215 -22.21 -16.35 -17.27
C PHE C 215 -22.13 -14.85 -17.36
N ASP C 216 -22.74 -14.18 -16.37
CA ASP C 216 -22.64 -12.72 -16.25
C ASP C 216 -22.18 -12.45 -14.81
N THR C 217 -20.98 -11.86 -14.69
CA THR C 217 -20.32 -11.82 -13.38
C THR C 217 -21.07 -11.04 -12.35
N SER C 218 -21.59 -9.89 -12.75
CA SER C 218 -22.29 -9.01 -11.80
C SER C 218 -21.56 -8.90 -10.47
N GLY C 219 -20.29 -8.48 -10.56
CA GLY C 219 -19.45 -8.42 -9.35
C GLY C 219 -19.74 -7.23 -8.44
N GLN C 220 -19.04 -7.26 -7.27
CA GLN C 220 -19.20 -6.06 -6.41
C GLN C 220 -18.48 -4.85 -7.03
N GLY C 221 -18.86 -3.67 -6.57
CA GLY C 221 -18.22 -2.45 -7.09
C GLY C 221 -19.18 -1.52 -7.83
N GLY C 222 -20.34 -2.07 -8.29
CA GLY C 222 -21.36 -1.30 -8.95
C GLY C 222 -22.54 -1.23 -7.99
N THR C 223 -23.75 -1.46 -8.51
CA THR C 223 -24.94 -1.41 -7.63
C THR C 223 -24.81 -2.36 -6.43
N ASN C 224 -25.00 -1.79 -5.24
CA ASN C 224 -24.75 -2.56 -4.07
C ASN C 224 -26.10 -2.98 -3.52
N TRP C 225 -26.51 -4.21 -3.81
CA TRP C 225 -27.82 -4.68 -3.36
C TRP C 225 -27.86 -4.97 -1.87
N ILE C 226 -26.71 -5.30 -1.25
CA ILE C 226 -26.73 -5.41 0.27
C ILE C 226 -26.99 -3.99 0.82
N ALA C 227 -26.41 -2.97 0.19
CA ALA C 227 -26.75 -1.53 0.58
C ALA C 227 -28.17 -1.20 0.38
N ILE C 228 -28.74 -1.67 -0.74
CA ILE C 228 -30.15 -1.37 -0.97
C ILE C 228 -31.03 -2.00 0.15
N GLU C 229 -30.81 -3.29 0.47
CA GLU C 229 -31.58 -3.94 1.51
C GLU C 229 -31.28 -3.27 2.86
N MET C 230 -30.04 -2.87 3.05
CA MET C 230 -29.66 -2.11 4.29
C MET C 230 -30.60 -0.89 4.39
N ILE C 231 -30.79 -0.20 3.30
CA ILE C 231 -31.68 1.06 3.42
C ILE C 231 -33.13 0.64 3.65
N ARG C 232 -33.64 -0.39 2.95
CA ARG C 232 -35.01 -0.85 3.23
C ARG C 232 -35.13 -1.22 4.71
N ASP C 233 -34.05 -1.86 5.28
CA ASP C 233 -34.06 -2.22 6.75
C ASP C 233 -34.07 -0.99 7.60
N ILE C 234 -33.25 0.00 7.24
CA ILE C 234 -33.23 1.28 7.99
C ILE C 234 -34.63 1.93 7.98
N ARG C 235 -35.23 1.96 6.81
CA ARG C 235 -36.60 2.56 6.66
C ARG C 235 -37.68 1.88 7.51
N ARG C 236 -37.42 0.64 7.96
CA ARG C 236 -38.42 -0.10 8.75
C ARG C 236 -38.01 -0.17 10.20
N GLY C 237 -36.89 0.45 10.53
CA GLY C 237 -36.37 0.37 11.90
C GLY C 237 -35.92 -1.05 12.28
N ASN C 238 -35.48 -1.78 11.25
CA ASN C 238 -35.10 -3.21 11.35
C ASN C 238 -33.58 -3.35 11.67
N TRP C 239 -33.23 -4.04 12.78
CA TRP C 239 -31.84 -4.05 13.25
C TRP C 239 -30.91 -4.77 12.23
N LYS C 240 -31.51 -5.46 11.25
CA LYS C 240 -30.68 -6.11 10.19
C LYS C 240 -29.89 -5.13 9.42
N ALA C 241 -30.27 -3.85 9.44
CA ALA C 241 -29.51 -2.83 8.76
C ALA C 241 -28.06 -2.73 9.25
N GLU C 242 -27.82 -2.90 10.55
CA GLU C 242 -26.43 -2.74 11.03
C GLU C 242 -25.66 -3.96 10.63
N SER C 243 -26.33 -5.14 10.57
CA SER C 243 -25.65 -6.33 10.09
C SER C 243 -25.32 -6.21 8.62
N ALA C 244 -26.27 -5.67 7.82
CA ALA C 244 -25.96 -5.47 6.38
C ALA C 244 -24.78 -4.54 6.18
N LYS C 245 -24.70 -3.49 7.04
CA LYS C 245 -23.53 -2.64 7.04
C LYS C 245 -22.20 -3.36 7.09
N ASN C 246 -22.12 -4.39 7.95
CA ASN C 246 -20.92 -5.10 8.08
C ASN C 246 -20.58 -5.87 6.81
N PHE C 247 -21.55 -6.05 5.89
CA PHE C 247 -21.34 -6.82 4.70
C PHE C 247 -21.35 -5.96 3.45
N LEU C 248 -21.21 -4.64 3.61
CA LEU C 248 -21.22 -3.81 2.38
C LEU C 248 -20.16 -4.16 1.35
N ASP C 249 -19.00 -4.65 1.80
CA ASP C 249 -17.92 -4.98 0.85
C ASP C 249 -17.83 -6.47 0.64
N TRP C 250 -18.92 -7.20 0.88
CA TRP C 250 -19.00 -8.66 0.67
C TRP C 250 -19.06 -8.90 -0.87
N GLY C 251 -18.38 -9.98 -1.27
CA GLY C 251 -18.50 -10.37 -2.70
C GLY C 251 -17.23 -10.44 -3.51
N VAL C 252 -17.31 -11.01 -4.73
CA VAL C 252 -16.17 -11.03 -5.59
C VAL C 252 -16.19 -9.78 -6.44
N PRO C 253 -15.15 -8.95 -6.39
CA PRO C 253 -15.08 -7.71 -7.22
C PRO C 253 -15.14 -8.12 -8.69
N THR C 254 -15.82 -7.31 -9.48
CA THR C 254 -15.97 -7.57 -10.91
C THR C 254 -14.72 -8.01 -11.63
N ALA C 255 -13.62 -7.27 -11.43
CA ALA C 255 -12.41 -7.69 -12.19
C ALA C 255 -11.97 -9.06 -11.74
N ALA C 256 -11.98 -9.37 -10.46
CA ALA C 256 -11.56 -10.69 -9.99
C ALA C 256 -12.56 -11.78 -10.49
N SER C 257 -13.85 -11.45 -10.55
CA SER C 257 -14.85 -12.42 -11.06
C SER C 257 -14.64 -12.74 -12.53
N ILE C 258 -14.35 -11.70 -13.33
CA ILE C 258 -14.02 -11.99 -14.72
C ILE C 258 -12.81 -12.99 -14.79
N MET C 259 -11.72 -12.70 -14.07
CA MET C 259 -10.54 -13.62 -14.15
C MET C 259 -10.97 -15.00 -13.66
N GLU C 260 -11.75 -15.09 -12.57
CA GLU C 260 -12.08 -16.41 -11.98
C GLU C 260 -12.89 -17.21 -12.95
N VAL C 261 -13.86 -16.60 -13.61
CA VAL C 261 -14.74 -17.39 -14.48
C VAL C 261 -14.00 -17.74 -15.78
N ARG C 262 -13.27 -16.79 -16.37
CA ARG C 262 -12.49 -17.13 -17.60
C ARG C 262 -11.46 -18.19 -17.30
N TYR C 263 -10.84 -18.16 -16.13
CA TYR C 263 -9.77 -19.17 -15.82
C TYR C 263 -10.41 -20.53 -15.57
N SER C 264 -11.49 -20.57 -14.83
CA SER C 264 -12.11 -21.84 -14.38
C SER C 264 -12.99 -22.44 -15.49
N VAL C 265 -13.54 -21.62 -16.38
CA VAL C 265 -14.38 -22.11 -17.45
C VAL C 265 -13.94 -21.41 -18.76
N PRO C 266 -12.83 -21.90 -19.35
CA PRO C 266 -12.16 -21.07 -20.37
C PRO C 266 -13.00 -20.97 -21.63
N ASP C 267 -13.94 -21.92 -21.81
CA ASP C 267 -14.78 -21.85 -23.02
C ASP C 267 -16.09 -21.10 -22.83
N SER C 268 -16.24 -20.43 -21.67
CA SER C 268 -17.52 -19.78 -21.39
C SER C 268 -17.77 -18.58 -22.30
N PHE C 269 -19.07 -18.23 -22.41
CA PHE C 269 -19.37 -16.93 -22.96
C PHE C 269 -19.66 -16.07 -21.73
N LEU C 270 -18.92 -14.93 -21.66
CA LEU C 270 -18.80 -14.27 -20.36
C LEU C 270 -19.17 -12.81 -20.49
N VAL C 271 -20.20 -12.40 -19.74
CA VAL C 271 -20.52 -10.97 -19.63
C VAL C 271 -19.78 -10.44 -18.39
N GLY C 272 -19.03 -9.31 -18.54
CA GLY C 272 -18.29 -8.69 -17.39
C GLY C 272 -19.14 -7.50 -16.95
N SER C 273 -19.78 -7.64 -15.79
CA SER C 273 -20.70 -6.53 -15.34
C SER C 273 -20.57 -6.40 -13.86
N GLY C 274 -21.17 -5.26 -13.35
CA GLY C 274 -21.09 -4.93 -11.93
C GLY C 274 -20.14 -3.74 -11.85
N GLY C 275 -20.71 -2.52 -11.91
CA GLY C 275 -19.85 -1.40 -11.78
C GLY C 275 -19.19 -0.92 -13.08
N ILE C 276 -19.67 -1.35 -14.23
CA ILE C 276 -19.11 -0.81 -15.51
C ILE C 276 -19.80 0.58 -15.73
N ARG C 277 -18.98 1.65 -15.65
CA ARG C 277 -19.51 2.99 -15.72
C ARG C 277 -18.97 3.87 -16.84
N SER C 278 -18.04 3.35 -17.62
CA SER C 278 -17.48 4.12 -18.71
C SER C 278 -17.08 3.10 -19.78
N GLY C 279 -16.84 3.61 -20.95
CA GLY C 279 -16.30 2.66 -22.04
C GLY C 279 -14.93 2.21 -21.73
N LEU C 280 -14.20 2.91 -20.89
CA LEU C 280 -12.84 2.39 -20.53
C LEU C 280 -13.02 1.20 -19.55
N ASP C 281 -13.98 1.31 -18.61
CA ASP C 281 -14.35 0.15 -17.73
C ASP C 281 -14.74 -1.05 -18.65
N ALA C 282 -15.50 -0.75 -19.70
CA ALA C 282 -16.01 -1.84 -20.56
C ALA C 282 -14.78 -2.46 -21.27
N ALA C 283 -13.92 -1.59 -21.82
CA ALA C 283 -12.70 -2.13 -22.45
C ALA C 283 -11.84 -2.99 -21.55
N LYS C 284 -11.67 -2.54 -20.31
CA LYS C 284 -10.91 -3.29 -19.33
C LYS C 284 -11.54 -4.67 -19.08
N ALA C 285 -12.87 -4.71 -18.97
CA ALA C 285 -13.55 -5.99 -18.66
C ALA C 285 -13.26 -7.00 -19.81
N ILE C 286 -13.36 -6.50 -21.05
CA ILE C 286 -13.18 -7.36 -22.26
C ILE C 286 -11.74 -7.75 -22.30
N ALA C 287 -10.83 -6.76 -22.10
CA ALA C 287 -9.39 -7.19 -22.15
C ALA C 287 -9.01 -8.21 -21.07
N LEU C 288 -9.62 -8.10 -19.92
CA LEU C 288 -9.38 -9.06 -18.84
C LEU C 288 -9.90 -10.45 -19.10
N GLY C 289 -10.91 -10.58 -19.92
CA GLY C 289 -11.40 -11.94 -20.17
C GLY C 289 -12.85 -11.99 -20.58
N ALA C 290 -13.61 -10.87 -20.41
CA ALA C 290 -15.01 -10.96 -20.79
C ALA C 290 -15.22 -10.91 -22.29
N ASP C 291 -16.36 -11.46 -22.74
CA ASP C 291 -16.73 -11.30 -24.14
C ASP C 291 -17.49 -10.01 -24.43
N ILE C 292 -18.24 -9.61 -23.43
CA ILE C 292 -18.97 -8.36 -23.54
C ILE C 292 -19.11 -7.75 -22.17
N ALA C 293 -19.30 -6.41 -22.15
CA ALA C 293 -19.42 -5.75 -20.86
C ALA C 293 -20.90 -5.44 -20.61
N GLY C 294 -21.38 -5.58 -19.39
CA GLY C 294 -22.79 -5.34 -19.12
C GLY C 294 -22.97 -4.15 -18.18
N MET C 295 -24.08 -3.42 -18.36
CA MET C 295 -24.39 -2.29 -17.43
C MET C 295 -25.85 -2.32 -17.08
N ALA C 296 -26.21 -1.81 -15.87
CA ALA C 296 -27.65 -1.77 -15.54
C ALA C 296 -27.91 -0.35 -14.91
N LEU C 297 -27.39 -0.12 -13.71
CA LEU C 297 -27.81 1.13 -13.01
C LEU C 297 -27.67 2.44 -13.87
N PRO C 298 -26.51 2.68 -14.51
CA PRO C 298 -26.43 4.00 -15.18
C PRO C 298 -27.36 4.12 -16.35
N VAL C 299 -27.72 2.98 -16.93
CA VAL C 299 -28.78 2.97 -17.99
C VAL C 299 -30.15 3.35 -17.35
N LEU C 300 -30.51 2.75 -16.19
CA LEU C 300 -31.77 3.10 -15.48
C LEU C 300 -31.76 4.63 -15.21
N LYS C 301 -30.63 5.14 -14.64
CA LYS C 301 -30.66 6.60 -14.29
C LYS C 301 -30.84 7.50 -15.51
N SER C 302 -30.24 7.15 -16.65
CA SER C 302 -30.35 7.96 -17.88
C SER C 302 -31.75 7.82 -18.50
N ALA C 303 -32.30 6.62 -18.44
CA ALA C 303 -33.63 6.34 -19.01
C ALA C 303 -34.65 7.18 -18.24
N ILE C 304 -34.41 7.31 -16.94
CA ILE C 304 -35.36 8.12 -16.06
C ILE C 304 -35.29 9.59 -16.50
N GLU C 305 -34.10 10.06 -16.87
CA GLU C 305 -34.01 11.43 -17.41
C GLU C 305 -34.68 11.51 -18.78
N GLY C 306 -34.62 10.47 -19.62
CA GLY C 306 -35.38 10.49 -20.86
C GLY C 306 -34.60 9.83 -21.99
N LYS C 307 -35.22 9.70 -23.16
CA LYS C 307 -34.64 8.97 -24.28
C LYS C 307 -33.39 9.72 -24.74
N GLU C 308 -33.47 11.06 -24.87
CA GLU C 308 -32.26 11.75 -25.35
C GLU C 308 -31.09 11.57 -24.38
N SER C 309 -31.34 11.60 -23.08
CA SER C 309 -30.25 11.40 -22.10
C SER C 309 -29.60 9.99 -22.29
N LEU C 310 -30.47 9.01 -22.50
CA LEU C 310 -29.93 7.64 -22.74
C LEU C 310 -29.15 7.51 -24.01
N GLU C 311 -29.59 8.19 -25.06
CA GLU C 311 -28.86 8.12 -26.34
C GLU C 311 -27.46 8.74 -26.14
N GLN C 312 -27.44 9.86 -25.41
CA GLN C 312 -26.18 10.51 -25.16
C GLN C 312 -25.27 9.59 -24.29
N PHE C 313 -25.85 8.89 -23.33
CA PHE C 313 -25.09 8.02 -22.47
C PHE C 313 -24.44 6.95 -23.33
N PHE C 314 -25.20 6.32 -24.25
CA PHE C 314 -24.57 5.29 -25.13
C PHE C 314 -23.50 5.88 -26.10
N ARG C 315 -23.72 7.10 -26.56
CA ARG C 315 -22.71 7.73 -27.41
C ARG C 315 -21.40 7.90 -26.65
N LYS C 316 -21.50 8.26 -25.37
CA LYS C 316 -20.30 8.46 -24.59
C LYS C 316 -19.61 7.14 -24.33
N ILE C 317 -20.39 6.13 -23.91
CA ILE C 317 -19.81 4.77 -23.63
C ILE C 317 -19.06 4.27 -24.86
N ILE C 318 -19.72 4.36 -26.03
CA ILE C 318 -19.12 3.84 -27.27
C ILE C 318 -17.84 4.62 -27.64
N PHE C 319 -17.91 5.97 -27.53
CA PHE C 319 -16.73 6.73 -27.80
C PHE C 319 -15.56 6.31 -26.85
N GLU C 320 -15.84 6.17 -25.58
CA GLU C 320 -14.79 5.78 -24.58
C GLU C 320 -14.22 4.39 -24.94
N LEU C 321 -15.09 3.48 -25.33
CA LEU C 321 -14.60 2.15 -25.71
C LEU C 321 -13.68 2.25 -26.95
N LYS C 322 -14.15 3.02 -27.93
CA LYS C 322 -13.36 3.14 -29.14
C LYS C 322 -12.05 3.89 -28.85
N ALA C 323 -12.07 4.85 -27.90
CA ALA C 323 -10.76 5.51 -27.54
C ALA C 323 -9.83 4.48 -26.97
N ALA C 324 -10.30 3.64 -26.02
CA ALA C 324 -9.43 2.62 -25.44
C ALA C 324 -8.92 1.65 -26.51
N MET C 325 -9.78 1.31 -27.46
CA MET C 325 -9.37 0.42 -28.60
C MET C 325 -8.27 1.13 -29.45
N MET C 326 -8.51 2.38 -29.74
CA MET C 326 -7.60 3.18 -30.61
C MET C 326 -6.23 3.18 -29.89
N LEU C 327 -6.24 3.49 -28.59
CA LEU C 327 -4.98 3.76 -27.86
C LEU C 327 -4.27 2.51 -27.42
N THR C 328 -4.84 1.32 -27.65
CA THR C 328 -4.16 0.03 -27.46
C THR C 328 -3.86 -0.56 -28.84
N GLY C 329 -4.17 0.15 -29.93
CA GLY C 329 -3.93 -0.44 -31.31
C GLY C 329 -4.84 -1.65 -31.58
N SER C 330 -6.05 -1.61 -31.03
CA SER C 330 -6.97 -2.77 -31.11
C SER C 330 -8.01 -2.48 -32.23
N LYS C 331 -7.86 -3.15 -33.38
CA LYS C 331 -8.71 -2.80 -34.51
C LYS C 331 -10.13 -3.35 -34.42
N ASP C 332 -10.29 -4.33 -33.58
CA ASP C 332 -11.62 -5.00 -33.42
C ASP C 332 -11.65 -5.63 -32.04
N VAL C 333 -12.79 -6.18 -31.67
CA VAL C 333 -12.94 -6.74 -30.30
C VAL C 333 -12.04 -7.91 -30.02
N ASP C 334 -11.86 -8.79 -31.01
CA ASP C 334 -10.84 -9.84 -30.86
C ASP C 334 -9.44 -9.37 -30.52
N ALA C 335 -9.06 -8.26 -31.14
CA ALA C 335 -7.75 -7.63 -30.80
C ALA C 335 -7.74 -7.10 -29.35
N LEU C 336 -8.85 -6.44 -28.96
CA LEU C 336 -8.89 -5.88 -27.59
C LEU C 336 -8.78 -7.02 -26.55
N LYS C 337 -9.43 -8.14 -26.82
CA LYS C 337 -9.33 -9.31 -25.90
C LYS C 337 -7.90 -9.85 -25.70
N LYS C 338 -6.99 -9.53 -26.64
CA LYS C 338 -5.61 -9.98 -26.52
C LYS C 338 -4.66 -8.84 -26.33
N THR C 339 -5.17 -7.64 -25.95
CA THR C 339 -4.24 -6.50 -25.89
C THR C 339 -3.38 -6.53 -24.61
N SER C 340 -2.25 -5.85 -24.63
CA SER C 340 -1.41 -5.94 -23.44
C SER C 340 -2.00 -5.15 -22.24
N ILE C 341 -1.91 -5.76 -21.06
CA ILE C 341 -2.37 -5.15 -19.79
C ILE C 341 -1.30 -5.21 -18.71
N VAL C 342 -1.53 -4.47 -17.63
CA VAL C 342 -0.79 -4.69 -16.41
C VAL C 342 -1.84 -4.96 -15.32
N ILE C 343 -1.56 -5.93 -14.45
CA ILE C 343 -2.38 -6.20 -13.27
C ILE C 343 -1.52 -5.94 -12.01
N LEU C 344 -2.08 -5.10 -11.11
CA LEU C 344 -1.33 -4.57 -9.95
C LEU C 344 -2.18 -4.79 -8.70
N GLY C 345 -1.57 -4.47 -7.55
CA GLY C 345 -2.37 -4.19 -6.37
C GLY C 345 -3.15 -5.38 -5.81
N LYS C 346 -4.34 -5.07 -5.31
CA LYS C 346 -5.14 -6.13 -4.61
C LYS C 346 -5.62 -7.21 -5.62
N LEU C 347 -5.87 -6.79 -6.89
CA LEU C 347 -6.34 -7.78 -7.88
C LEU C 347 -5.19 -8.82 -8.10
N LYS C 348 -3.92 -8.32 -8.15
CA LYS C 348 -2.81 -9.25 -8.36
C LYS C 348 -2.71 -10.17 -7.14
N GLU C 349 -2.91 -9.63 -5.93
CA GLU C 349 -2.88 -10.45 -4.71
C GLU C 349 -3.98 -11.48 -4.69
N TRP C 350 -5.17 -11.06 -5.14
CA TRP C 350 -6.36 -11.97 -5.14
C TRP C 350 -6.05 -13.14 -6.09
N ALA C 351 -5.67 -12.79 -7.30
CA ALA C 351 -5.32 -13.88 -8.29
C ALA C 351 -4.21 -14.80 -7.76
N GLU C 352 -3.16 -14.25 -7.18
CA GLU C 352 -2.09 -15.12 -6.64
C GLU C 352 -2.64 -16.07 -5.57
N TYR C 353 -3.39 -15.57 -4.59
CA TYR C 353 -3.84 -16.40 -3.50
C TYR C 353 -4.80 -17.51 -4.06
N ARG C 354 -5.55 -17.15 -5.12
CA ARG C 354 -6.59 -18.08 -5.67
C ARG C 354 -6.04 -19.09 -6.66
N GLY C 355 -4.73 -19.01 -6.83
CA GLY C 355 -4.01 -19.98 -7.70
C GLY C 355 -4.14 -19.71 -9.18
N ILE C 356 -4.44 -18.45 -9.55
CA ILE C 356 -4.48 -18.02 -10.97
C ILE C 356 -3.08 -17.68 -11.40
N ASN C 357 -2.49 -18.70 -11.98
CA ASN C 357 -1.20 -18.65 -12.57
C ASN C 357 -1.39 -17.76 -13.76
N LEU C 358 -0.72 -16.64 -13.65
CA LEU C 358 -0.87 -15.53 -14.56
C LEU C 358 -0.37 -15.98 -15.94
N SER C 359 0.77 -16.69 -16.02
CA SER C 359 1.09 -17.27 -17.31
C SER C 359 -0.05 -17.98 -17.96
N ILE C 360 -0.56 -19.02 -17.32
CA ILE C 360 -1.66 -19.66 -17.95
C ILE C 360 -2.85 -18.72 -18.18
N TYR C 361 -3.11 -17.79 -17.23
CA TYR C 361 -4.18 -16.79 -17.39
C TYR C 361 -4.16 -16.03 -18.76
N GLU C 362 -3.00 -15.39 -18.97
CA GLU C 362 -2.68 -14.74 -20.22
C GLU C 362 -3.03 -15.61 -21.46
N LYS C 363 -2.49 -16.82 -21.52
CA LYS C 363 -2.91 -17.70 -22.56
C LYS C 363 -4.38 -17.92 -22.74
N VAL C 364 -5.10 -18.22 -21.66
CA VAL C 364 -6.55 -18.39 -21.70
C VAL C 364 -7.37 -17.12 -22.17
N ARG C 365 -7.06 -15.97 -21.58
CA ARG C 365 -7.81 -14.75 -21.90
C ARG C 365 -7.46 -14.32 -23.34
N LYS C 366 -6.21 -14.62 -23.70
CA LYS C 366 -5.59 -14.44 -25.02
C LYS C 366 -4.71 -13.26 -25.20
N ILE D 4 -25.57 3.02 39.32
CA ILE D 4 -25.07 4.23 38.53
C ILE D 4 -24.57 5.37 39.45
N VAL D 5 -24.40 5.09 40.73
CA VAL D 5 -23.92 6.10 41.69
C VAL D 5 -22.50 5.80 42.11
N ASN D 6 -22.23 4.54 42.49
CA ASN D 6 -20.90 4.20 43.02
C ASN D 6 -19.97 3.87 41.87
N ARG D 7 -18.69 4.19 42.04
CA ARG D 7 -17.81 3.82 40.96
C ARG D 7 -17.55 2.37 40.80
N LYS D 8 -17.26 1.97 39.56
CA LYS D 8 -16.93 0.59 39.24
C LYS D 8 -15.45 0.43 39.46
N VAL D 9 -14.98 -0.82 39.60
CA VAL D 9 -13.54 -1.03 39.54
C VAL D 9 -12.94 -0.37 38.30
N GLU D 10 -11.72 0.15 38.47
CA GLU D 10 -11.16 1.11 37.50
C GLU D 10 -10.98 0.45 36.12
N HIS D 11 -10.57 -0.82 36.06
CA HIS D 11 -10.35 -1.43 34.73
C HIS D 11 -11.66 -1.64 33.99
N VAL D 12 -12.76 -1.93 34.67
CA VAL D 12 -14.06 -2.04 34.03
C VAL D 12 -14.61 -0.68 33.60
N GLU D 13 -14.42 0.34 34.45
CA GLU D 13 -14.83 1.76 34.16
C GLU D 13 -14.11 2.19 32.86
N ILE D 14 -12.83 1.88 32.76
CA ILE D 14 -12.08 2.34 31.56
C ILE D 14 -12.47 1.54 30.31
N ALA D 15 -12.48 0.19 30.45
CA ALA D 15 -12.92 -0.61 29.27
C ALA D 15 -14.29 -0.29 28.74
N ALA D 16 -15.25 -0.08 29.64
CA ALA D 16 -16.59 0.15 29.22
C ALA D 16 -16.82 1.53 28.65
N PHE D 17 -16.11 2.53 29.19
CA PHE D 17 -16.52 3.92 28.86
C PHE D 17 -15.42 4.78 28.22
N GLU D 18 -14.17 4.30 28.12
CA GLU D 18 -13.11 5.10 27.48
C GLU D 18 -12.86 4.51 26.07
N ASN D 19 -12.09 5.22 25.27
CA ASN D 19 -11.80 4.81 23.89
C ASN D 19 -10.58 3.91 23.84
N VAL D 20 -10.84 2.59 24.08
CA VAL D 20 -9.72 1.67 24.14
C VAL D 20 -9.94 0.45 23.23
N ASP D 21 -11.10 0.39 22.58
CA ASP D 21 -11.41 -0.80 21.67
C ASP D 21 -10.71 -0.56 20.36
N GLY D 22 -9.67 -1.35 20.11
CA GLY D 22 -8.92 -1.24 18.90
C GLY D 22 -8.08 0.07 18.78
N LEU D 23 -7.76 0.70 19.89
CA LEU D 23 -7.02 1.96 19.81
C LEU D 23 -5.62 1.79 19.24
N SER D 24 -5.35 2.39 18.05
CA SER D 24 -4.05 2.28 17.44
C SER D 24 -3.61 0.86 17.19
N SER D 25 -4.57 -0.05 17.15
CA SER D 25 -4.20 -1.48 16.97
C SER D 25 -5.06 -2.09 15.84
N SER D 26 -4.76 -3.31 15.43
CA SER D 26 -5.52 -3.88 14.35
C SER D 26 -5.58 -5.42 14.45
N THR D 27 -6.74 -6.03 14.12
CA THR D 27 -6.78 -7.53 14.17
C THR D 27 -6.18 -8.15 12.93
N PHE D 28 -5.99 -7.34 11.88
CA PHE D 28 -5.64 -7.83 10.55
C PHE D 28 -6.77 -8.61 9.87
N LEU D 29 -7.98 -8.61 10.48
CA LEU D 29 -9.12 -9.37 9.87
C LEU D 29 -9.56 -8.72 8.56
N ASN D 30 -9.23 -7.43 8.39
CA ASN D 30 -9.60 -6.77 7.11
C ASN D 30 -8.81 -7.32 5.90
N ASP D 31 -7.75 -8.09 6.19
CA ASP D 31 -6.92 -8.61 5.13
C ASP D 31 -7.39 -10.05 4.78
N VAL D 32 -8.47 -10.52 5.42
CA VAL D 32 -9.05 -11.88 5.18
C VAL D 32 -10.39 -11.70 4.48
N ILE D 33 -10.57 -12.33 3.31
CA ILE D 33 -11.83 -12.17 2.59
C ILE D 33 -12.43 -13.60 2.49
N LEU D 34 -13.70 -13.77 2.84
CA LEU D 34 -14.38 -15.04 2.60
C LEU D 34 -15.03 -14.99 1.21
N VAL D 35 -14.74 -16.00 0.42
CA VAL D 35 -15.17 -15.89 -0.97
C VAL D 35 -16.65 -16.15 -1.10
N HIS D 36 -17.35 -15.20 -1.75
CA HIS D 36 -18.85 -15.34 -1.90
C HIS D 36 -19.18 -16.47 -2.92
N GLN D 37 -20.25 -17.20 -2.62
CA GLN D 37 -20.74 -18.25 -3.50
C GLN D 37 -22.14 -17.93 -3.88
N GLY D 38 -22.31 -17.49 -5.12
CA GLY D 38 -23.62 -17.00 -5.56
C GLY D 38 -24.62 -18.15 -5.66
N PHE D 39 -24.10 -19.40 -5.70
CA PHE D 39 -25.01 -20.56 -5.56
C PHE D 39 -24.60 -21.30 -4.32
N PRO D 40 -25.23 -21.00 -3.21
CA PRO D 40 -24.73 -21.57 -1.89
C PRO D 40 -24.93 -23.07 -1.74
N GLY D 41 -25.99 -23.58 -2.35
CA GLY D 41 -26.11 -25.07 -2.30
C GLY D 41 -26.77 -25.54 -1.03
N ILE D 42 -27.30 -24.59 -0.22
CA ILE D 42 -27.93 -24.82 1.04
C ILE D 42 -29.02 -23.87 1.19
N SER D 43 -29.83 -24.11 2.22
CA SER D 43 -30.85 -23.22 2.62
C SER D 43 -30.54 -22.53 3.95
N PHE D 44 -30.90 -21.28 4.16
CA PHE D 44 -30.50 -20.62 5.38
C PHE D 44 -31.00 -21.42 6.61
N SER D 45 -32.18 -22.04 6.43
CA SER D 45 -32.86 -22.59 7.62
C SER D 45 -32.24 -23.90 7.98
N GLU D 46 -31.48 -24.54 7.09
CA GLU D 46 -30.79 -25.82 7.31
C GLU D 46 -29.41 -25.58 7.97
N ILE D 47 -28.92 -24.33 8.02
CA ILE D 47 -27.52 -24.12 8.50
C ILE D 47 -27.43 -24.59 9.94
N ASN D 48 -26.40 -25.40 10.25
CA ASN D 48 -26.30 -25.99 11.61
C ASN D 48 -25.09 -25.35 12.26
N THR D 49 -25.30 -24.62 13.35
CA THR D 49 -24.16 -23.88 13.98
C THR D 49 -23.68 -24.60 15.23
N LYS D 50 -24.18 -25.83 15.46
CA LYS D 50 -23.74 -26.57 16.62
C LYS D 50 -22.26 -27.00 16.53
N THR D 51 -21.57 -27.05 17.69
CA THR D 51 -20.22 -27.58 17.67
C THR D 51 -19.84 -28.12 19.06
N LYS D 52 -18.68 -28.76 19.16
CA LYS D 52 -18.29 -29.40 20.44
C LYS D 52 -17.47 -28.41 21.22
N PHE D 53 -17.57 -28.48 22.54
CA PHE D 53 -16.69 -27.68 23.40
C PHE D 53 -16.36 -28.66 24.52
N PHE D 54 -15.21 -29.30 24.36
CA PHE D 54 -14.80 -30.47 25.24
C PHE D 54 -15.94 -31.49 25.22
N ARG D 55 -16.45 -31.88 26.39
CA ARG D 55 -17.50 -32.92 26.41
C ARG D 55 -18.92 -32.50 26.13
N LYS D 56 -19.17 -31.19 25.91
CA LYS D 56 -20.48 -30.65 25.74
C LYS D 56 -20.70 -30.22 24.33
N GLU D 57 -21.98 -30.13 23.95
CA GLU D 57 -22.32 -29.51 22.66
C GLU D 57 -22.78 -28.13 22.95
N ILE D 58 -22.39 -27.14 22.10
CA ILE D 58 -22.87 -25.81 22.30
C ILE D 58 -23.61 -25.40 21.01
N SER D 59 -24.41 -24.35 21.07
CA SER D 59 -25.34 -24.09 19.98
C SER D 59 -24.77 -23.28 18.83
N VAL D 60 -23.67 -22.56 19.11
CA VAL D 60 -23.06 -21.63 18.16
C VAL D 60 -21.54 -21.65 18.48
N PRO D 61 -20.65 -21.49 17.49
CA PRO D 61 -19.19 -21.62 17.76
C PRO D 61 -18.62 -20.29 18.27
N VAL D 62 -19.28 -19.74 19.32
CA VAL D 62 -18.80 -18.48 19.92
C VAL D 62 -18.71 -18.72 21.43
N MET D 63 -17.76 -18.07 22.10
CA MET D 63 -17.86 -18.04 23.54
C MET D 63 -17.70 -16.62 24.08
N VAL D 64 -18.20 -16.38 25.31
CA VAL D 64 -17.85 -15.18 26.05
C VAL D 64 -16.61 -15.49 26.83
N THR D 65 -15.51 -14.73 26.61
CA THR D 65 -14.31 -15.01 27.41
C THR D 65 -14.28 -14.24 28.74
N GLY D 66 -13.39 -14.67 29.64
CA GLY D 66 -13.42 -14.18 31.03
C GLY D 66 -13.25 -12.65 31.17
N MET D 67 -14.00 -12.03 32.11
CA MET D 67 -13.82 -10.57 32.32
C MET D 67 -13.85 -10.25 33.79
N THR D 68 -14.89 -10.73 34.50
CA THR D 68 -15.03 -10.11 35.83
C THR D 68 -15.66 -11.05 36.89
N GLY D 69 -15.96 -10.42 38.03
CA GLY D 69 -16.32 -11.12 39.24
C GLY D 69 -15.52 -10.55 40.39
N GLY D 70 -16.07 -10.69 41.57
CA GLY D 70 -15.31 -10.39 42.80
C GLY D 70 -15.84 -9.32 43.73
N ARG D 71 -16.89 -8.61 43.27
CA ARG D 71 -17.66 -7.62 44.06
C ARG D 71 -19.09 -7.79 43.64
N ASN D 72 -20.00 -7.24 44.42
CA ASN D 72 -21.42 -7.44 44.12
C ASN D 72 -21.89 -6.98 42.72
N GLU D 73 -21.46 -5.78 42.33
CA GLU D 73 -21.87 -5.19 41.05
C GLU D 73 -21.30 -6.01 39.90
N LEU D 74 -20.15 -6.65 40.16
CA LEU D 74 -19.54 -7.50 39.14
C LEU D 74 -20.25 -8.83 39.06
N GLY D 75 -20.72 -9.34 40.20
CA GLY D 75 -21.62 -10.47 40.15
C GLY D 75 -22.95 -10.19 39.45
N ARG D 76 -23.51 -8.97 39.55
CA ARG D 76 -24.71 -8.66 38.81
C ARG D 76 -24.48 -8.76 37.26
N ILE D 77 -23.33 -8.28 36.84
CA ILE D 77 -22.98 -8.31 35.40
C ILE D 77 -22.76 -9.79 35.02
N ASN D 78 -22.03 -10.55 35.82
CA ASN D 78 -21.84 -11.97 35.55
C ASN D 78 -23.14 -12.73 35.46
N LYS D 79 -24.13 -12.35 36.27
CA LYS D 79 -25.42 -13.05 36.28
C LYS D 79 -26.18 -12.80 35.00
N ILE D 80 -26.18 -11.57 34.55
CA ILE D 80 -26.81 -11.23 33.27
C ILE D 80 -26.16 -11.98 32.14
N ILE D 81 -24.80 -11.93 32.12
CA ILE D 81 -24.11 -12.61 30.97
C ILE D 81 -24.42 -14.10 31.02
N ALA D 82 -24.34 -14.72 32.19
CA ALA D 82 -24.60 -16.17 32.29
C ALA D 82 -26.05 -16.57 31.89
N GLU D 83 -27.00 -15.78 32.35
CA GLU D 83 -28.38 -16.07 31.96
C GLU D 83 -28.59 -16.06 30.45
N VAL D 84 -27.98 -15.11 29.78
CA VAL D 84 -28.15 -14.99 28.34
C VAL D 84 -27.34 -16.06 27.66
N ALA D 85 -26.13 -16.30 28.17
CA ALA D 85 -25.31 -17.37 27.56
C ALA D 85 -26.05 -18.75 27.65
N GLU D 86 -26.68 -19.00 28.79
CA GLU D 86 -27.46 -20.24 29.00
C GLU D 86 -28.60 -20.30 27.98
N LYS D 87 -29.26 -19.16 27.81
CA LYS D 87 -30.42 -19.14 26.85
C LYS D 87 -30.02 -19.45 25.45
N PHE D 88 -28.84 -18.92 25.02
CA PHE D 88 -28.31 -19.17 23.66
C PHE D 88 -27.46 -20.41 23.50
N GLY D 89 -27.15 -21.06 24.61
CA GLY D 89 -26.33 -22.27 24.46
C GLY D 89 -24.88 -21.98 24.15
N ILE D 90 -24.41 -20.89 24.70
CA ILE D 90 -22.97 -20.51 24.39
C ILE D 90 -22.12 -20.55 25.67
N PRO D 91 -20.87 -21.03 25.56
CA PRO D 91 -20.01 -21.12 26.74
C PRO D 91 -19.59 -19.74 27.28
N MET D 92 -19.34 -19.71 28.61
CA MET D 92 -18.96 -18.45 29.25
C MET D 92 -17.77 -18.68 30.16
N GLY D 93 -16.73 -17.89 29.94
CA GLY D 93 -15.63 -17.80 30.95
C GLY D 93 -15.92 -16.69 31.97
N VAL D 94 -15.49 -16.93 33.21
CA VAL D 94 -15.38 -15.85 34.21
C VAL D 94 -14.09 -15.15 34.24
N GLY D 95 -14.09 -13.96 34.86
CA GLY D 95 -12.81 -13.33 35.13
C GLY D 95 -11.97 -13.97 36.17
N SER D 96 -10.78 -13.42 36.35
CA SER D 96 -9.85 -13.98 37.32
C SER D 96 -10.49 -14.22 38.70
N GLN D 97 -10.34 -15.41 39.18
CA GLN D 97 -10.96 -15.84 40.45
C GLN D 97 -10.03 -15.62 41.64
N ARG D 98 -8.92 -14.92 41.42
CA ARG D 98 -7.95 -14.75 42.50
C ARG D 98 -8.59 -14.11 43.75
N VAL D 99 -9.45 -13.13 43.53
CA VAL D 99 -10.02 -12.42 44.68
C VAL D 99 -10.90 -13.40 45.49
N ALA D 100 -11.58 -14.34 44.84
CA ALA D 100 -12.46 -15.27 45.53
C ALA D 100 -11.71 -16.43 46.20
N ILE D 101 -10.51 -16.76 45.67
CA ILE D 101 -9.58 -17.65 46.34
C ILE D 101 -9.14 -17.00 47.66
N GLU D 102 -8.88 -15.72 47.64
CA GLU D 102 -8.39 -14.98 48.82
C GLU D 102 -9.51 -14.66 49.83
N LYS D 103 -10.69 -14.34 49.34
CA LYS D 103 -11.78 -13.81 50.19
C LYS D 103 -13.13 -14.52 49.98
N ALA D 104 -13.65 -15.24 50.99
CA ALA D 104 -14.88 -16.03 50.81
C ALA D 104 -16.06 -15.17 50.34
N GLU D 105 -16.05 -13.89 50.71
CA GLU D 105 -17.14 -12.96 50.38
C GLU D 105 -17.22 -12.69 48.89
N ALA D 106 -16.09 -12.91 48.20
CA ALA D 106 -16.05 -12.68 46.74
C ALA D 106 -16.58 -13.85 45.95
N ARG D 107 -16.80 -14.99 46.61
CA ARG D 107 -17.19 -16.18 45.89
C ARG D 107 -18.52 -16.12 45.19
N GLU D 108 -19.54 -15.53 45.84
CA GLU D 108 -20.87 -15.61 45.25
C GLU D 108 -20.92 -14.90 43.89
N SER D 109 -20.10 -13.85 43.70
CA SER D 109 -20.15 -13.12 42.43
C SER D 109 -19.60 -13.96 41.20
N PHE D 110 -18.99 -15.12 41.53
CA PHE D 110 -18.63 -16.14 40.54
C PHE D 110 -19.62 -17.30 40.51
N ALA D 111 -19.93 -17.87 41.67
CA ALA D 111 -20.88 -18.98 41.73
C ALA D 111 -22.23 -18.72 41.13
N ILE D 112 -22.67 -17.46 41.18
CA ILE D 112 -23.98 -17.09 40.57
C ILE D 112 -24.10 -17.58 39.10
N VAL D 113 -22.96 -17.60 38.39
CA VAL D 113 -22.94 -17.95 36.99
C VAL D 113 -23.48 -19.36 36.83
N ARG D 114 -23.06 -20.26 37.73
CA ARG D 114 -23.43 -21.65 37.56
C ARG D 114 -24.91 -21.88 37.98
N LYS D 115 -25.36 -21.05 38.91
CA LYS D 115 -26.75 -21.14 39.41
C LYS D 115 -27.76 -20.81 38.31
N VAL D 116 -27.47 -19.79 37.51
CA VAL D 116 -28.36 -19.34 36.44
C VAL D 116 -28.02 -19.99 35.08
N ALA D 117 -26.87 -20.68 34.99
CA ALA D 117 -26.47 -21.33 33.74
C ALA D 117 -26.03 -22.75 34.04
N PRO D 118 -27.02 -23.65 34.31
CA PRO D 118 -26.63 -24.97 34.76
C PRO D 118 -26.13 -25.91 33.70
N THR D 119 -26.34 -25.57 32.41
CA THR D 119 -25.99 -26.58 31.41
C THR D 119 -24.76 -26.23 30.55
N ILE D 120 -24.60 -24.96 30.24
CA ILE D 120 -23.51 -24.54 29.31
C ILE D 120 -22.13 -24.81 29.87
N PRO D 121 -21.10 -24.85 29.02
CA PRO D 121 -19.70 -24.90 29.55
C PRO D 121 -19.40 -23.60 30.27
N ILE D 122 -18.84 -23.70 31.47
CA ILE D 122 -18.36 -22.54 32.24
C ILE D 122 -16.86 -22.76 32.43
N ILE D 123 -16.11 -21.65 32.28
CA ILE D 123 -14.69 -21.75 32.24
C ILE D 123 -14.09 -20.88 33.35
N ALA D 124 -13.36 -21.53 34.28
CA ALA D 124 -12.71 -20.86 35.41
C ALA D 124 -11.54 -19.98 34.94
N ASN D 125 -10.90 -19.19 35.81
CA ASN D 125 -9.84 -18.30 35.34
C ASN D 125 -8.90 -17.96 36.48
N LEU D 126 -7.61 -18.15 36.18
CA LEU D 126 -6.53 -17.67 37.09
C LEU D 126 -5.40 -17.19 36.22
N GLY D 127 -4.59 -16.30 36.76
CA GLY D 127 -3.51 -15.74 35.90
C GLY D 127 -2.24 -16.52 36.03
N MET D 128 -1.52 -16.67 34.93
CA MET D 128 -0.25 -17.44 34.92
C MET D 128 0.77 -16.99 35.98
N PRO D 129 0.90 -15.67 36.26
CA PRO D 129 1.91 -15.29 37.30
C PRO D 129 1.54 -15.83 38.69
N GLN D 130 0.28 -16.17 38.93
CA GLN D 130 -0.07 -16.70 40.30
C GLN D 130 0.64 -18.04 40.54
N LEU D 131 1.02 -18.78 39.49
CA LEU D 131 1.73 -20.04 39.63
C LEU D 131 3.15 -19.85 40.13
N VAL D 132 3.69 -18.65 40.07
CA VAL D 132 5.00 -18.45 40.59
C VAL D 132 4.94 -17.85 41.95
N LYS D 133 3.73 -17.63 42.47
CA LYS D 133 3.52 -16.91 43.69
C LYS D 133 2.68 -17.82 44.59
N GLY D 134 2.77 -19.12 44.49
CA GLY D 134 2.13 -19.97 45.55
C GLY D 134 0.85 -20.63 45.11
N TYR D 135 0.26 -20.20 44.00
CA TYR D 135 -0.96 -20.94 43.60
C TYR D 135 -0.56 -22.17 42.91
N GLY D 136 -1.35 -23.23 43.07
CA GLY D 136 -1.12 -24.44 42.38
C GLY D 136 -2.37 -25.29 42.39
N LEU D 137 -2.20 -26.62 42.52
CA LEU D 137 -3.28 -27.58 42.24
C LEU D 137 -4.54 -27.26 43.01
N LYS D 138 -4.40 -27.02 44.31
CA LYS D 138 -5.53 -26.75 45.15
C LYS D 138 -6.35 -25.49 44.81
N GLU D 139 -5.65 -24.41 44.47
CA GLU D 139 -6.30 -23.19 44.07
C GLU D 139 -7.01 -23.37 42.67
N PHE D 140 -6.44 -24.13 41.74
CA PHE D 140 -7.14 -24.49 40.50
C PHE D 140 -8.39 -25.25 40.79
N GLN D 141 -8.27 -26.22 41.71
CA GLN D 141 -9.45 -27.09 41.95
C GLN D 141 -10.51 -26.27 42.60
N ASP D 142 -10.12 -25.34 43.49
CA ASP D 142 -11.05 -24.43 44.17
C ASP D 142 -11.78 -23.51 43.16
N ALA D 143 -11.00 -22.94 42.22
CA ALA D 143 -11.58 -22.11 41.17
C ALA D 143 -12.60 -22.91 40.36
N ILE D 144 -12.27 -24.17 40.07
CA ILE D 144 -13.10 -24.99 39.19
C ILE D 144 -14.37 -25.34 39.99
N GLN D 145 -14.18 -25.80 41.25
CA GLN D 145 -15.38 -26.22 42.00
C GLN D 145 -16.33 -25.09 42.34
N MET D 146 -15.82 -23.86 42.49
CA MET D 146 -16.60 -22.68 42.82
C MET D 146 -17.78 -22.45 41.84
N ILE D 147 -17.52 -22.81 40.60
CA ILE D 147 -18.51 -22.56 39.54
C ILE D 147 -18.83 -23.87 38.80
N GLU D 148 -18.51 -25.06 39.39
CA GLU D 148 -18.53 -26.34 38.69
C GLU D 148 -18.06 -26.23 37.23
N ALA D 149 -16.81 -25.74 37.06
CA ALA D 149 -16.32 -25.40 35.72
C ALA D 149 -16.06 -26.63 34.86
N ASP D 150 -16.22 -26.51 33.54
CA ASP D 150 -15.87 -27.58 32.57
C ASP D 150 -14.46 -27.43 32.00
N ALA D 151 -13.79 -26.33 32.38
CA ALA D 151 -12.37 -26.09 31.96
C ALA D 151 -11.85 -24.95 32.78
N ILE D 152 -10.56 -24.71 32.73
CA ILE D 152 -10.05 -23.51 33.44
C ILE D 152 -9.14 -22.80 32.42
N ALA D 153 -9.29 -21.49 32.32
CA ALA D 153 -8.33 -20.68 31.49
C ALA D 153 -7.26 -20.13 32.41
N VAL D 154 -6.02 -20.18 31.95
CA VAL D 154 -4.87 -19.56 32.60
C VAL D 154 -4.44 -18.42 31.67
N HIS D 155 -4.50 -17.18 32.18
CA HIS D 155 -4.26 -16.01 31.25
C HIS D 155 -2.82 -15.48 31.35
N LEU D 156 -2.37 -14.99 30.20
CA LEU D 156 -1.04 -14.37 30.13
C LEU D 156 -1.32 -12.87 29.92
N ASN D 157 -0.74 -11.99 30.74
CA ASN D 157 -0.96 -10.61 30.45
C ASN D 157 0.28 -9.80 30.69
N PRO D 158 1.42 -10.27 30.23
CA PRO D 158 2.61 -9.52 30.53
C PRO D 158 2.63 -8.10 30.03
N ALA D 159 2.04 -7.81 28.88
CA ALA D 159 2.12 -6.40 28.40
C ALA D 159 1.35 -5.51 29.34
N GLN D 160 0.11 -5.93 29.76
CA GLN D 160 -0.65 -5.07 30.75
C GLN D 160 0.21 -4.84 32.01
N GLU D 161 0.85 -5.90 32.49
CA GLU D 161 1.61 -5.81 33.75
C GLU D 161 2.86 -4.90 33.62
N VAL D 162 3.51 -4.88 32.47
CA VAL D 162 4.72 -4.02 32.27
C VAL D 162 4.28 -2.55 32.42
N PHE D 163 3.04 -2.20 32.02
CA PHE D 163 2.73 -0.73 31.90
C PHE D 163 1.89 -0.29 33.06
N GLN D 164 1.52 -1.23 33.93
CA GLN D 164 0.80 -0.86 35.19
C GLN D 164 1.62 0.05 36.05
N PRO D 165 0.91 0.92 36.83
CA PRO D 165 1.69 1.88 37.58
C PRO D 165 2.68 1.19 38.53
N GLU D 166 2.24 0.09 39.12
CA GLU D 166 3.13 -0.69 39.98
C GLU D 166 3.44 -2.01 39.51
N GLY D 167 4.50 -2.27 38.80
CA GLY D 167 4.53 -3.67 38.78
C GLY D 167 5.36 -4.31 37.83
N GLU D 168 5.48 -5.61 38.08
CA GLU D 168 6.52 -6.36 37.47
C GLU D 168 5.99 -7.72 37.08
N PRO D 169 5.97 -7.96 35.79
CA PRO D 169 5.53 -9.27 35.29
C PRO D 169 6.54 -10.37 35.66
N GLU D 170 5.99 -11.54 36.07
CA GLU D 170 6.86 -12.64 36.44
C GLU D 170 6.36 -13.87 35.69
N TYR D 171 7.18 -14.32 34.74
CA TYR D 171 6.84 -15.48 33.87
C TYR D 171 8.00 -16.41 33.79
N GLN D 172 8.62 -16.72 34.94
CA GLN D 172 9.66 -17.80 34.92
C GLN D 172 9.11 -19.17 34.47
N ILE D 173 10.02 -19.96 33.90
CA ILE D 173 9.62 -21.25 33.33
C ILE D 173 9.01 -22.22 34.38
N TYR D 174 9.35 -21.99 35.65
CA TYR D 174 8.72 -22.75 36.71
C TYR D 174 7.21 -22.72 36.63
N ALA D 175 6.63 -21.59 36.18
CA ALA D 175 5.16 -21.59 36.13
C ALA D 175 4.63 -22.70 35.23
N LEU D 176 5.28 -22.89 34.08
CA LEU D 176 4.83 -23.95 33.14
C LEU D 176 5.16 -25.34 33.68
N GLU D 177 6.25 -25.43 34.44
CA GLU D 177 6.54 -26.75 35.08
C GLU D 177 5.43 -27.08 36.02
N LYS D 178 4.97 -26.10 36.82
CA LYS D 178 3.90 -26.33 37.76
C LYS D 178 2.58 -26.58 37.07
N LEU D 179 2.32 -25.80 35.98
CA LEU D 179 1.07 -25.99 35.26
C LEU D 179 0.97 -27.41 34.66
N ARG D 180 2.09 -27.87 34.13
CA ARG D 180 2.20 -29.21 33.52
C ARG D 180 1.92 -30.30 34.56
N ASP D 181 2.47 -30.12 35.74
CA ASP D 181 2.06 -30.98 36.93
C ASP D 181 0.57 -30.93 37.29
N ILE D 182 0.00 -29.73 37.35
CA ILE D 182 -1.40 -29.54 37.73
C ILE D 182 -2.28 -30.23 36.66
N SER D 183 -1.88 -30.12 35.39
CA SER D 183 -2.73 -30.59 34.27
C SER D 183 -3.09 -32.10 34.42
N LYS D 184 -2.12 -32.84 34.91
CA LYS D 184 -2.28 -34.29 35.45
C LYS D 184 -3.27 -34.57 36.53
N GLU D 185 -3.58 -33.63 37.35
CA GLU D 185 -4.32 -33.96 38.49
C GLU D 185 -5.74 -33.36 38.34
N LEU D 186 -5.95 -32.47 37.36
CA LEU D 186 -7.24 -31.83 37.19
C LEU D 186 -8.23 -32.69 36.47
N SER D 187 -9.49 -32.53 36.82
CA SER D 187 -10.50 -33.29 36.19
C SER D 187 -11.01 -32.61 34.90
N VAL D 188 -10.55 -31.38 34.63
CA VAL D 188 -11.01 -30.68 33.40
C VAL D 188 -9.78 -30.12 32.64
N PRO D 189 -9.95 -29.78 31.37
CA PRO D 189 -8.83 -29.25 30.57
C PRO D 189 -8.45 -27.80 30.93
N ILE D 190 -7.20 -27.48 30.62
CA ILE D 190 -6.63 -26.12 30.74
C ILE D 190 -6.64 -25.49 29.35
N ILE D 191 -7.08 -24.21 29.28
CA ILE D 191 -6.90 -23.44 28.08
C ILE D 191 -5.88 -22.29 28.46
N VAL D 192 -4.88 -22.01 27.64
CA VAL D 192 -4.03 -20.83 27.98
C VAL D 192 -4.45 -19.71 27.03
N LYS D 193 -4.75 -18.55 27.62
CA LYS D 193 -5.19 -17.44 26.75
C LYS D 193 -4.33 -16.23 26.97
N GLU D 194 -4.27 -15.38 25.95
CA GLU D 194 -3.61 -14.03 26.12
C GLU D 194 -4.70 -13.08 26.61
N SER D 195 -4.35 -11.82 26.63
CA SER D 195 -5.25 -10.76 27.16
C SER D 195 -5.10 -9.51 26.32
N GLY D 196 -5.11 -9.69 25.03
CA GLY D 196 -5.09 -8.54 24.06
C GLY D 196 -3.85 -8.35 23.25
N ASN D 197 -2.81 -9.20 23.48
CA ASN D 197 -1.56 -9.00 22.74
C ASN D 197 -1.09 -10.22 21.89
N GLY D 198 -1.93 -11.28 21.97
CA GLY D 198 -1.85 -12.42 20.99
C GLY D 198 -0.86 -13.49 21.35
N ILE D 199 -1.08 -14.65 20.75
CA ILE D 199 -0.17 -15.82 20.90
C ILE D 199 0.59 -16.09 19.60
N SER D 200 1.95 -16.05 19.67
CA SER D 200 2.92 -16.29 18.57
C SER D 200 3.16 -17.82 18.42
N MET D 201 3.74 -18.21 17.28
CA MET D 201 4.21 -19.61 17.21
C MET D 201 5.18 -20.00 18.24
N GLU D 202 6.13 -19.10 18.61
CA GLU D 202 7.05 -19.53 19.67
C GLU D 202 6.38 -19.83 21.00
N THR D 203 5.44 -18.95 21.40
CA THR D 203 4.77 -19.16 22.64
C THR D 203 3.86 -20.41 22.55
N ALA D 204 3.17 -20.57 21.44
CA ALA D 204 2.27 -21.75 21.28
C ALA D 204 3.12 -23.06 21.36
N LYS D 205 4.23 -23.06 20.66
CA LYS D 205 5.07 -24.30 20.71
C LYS D 205 5.64 -24.51 22.12
N LEU D 206 6.03 -23.43 22.84
CA LEU D 206 6.55 -23.63 24.18
C LEU D 206 5.46 -24.22 25.10
N LEU D 207 4.24 -23.61 25.05
CA LEU D 207 3.09 -24.08 25.82
C LEU D 207 2.80 -25.62 25.47
N TYR D 208 2.85 -25.92 24.17
CA TYR D 208 2.51 -27.30 23.71
C TYR D 208 3.57 -28.26 24.26
N SER D 209 4.84 -27.80 24.35
CA SER D 209 5.89 -28.67 24.94
C SER D 209 5.67 -28.98 26.44
N TYR D 210 4.90 -28.12 27.16
CA TYR D 210 4.50 -28.40 28.53
C TYR D 210 3.10 -29.04 28.65
N GLY D 211 2.57 -29.51 27.50
CA GLY D 211 1.33 -30.24 27.53
C GLY D 211 0.08 -29.44 27.28
N ILE D 212 0.21 -28.15 26.88
CA ILE D 212 -0.99 -27.36 26.64
C ILE D 212 -1.51 -27.57 25.22
N LYS D 213 -2.79 -27.94 25.07
CA LYS D 213 -3.34 -28.25 23.73
C LYS D 213 -4.46 -27.32 23.35
N ASN D 214 -4.89 -26.46 24.28
CA ASN D 214 -6.05 -25.61 24.07
C ASN D 214 -5.61 -24.15 24.28
N PHE D 215 -5.95 -23.31 23.32
CA PHE D 215 -5.35 -21.90 23.30
C PHE D 215 -6.41 -20.95 22.89
N ASP D 216 -6.33 -19.72 23.47
CA ASP D 216 -7.24 -18.64 23.10
C ASP D 216 -6.35 -17.42 22.71
N THR D 217 -6.44 -17.06 21.43
CA THR D 217 -5.45 -16.15 20.86
C THR D 217 -5.42 -14.76 21.52
N SER D 218 -6.60 -14.24 21.79
CA SER D 218 -6.75 -12.88 22.41
C SER D 218 -5.65 -11.94 21.81
N GLY D 219 -5.78 -11.72 20.49
CA GLY D 219 -4.76 -10.93 19.75
C GLY D 219 -5.02 -9.42 19.87
N GLN D 220 -4.07 -8.61 19.29
CA GLN D 220 -4.34 -7.17 19.30
C GLN D 220 -5.44 -6.86 18.30
N GLY D 221 -6.04 -5.67 18.42
CA GLY D 221 -7.10 -5.24 17.50
C GLY D 221 -8.46 -5.06 18.22
N GLY D 222 -8.63 -5.72 19.41
CA GLY D 222 -9.82 -5.53 20.26
C GLY D 222 -9.46 -4.72 21.50
N THR D 223 -9.90 -5.19 22.67
CA THR D 223 -9.57 -4.44 23.89
C THR D 223 -8.07 -4.24 23.97
N ASN D 224 -7.67 -2.95 24.13
CA ASN D 224 -6.27 -2.67 24.24
C ASN D 224 -5.88 -2.46 25.65
N TRP D 225 -5.33 -3.48 26.30
CA TRP D 225 -5.01 -3.38 27.74
C TRP D 225 -3.80 -2.51 27.99
N ILE D 226 -2.91 -2.39 26.99
CA ILE D 226 -1.80 -1.40 27.07
C ILE D 226 -2.41 0.02 27.12
N ALA D 227 -3.38 0.28 26.26
CA ALA D 227 -4.17 1.57 26.35
C ALA D 227 -4.84 1.75 27.70
N ILE D 228 -5.42 0.70 28.25
CA ILE D 228 -6.16 0.83 29.53
C ILE D 228 -5.13 1.25 30.65
N GLU D 229 -3.96 0.57 30.68
CA GLU D 229 -2.93 0.92 31.69
C GLU D 229 -2.38 2.31 31.36
N MET D 230 -2.30 2.66 30.08
CA MET D 230 -1.86 4.03 29.74
C MET D 230 -2.82 5.03 30.43
N ILE D 231 -4.12 4.78 30.33
CA ILE D 231 -5.11 5.73 30.92
C ILE D 231 -5.00 5.69 32.43
N ARG D 232 -4.85 4.52 33.06
CA ARG D 232 -4.55 4.51 34.52
C ARG D 232 -3.31 5.33 34.85
N ASP D 233 -2.27 5.25 33.99
CA ASP D 233 -1.05 6.00 34.26
C ASP D 233 -1.30 7.51 34.08
N ILE D 234 -2.10 7.86 33.07
CA ILE D 234 -2.42 9.30 32.85
C ILE D 234 -3.09 9.86 34.09
N ARG D 235 -4.10 9.14 34.57
CA ARG D 235 -4.90 9.55 35.74
C ARG D 235 -4.10 9.73 36.98
N ARG D 236 -2.92 9.07 37.07
CA ARG D 236 -2.00 9.22 38.23
C ARG D 236 -0.81 10.17 37.97
N GLY D 237 -0.77 10.80 36.81
CA GLY D 237 0.34 11.66 36.39
C GLY D 237 1.62 10.88 36.34
N ASN D 238 1.46 9.59 35.97
CA ASN D 238 2.61 8.63 35.86
C ASN D 238 3.26 8.66 34.44
N TRP D 239 4.57 8.99 34.34
CA TRP D 239 5.23 9.15 33.02
C TRP D 239 5.21 7.84 32.23
N LYS D 240 4.98 6.72 32.89
CA LYS D 240 4.87 5.43 32.06
C LYS D 240 3.76 5.59 31.05
N ALA D 241 2.83 6.55 31.20
CA ALA D 241 1.80 6.67 30.17
C ALA D 241 2.38 6.96 28.78
N GLU D 242 3.47 7.76 28.70
CA GLU D 242 3.98 8.10 27.39
C GLU D 242 4.72 6.89 26.83
N SER D 243 5.30 6.08 27.72
CA SER D 243 5.90 4.81 27.28
C SER D 243 4.87 3.84 26.72
N ALA D 244 3.79 3.68 27.45
CA ALA D 244 2.62 2.85 26.98
C ALA D 244 2.16 3.32 25.62
N LYS D 245 2.12 4.64 25.38
CA LYS D 245 1.69 5.13 24.10
C LYS D 245 2.54 4.59 22.92
N ASN D 246 3.87 4.46 23.15
CA ASN D 246 4.74 3.92 22.14
C ASN D 246 4.45 2.42 21.84
N PHE D 247 3.78 1.76 22.76
CA PHE D 247 3.44 0.34 22.60
C PHE D 247 2.01 0.07 22.29
N LEU D 248 1.20 1.11 21.86
CA LEU D 248 -0.23 0.79 21.65
C LEU D 248 -0.50 -0.26 20.55
N ASP D 249 0.38 -0.38 19.56
CA ASP D 249 0.18 -1.36 18.49
C ASP D 249 1.08 -2.56 18.69
N TRP D 250 1.50 -2.83 19.94
CA TRP D 250 2.38 -3.98 20.24
C TRP D 250 1.45 -5.24 20.23
N GLY D 251 2.01 -6.34 19.73
CA GLY D 251 1.34 -7.63 19.89
C GLY D 251 1.08 -8.31 18.53
N VAL D 252 0.63 -9.57 18.60
CA VAL D 252 0.32 -10.31 17.34
C VAL D 252 -1.19 -10.02 17.05
N PRO D 253 -1.48 -9.50 15.89
CA PRO D 253 -2.88 -9.20 15.49
C PRO D 253 -3.65 -10.57 15.51
N THR D 254 -4.88 -10.47 15.91
CA THR D 254 -5.74 -11.68 16.08
C THR D 254 -5.65 -12.60 14.82
N ALA D 255 -5.83 -12.09 13.61
CA ALA D 255 -5.80 -13.00 12.44
C ALA D 255 -4.44 -13.66 12.27
N ALA D 256 -3.36 -12.90 12.54
CA ALA D 256 -2.04 -13.53 12.45
C ALA D 256 -1.87 -14.59 13.56
N SER D 257 -2.39 -14.31 14.77
CA SER D 257 -2.23 -15.29 15.89
C SER D 257 -3.04 -16.57 15.61
N ILE D 258 -4.22 -16.41 15.01
CA ILE D 258 -4.95 -17.67 14.67
C ILE D 258 -4.13 -18.47 13.65
N MET D 259 -3.56 -17.82 12.59
CA MET D 259 -2.74 -18.55 11.64
C MET D 259 -1.50 -19.16 12.38
N GLU D 260 -0.83 -18.40 13.27
CA GLU D 260 0.37 -18.89 13.87
C GLU D 260 0.10 -20.10 14.77
N VAL D 261 -1.00 -20.08 15.53
CA VAL D 261 -1.26 -21.19 16.47
C VAL D 261 -1.76 -22.39 15.66
N ARG D 262 -2.66 -22.14 14.69
CA ARG D 262 -3.12 -23.32 13.88
C ARG D 262 -1.93 -23.94 13.15
N TYR D 263 -0.98 -23.10 12.62
CA TYR D 263 0.10 -23.72 11.86
C TYR D 263 1.09 -24.47 12.74
N SER D 264 1.43 -23.89 13.86
CA SER D 264 2.45 -24.49 14.75
C SER D 264 1.97 -25.62 15.63
N VAL D 265 0.70 -25.62 15.92
CA VAL D 265 0.03 -26.63 16.70
C VAL D 265 -1.25 -27.12 16.01
N PRO D 266 -1.07 -27.96 14.98
CA PRO D 266 -2.18 -28.16 14.01
C PRO D 266 -3.35 -28.82 14.61
N ASP D 267 -3.14 -29.54 15.69
CA ASP D 267 -4.26 -30.29 16.32
C ASP D 267 -4.80 -29.60 17.57
N SER D 268 -4.43 -28.33 17.75
CA SER D 268 -4.96 -27.63 18.92
C SER D 268 -6.46 -27.40 18.84
N PHE D 269 -7.02 -27.05 20.01
CA PHE D 269 -8.41 -26.59 20.08
C PHE D 269 -8.16 -25.11 20.33
N LEU D 270 -8.71 -24.33 19.39
CA LEU D 270 -8.26 -22.93 19.22
C LEU D 270 -9.46 -21.98 19.31
N VAL D 271 -9.40 -21.07 20.26
CA VAL D 271 -10.39 -19.93 20.31
C VAL D 271 -9.74 -18.71 19.67
N GLY D 272 -10.44 -18.15 18.66
CA GLY D 272 -9.95 -16.95 17.90
C GLY D 272 -10.65 -15.77 18.54
N SER D 273 -9.89 -14.99 19.29
CA SER D 273 -10.51 -13.81 20.00
C SER D 273 -9.51 -12.64 19.99
N GLY D 274 -10.05 -11.48 20.39
CA GLY D 274 -9.27 -10.21 20.39
C GLY D 274 -9.90 -9.40 19.24
N GLY D 275 -10.93 -8.57 19.55
CA GLY D 275 -11.47 -7.72 18.46
C GLY D 275 -12.49 -8.39 17.57
N ILE D 276 -13.13 -9.44 18.07
CA ILE D 276 -14.25 -10.05 17.33
C ILE D 276 -15.48 -9.22 17.68
N ARG D 277 -16.00 -8.48 16.66
CA ARG D 277 -17.11 -7.52 16.93
C ARG D 277 -18.37 -7.77 16.11
N SER D 278 -18.34 -8.75 15.24
CA SER D 278 -19.52 -9.05 14.46
C SER D 278 -19.46 -10.55 14.20
N GLY D 279 -20.54 -11.11 13.72
CA GLY D 279 -20.53 -12.55 13.38
C GLY D 279 -19.75 -12.77 12.10
N LEU D 280 -19.50 -11.72 11.29
CA LEU D 280 -18.57 -11.84 10.11
C LEU D 280 -17.15 -11.96 10.64
N ASP D 281 -16.82 -11.19 11.70
CA ASP D 281 -15.45 -11.38 12.30
C ASP D 281 -15.33 -12.79 12.85
N ALA D 282 -16.40 -13.25 13.49
CA ALA D 282 -16.40 -14.66 14.02
C ALA D 282 -16.22 -15.67 12.91
N ALA D 283 -16.98 -15.53 11.81
CA ALA D 283 -16.81 -16.43 10.68
C ALA D 283 -15.42 -16.41 10.10
N LYS D 284 -14.83 -15.22 9.98
CA LYS D 284 -13.47 -15.12 9.45
C LYS D 284 -12.46 -15.88 10.39
N ALA D 285 -12.66 -15.72 11.69
CA ALA D 285 -11.72 -16.30 12.64
C ALA D 285 -11.76 -17.83 12.53
N ILE D 286 -13.00 -18.38 12.43
CA ILE D 286 -13.16 -19.84 12.23
C ILE D 286 -12.58 -20.30 10.89
N ALA D 287 -12.87 -19.55 9.79
CA ALA D 287 -12.38 -20.02 8.50
C ALA D 287 -10.86 -20.00 8.47
N LEU D 288 -10.29 -18.99 9.13
CA LEU D 288 -8.84 -18.87 9.18
C LEU D 288 -8.16 -20.00 9.94
N GLY D 289 -8.84 -20.65 10.88
CA GLY D 289 -8.23 -21.74 11.65
C GLY D 289 -8.73 -21.89 13.03
N ALA D 290 -9.57 -20.97 13.55
CA ALA D 290 -10.08 -21.24 14.93
C ALA D 290 -11.22 -22.24 14.94
N ASP D 291 -11.42 -22.82 16.11
CA ASP D 291 -12.62 -23.69 16.27
C ASP D 291 -13.79 -22.96 16.82
N ILE D 292 -13.52 -21.94 17.59
CA ILE D 292 -14.58 -21.09 17.97
C ILE D 292 -14.09 -19.64 18.09
N ALA D 293 -15.03 -18.71 18.01
CA ALA D 293 -14.63 -17.27 18.12
C ALA D 293 -14.99 -16.76 19.49
N GLY D 294 -14.10 -16.03 20.16
CA GLY D 294 -14.44 -15.53 21.51
C GLY D 294 -14.60 -14.01 21.50
N MET D 295 -15.43 -13.55 22.43
CA MET D 295 -15.63 -12.08 22.60
C MET D 295 -15.72 -11.71 24.04
N ALA D 296 -15.23 -10.47 24.38
CA ALA D 296 -15.31 -10.07 25.77
C ALA D 296 -15.96 -8.66 25.82
N LEU D 297 -15.17 -7.63 25.45
CA LEU D 297 -15.68 -6.22 25.61
C LEU D 297 -17.07 -5.92 25.13
N PRO D 298 -17.49 -6.33 23.90
CA PRO D 298 -18.85 -5.96 23.53
C PRO D 298 -19.93 -6.63 24.30
N VAL D 299 -19.63 -7.81 24.82
CA VAL D 299 -20.59 -8.43 25.75
C VAL D 299 -20.69 -7.65 27.04
N LEU D 300 -19.56 -7.21 27.60
CA LEU D 300 -19.58 -6.36 28.84
C LEU D 300 -20.40 -5.12 28.57
N LYS D 301 -20.11 -4.44 27.47
CA LYS D 301 -20.88 -3.19 27.18
C LYS D 301 -22.39 -3.44 27.09
N SER D 302 -22.79 -4.48 26.38
CA SER D 302 -24.24 -4.78 26.24
C SER D 302 -24.83 -5.23 27.58
N ALA D 303 -24.06 -6.03 28.38
CA ALA D 303 -24.65 -6.52 29.67
C ALA D 303 -24.88 -5.31 30.59
N ILE D 304 -23.96 -4.33 30.54
CA ILE D 304 -24.16 -3.11 31.33
C ILE D 304 -25.45 -2.43 30.93
N GLU D 305 -25.78 -2.40 29.64
CA GLU D 305 -27.07 -1.84 29.19
C GLU D 305 -28.26 -2.70 29.63
N GLY D 306 -28.10 -4.00 29.74
CA GLY D 306 -29.08 -4.87 30.38
C GLY D 306 -29.35 -6.17 29.64
N LYS D 307 -30.25 -7.00 30.18
CA LYS D 307 -30.42 -8.31 29.65
C LYS D 307 -30.93 -8.25 28.22
N GLU D 308 -31.90 -7.37 27.96
CA GLU D 308 -32.50 -7.34 26.61
C GLU D 308 -31.46 -6.87 25.57
N SER D 309 -30.59 -5.93 25.98
CA SER D 309 -29.53 -5.41 25.10
C SER D 309 -28.62 -6.61 24.73
N LEU D 310 -28.28 -7.40 25.73
CA LEU D 310 -27.34 -8.49 25.52
C LEU D 310 -28.00 -9.58 24.66
N GLU D 311 -29.28 -9.88 24.87
CA GLU D 311 -29.95 -10.86 24.01
C GLU D 311 -29.98 -10.35 22.58
N GLN D 312 -30.18 -9.05 22.38
CA GLN D 312 -30.23 -8.51 21.01
C GLN D 312 -28.82 -8.58 20.36
N PHE D 313 -27.79 -8.35 21.16
CA PHE D 313 -26.41 -8.48 20.74
C PHE D 313 -26.13 -9.91 20.21
N PHE D 314 -26.49 -10.96 20.97
CA PHE D 314 -26.24 -12.34 20.52
C PHE D 314 -27.07 -12.65 19.29
N ARG D 315 -28.32 -12.13 19.27
CA ARG D 315 -29.13 -12.33 18.04
C ARG D 315 -28.41 -11.82 16.78
N LYS D 316 -27.79 -10.64 16.90
CA LYS D 316 -27.15 -9.97 15.78
C LYS D 316 -25.89 -10.77 15.39
N ILE D 317 -25.09 -11.15 16.39
CA ILE D 317 -23.85 -11.92 16.12
C ILE D 317 -24.26 -13.23 15.41
N ILE D 318 -25.24 -13.93 15.92
CA ILE D 318 -25.62 -15.22 15.34
C ILE D 318 -26.13 -15.05 13.89
N PHE D 319 -26.94 -14.02 13.68
CA PHE D 319 -27.40 -13.72 12.34
C PHE D 319 -26.27 -13.46 11.38
N GLU D 320 -25.28 -12.70 11.85
CA GLU D 320 -24.18 -12.33 10.97
C GLU D 320 -23.33 -13.59 10.65
N LEU D 321 -23.11 -14.45 11.67
CA LEU D 321 -22.36 -15.66 11.41
C LEU D 321 -23.13 -16.50 10.41
N LYS D 322 -24.44 -16.70 10.64
CA LYS D 322 -25.19 -17.51 9.68
C LYS D 322 -25.25 -16.89 8.29
N ALA D 323 -25.26 -15.57 8.21
CA ALA D 323 -25.23 -14.94 6.85
C ALA D 323 -23.90 -15.34 6.20
N ALA D 324 -22.77 -15.25 6.93
CA ALA D 324 -21.53 -15.55 6.29
C ALA D 324 -21.47 -17.02 5.91
N MET D 325 -22.06 -17.88 6.74
CA MET D 325 -22.09 -19.34 6.36
C MET D 325 -22.94 -19.52 5.13
N MET D 326 -24.08 -18.86 5.09
CA MET D 326 -24.99 -19.03 3.92
C MET D 326 -24.26 -18.57 2.66
N LEU D 327 -23.61 -17.40 2.72
CA LEU D 327 -23.02 -16.84 1.52
C LEU D 327 -21.68 -17.46 1.12
N THR D 328 -21.15 -18.36 1.94
CA THR D 328 -19.99 -19.22 1.56
C THR D 328 -20.42 -20.62 1.23
N GLY D 329 -21.73 -20.90 1.25
CA GLY D 329 -22.21 -22.26 1.06
C GLY D 329 -21.79 -23.24 2.16
N SER D 330 -21.68 -22.75 3.39
CA SER D 330 -21.22 -23.55 4.52
C SER D 330 -22.37 -24.06 5.31
N LYS D 331 -22.74 -25.36 5.15
CA LYS D 331 -23.93 -25.83 5.83
C LYS D 331 -23.76 -26.05 7.32
N ASP D 332 -22.49 -26.15 7.75
CA ASP D 332 -22.18 -26.39 9.16
C ASP D 332 -20.82 -25.79 9.53
N VAL D 333 -20.45 -25.93 10.81
CA VAL D 333 -19.20 -25.24 11.24
C VAL D 333 -18.00 -25.91 10.59
N ASP D 334 -18.05 -27.24 10.44
CA ASP D 334 -16.98 -27.91 9.75
C ASP D 334 -16.76 -27.40 8.33
N ALA D 335 -17.87 -27.15 7.60
CA ALA D 335 -17.73 -26.59 6.22
C ALA D 335 -17.11 -25.18 6.25
N LEU D 336 -17.50 -24.40 7.26
CA LEU D 336 -16.91 -23.00 7.39
C LEU D 336 -15.45 -23.07 7.65
N LYS D 337 -14.99 -24.03 8.43
CA LYS D 337 -13.55 -24.15 8.64
C LYS D 337 -12.78 -24.44 7.34
N LYS D 338 -13.46 -24.97 6.35
CA LYS D 338 -12.83 -25.36 5.06
C LYS D 338 -13.15 -24.44 3.92
N THR D 339 -13.87 -23.37 4.18
CA THR D 339 -14.41 -22.64 3.05
C THR D 339 -13.30 -21.78 2.36
N SER D 340 -13.50 -21.41 1.10
CA SER D 340 -12.47 -20.62 0.39
C SER D 340 -12.32 -19.23 0.92
N ILE D 341 -11.06 -18.86 1.05
CA ILE D 341 -10.67 -17.48 1.50
C ILE D 341 -9.61 -16.84 0.60
N VAL D 342 -9.44 -15.55 0.79
CA VAL D 342 -8.32 -14.82 0.18
C VAL D 342 -7.61 -14.13 1.29
N ILE D 343 -6.27 -14.24 1.30
CA ILE D 343 -5.46 -13.50 2.30
C ILE D 343 -4.60 -12.46 1.55
N LEU D 344 -4.73 -11.18 1.93
CA LEU D 344 -4.11 -10.02 1.19
C LEU D 344 -3.21 -9.23 2.18
N GLY D 345 -2.46 -8.27 1.62
CA GLY D 345 -2.03 -7.12 2.48
C GLY D 345 -1.00 -7.47 3.53
N LYS D 346 -1.17 -6.84 4.70
CA LYS D 346 -0.13 -6.99 5.72
C LYS D 346 -0.16 -8.40 6.35
N LEU D 347 -1.38 -9.00 6.39
CA LEU D 347 -1.46 -10.36 6.93
C LEU D 347 -0.63 -11.31 6.04
N LYS D 348 -0.78 -11.12 4.69
CA LYS D 348 -0.04 -11.95 3.75
C LYS D 348 1.46 -11.79 4.02
N GLU D 349 1.87 -10.51 4.18
CA GLU D 349 3.30 -10.24 4.40
C GLU D 349 3.81 -10.80 5.72
N TRP D 350 2.97 -10.79 6.75
CA TRP D 350 3.32 -11.35 8.05
C TRP D 350 3.55 -12.87 7.89
N ALA D 351 2.55 -13.52 7.34
CA ALA D 351 2.74 -14.97 7.14
C ALA D 351 3.91 -15.34 6.27
N GLU D 352 4.12 -14.64 5.18
CA GLU D 352 5.35 -14.89 4.38
C GLU D 352 6.65 -14.71 5.23
N TYR D 353 6.79 -13.62 5.97
CA TYR D 353 8.04 -13.41 6.65
C TYR D 353 8.24 -14.51 7.75
N ARG D 354 7.13 -14.95 8.33
CA ARG D 354 7.14 -15.92 9.43
C ARG D 354 7.25 -17.36 8.96
N GLY D 355 7.36 -17.50 7.65
CA GLY D 355 7.61 -18.87 7.17
C GLY D 355 6.36 -19.76 7.08
N ILE D 356 5.18 -19.14 7.05
CA ILE D 356 3.91 -19.88 6.94
C ILE D 356 3.64 -20.07 5.46
N ASN D 357 4.02 -21.27 5.03
CA ASN D 357 3.91 -21.77 3.70
C ASN D 357 2.42 -21.95 3.58
N LEU D 358 1.86 -21.15 2.68
CA LEU D 358 0.42 -21.10 2.50
C LEU D 358 -0.17 -22.41 1.98
N SER D 359 0.50 -23.16 1.09
CA SER D 359 -0.13 -24.39 0.75
C SER D 359 -0.25 -25.30 1.96
N ILE D 360 0.81 -25.45 2.73
CA ILE D 360 0.73 -26.26 3.88
C ILE D 360 -0.35 -25.71 4.88
N TYR D 361 -0.34 -24.38 5.11
CA TYR D 361 -1.40 -23.64 5.88
C TYR D 361 -2.87 -24.05 5.51
N GLU D 362 -3.17 -23.87 4.21
CA GLU D 362 -4.46 -24.29 3.66
C GLU D 362 -4.80 -25.73 4.03
N LYS D 363 -3.87 -26.67 3.79
CA LYS D 363 -4.19 -28.00 4.27
C LYS D 363 -4.49 -28.19 5.76
N VAL D 364 -3.61 -27.71 6.62
CA VAL D 364 -3.82 -27.67 8.05
C VAL D 364 -5.15 -27.00 8.53
N ARG D 365 -5.47 -25.82 8.02
CA ARG D 365 -6.67 -25.11 8.53
C ARG D 365 -7.90 -25.88 8.02
N LYS D 366 -7.72 -26.50 6.85
CA LYS D 366 -8.71 -27.35 6.17
C LYS D 366 -9.50 -26.72 5.07
#